data_5JJZ
# 
_entry.id   5JJZ 
# 
_audit_conform.dict_name       mmcif_pdbx.dic 
_audit_conform.dict_version    5.379 
_audit_conform.dict_location   http://mmcif.pdb.org/dictionaries/ascii/mmcif_pdbx.dic 
# 
loop_
_database_2.database_id 
_database_2.database_code 
_database_2.pdbx_database_accession 
_database_2.pdbx_DOI 
PDB   5JJZ         pdb_00005jjz 10.2210/pdb5jjz/pdb 
WWPDB D_1000220740 ?            ?                   
# 
_pdbx_database_status.status_code                     REL 
_pdbx_database_status.status_code_sf                  REL 
_pdbx_database_status.status_code_mr                  ? 
_pdbx_database_status.entry_id                        5JJZ 
_pdbx_database_status.recvd_initial_deposition_date   2016-04-25 
_pdbx_database_status.SG_entry                        Y 
_pdbx_database_status.deposit_site                    RCSB 
_pdbx_database_status.process_site                    RCSB 
_pdbx_database_status.status_code_cs                  ? 
_pdbx_database_status.methods_development_category    ? 
_pdbx_database_status.pdb_format_compatible           Y 
_pdbx_database_status.status_code_nmr_data            ? 
# 
loop_
_audit_author.name 
_audit_author.pdbx_ordinal 
'DONG, A.'                             1  
'DOMBROVSKI, L.'                       2  
'LOPPNAU, P.'                          3  
'TEMPEL, W.'                           4  
'Bountra, C.'                          5  
'Arrowsmith, C.H.'                     6  
'Edwards, A.M.'                        7  
'MIN, J.'                              8  
'WU, H.'                               9  
'Structural Genomics Consortium (SGC)' 10 
# 
_citation.abstract                  ? 
_citation.abstract_id_CAS           ? 
_citation.book_id_ISBN              ? 
_citation.book_publisher            ? 
_citation.book_publisher_city       ? 
_citation.book_title                ? 
_citation.coordinate_linkage        ? 
_citation.country                   ? 
_citation.database_id_Medline       ? 
_citation.details                   ? 
_citation.id                        primary 
_citation.journal_abbrev            'to be published' 
_citation.journal_id_ASTM           ? 
_citation.journal_id_CSD            0353 
_citation.journal_id_ISSN           ? 
_citation.journal_full              ? 
_citation.journal_issue             ? 
_citation.journal_volume            ? 
_citation.language                  ? 
_citation.page_first                ? 
_citation.page_last                 ? 
_citation.title                     'The crystal structure of CDYL2 domain of human CDYL2 protein' 
_citation.year                      ? 
_citation.database_id_CSD           ? 
_citation.pdbx_database_id_DOI      ? 
_citation.pdbx_database_id_PubMed   ? 
_citation.unpublished_flag          ? 
# 
loop_
_citation_author.citation_id 
_citation_author.name 
_citation_author.ordinal 
_citation_author.identifier_ORCID 
primary 'WU, H.'           1  ? 
primary 'DONG, A.'         2  ? 
primary 'ZENG, H.'         3  ? 
primary 'ELBAKKOURI, M.'   4  ? 
primary 'BARSYTE, D.'      5  ? 
primary 'VEDADI, M.'       6  ? 
primary 'TATLOCK, J.'      7  ? 
primary 'OWEN, D.'         8  ? 
primary 'BUNNAGE, M.'      9  ? 
primary 'Bountra, C.'      10 ? 
primary 'Arrowsmith, C.H.' 11 ? 
primary 'Edwards, A.M.'    12 ? 
primary 'BROWN, P.J.'      13 ? 
# 
_cell.angle_alpha                  90.000 
_cell.angle_alpha_esd              ? 
_cell.angle_beta                   90.000 
_cell.angle_beta_esd               ? 
_cell.angle_gamma                  120.000 
_cell.angle_gamma_esd              ? 
_cell.entry_id                     5JJZ 
_cell.details                      ? 
_cell.formula_units_Z              ? 
_cell.length_a                     57.962 
_cell.length_a_esd                 ? 
_cell.length_b                     57.962 
_cell.length_b_esd                 ? 
_cell.length_c                     98.824 
_cell.length_c_esd                 ? 
_cell.volume                       ? 
_cell.volume_esd                   ? 
_cell.Z_PDB                        12 
_cell.reciprocal_angle_alpha       ? 
_cell.reciprocal_angle_beta        ? 
_cell.reciprocal_angle_gamma       ? 
_cell.reciprocal_angle_alpha_esd   ? 
_cell.reciprocal_angle_beta_esd    ? 
_cell.reciprocal_angle_gamma_esd   ? 
_cell.reciprocal_length_a          ? 
_cell.reciprocal_length_b          ? 
_cell.reciprocal_length_c          ? 
_cell.reciprocal_length_a_esd      ? 
_cell.reciprocal_length_b_esd      ? 
_cell.reciprocal_length_c_esd      ? 
_cell.pdbx_unique_axis             ? 
# 
_symmetry.entry_id                         5JJZ 
_symmetry.cell_setting                     ? 
_symmetry.Int_Tables_number                178 
_symmetry.space_group_name_Hall            ? 
_symmetry.space_group_name_H-M             'P 61 2 2' 
_symmetry.pdbx_full_space_group_name_H-M   ? 
# 
loop_
_entity.id 
_entity.type 
_entity.src_method 
_entity.pdbx_description 
_entity.formula_weight 
_entity.pdbx_number_of_molecules 
_entity.pdbx_ec 
_entity.pdbx_mutation 
_entity.pdbx_fragment 
_entity.details 
1 polymer man 'Chromodomain Y-like protein 2'                     10109.275 1  ? ? 'UNP residues 2-66' ? 
2 polymer syn LYS-LYS-LYS-ALA-ARG-MLY-SER-ALA-GLY-ALA-ALA-LYS-TYR 1439.769  1  ? ? ?                   
'sequence from Human histone H1K26me(21-33)' 
3 water   nat water                                               18.015    17 ? ? ?                   ? 
# 
_entity_name_com.entity_id   1 
_entity_name_com.name        'CDY-like 2' 
# 
loop_
_entity_poly.entity_id 
_entity_poly.type 
_entity_poly.nstd_linkage 
_entity_poly.nstd_monomer 
_entity_poly.pdbx_seq_one_letter_code 
_entity_poly.pdbx_seq_one_letter_code_can 
_entity_poly.pdbx_strand_id 
_entity_poly.pdbx_target_identifier 
1 'polypeptide(L)' no no  
;MHHHHHHSSGRENLYFQGASGDLYEVERIVDKRKNKKGKWEYLIRWKGYGSTEDTWEPEHHLLHCEEFIDEFNGLHMSKD
KRI
;
;MHHHHHHSSGRENLYFQGASGDLYEVERIVDKRKNKKGKWEYLIRWKGYGSTEDTWEPEHHLLHCEEFIDEFNGLHMSKD
KRI
;
A ? 
2 'polypeptide(L)' no yes 'KKKAR(MLY)SAGAAKY'                                                                    KKKARKSAGAAKY B ? 
# 
loop_
_entity_poly_seq.entity_id 
_entity_poly_seq.num 
_entity_poly_seq.mon_id 
_entity_poly_seq.hetero 
1 1  MET n 
1 2  HIS n 
1 3  HIS n 
1 4  HIS n 
1 5  HIS n 
1 6  HIS n 
1 7  HIS n 
1 8  SER n 
1 9  SER n 
1 10 GLY n 
1 11 ARG n 
1 12 GLU n 
1 13 ASN n 
1 14 LEU n 
1 15 TYR n 
1 16 PHE n 
1 17 GLN n 
1 18 GLY n 
1 19 ALA n 
1 20 SER n 
1 21 GLY n 
1 22 ASP n 
1 23 LEU n 
1 24 TYR n 
1 25 GLU n 
1 26 VAL n 
1 27 GLU n 
1 28 ARG n 
1 29 ILE n 
1 30 VAL n 
1 31 ASP n 
1 32 LYS n 
1 33 ARG n 
1 34 LYS n 
1 35 ASN n 
1 36 LYS n 
1 37 LYS n 
1 38 GLY n 
1 39 LYS n 
1 40 TRP n 
1 41 GLU n 
1 42 TYR n 
1 43 LEU n 
1 44 ILE n 
1 45 ARG n 
1 46 TRP n 
1 47 LYS n 
1 48 GLY n 
1 49 TYR n 
1 50 GLY n 
1 51 SER n 
1 52 THR n 
1 53 GLU n 
1 54 ASP n 
1 55 THR n 
1 56 TRP n 
1 57 GLU n 
1 58 PRO n 
1 59 GLU n 
1 60 HIS n 
1 61 HIS n 
1 62 LEU n 
1 63 LEU n 
1 64 HIS n 
1 65 CYS n 
1 66 GLU n 
1 67 GLU n 
1 68 PHE n 
1 69 ILE n 
1 70 ASP n 
1 71 GLU n 
1 72 PHE n 
1 73 ASN n 
1 74 GLY n 
1 75 LEU n 
1 76 HIS n 
1 77 MET n 
1 78 SER n 
1 79 LYS n 
1 80 ASP n 
1 81 LYS n 
1 82 ARG n 
1 83 ILE n 
2 1  LYS n 
2 2  LYS n 
2 3  LYS n 
2 4  ALA n 
2 5  ARG n 
2 6  MLY n 
2 7  SER n 
2 8  ALA n 
2 9  GLY n 
2 10 ALA n 
2 11 ALA n 
2 12 LYS n 
2 13 TYR n 
# 
_entity_src_gen.entity_id                          1 
_entity_src_gen.pdbx_src_id                        1 
_entity_src_gen.pdbx_alt_source_flag               sample 
_entity_src_gen.pdbx_seq_type                      'Biological sequence' 
_entity_src_gen.pdbx_beg_seq_num                   1 
_entity_src_gen.pdbx_end_seq_num                   83 
_entity_src_gen.gene_src_common_name               Human 
_entity_src_gen.gene_src_genus                     ? 
_entity_src_gen.pdbx_gene_src_gene                 CDYL2 
_entity_src_gen.gene_src_species                   ? 
_entity_src_gen.gene_src_strain                    ? 
_entity_src_gen.gene_src_tissue                    ? 
_entity_src_gen.gene_src_tissue_fraction           ? 
_entity_src_gen.gene_src_details                   ? 
_entity_src_gen.pdbx_gene_src_fragment             ? 
_entity_src_gen.pdbx_gene_src_scientific_name      'Homo sapiens' 
_entity_src_gen.pdbx_gene_src_ncbi_taxonomy_id     9606 
_entity_src_gen.pdbx_gene_src_variant              ? 
_entity_src_gen.pdbx_gene_src_cell_line            ? 
_entity_src_gen.pdbx_gene_src_atcc                 ? 
_entity_src_gen.pdbx_gene_src_organ                ? 
_entity_src_gen.pdbx_gene_src_organelle            ? 
_entity_src_gen.pdbx_gene_src_cell                 ? 
_entity_src_gen.pdbx_gene_src_cellular_location    ? 
_entity_src_gen.host_org_common_name               ? 
_entity_src_gen.pdbx_host_org_scientific_name      'Escherichia coli' 
_entity_src_gen.pdbx_host_org_ncbi_taxonomy_id     562 
_entity_src_gen.host_org_genus                     ? 
_entity_src_gen.pdbx_host_org_gene                 ? 
_entity_src_gen.pdbx_host_org_organ                ? 
_entity_src_gen.host_org_species                   ? 
_entity_src_gen.pdbx_host_org_tissue               ? 
_entity_src_gen.pdbx_host_org_tissue_fraction      ? 
_entity_src_gen.pdbx_host_org_strain               'BL21(DE3)V2RpRARE' 
_entity_src_gen.pdbx_host_org_variant              ? 
_entity_src_gen.pdbx_host_org_cell_line            ? 
_entity_src_gen.pdbx_host_org_atcc                 ? 
_entity_src_gen.pdbx_host_org_culture_collection   ? 
_entity_src_gen.pdbx_host_org_cell                 ? 
_entity_src_gen.pdbx_host_org_organelle            ? 
_entity_src_gen.pdbx_host_org_cellular_location    ? 
_entity_src_gen.pdbx_host_org_vector_type          plasmid 
_entity_src_gen.pdbx_host_org_vector               ? 
_entity_src_gen.host_org_details                   ? 
_entity_src_gen.expression_system_id               ? 
_entity_src_gen.plasmid_name                       pET28-MHL 
_entity_src_gen.plasmid_details                    ? 
_entity_src_gen.pdbx_description                   ? 
# 
_pdbx_entity_src_syn.entity_id              2 
_pdbx_entity_src_syn.pdbx_src_id            1 
_pdbx_entity_src_syn.pdbx_alt_source_flag   sample 
_pdbx_entity_src_syn.pdbx_beg_seq_num       1 
_pdbx_entity_src_syn.pdbx_end_seq_num       13 
_pdbx_entity_src_syn.organism_scientific    'Homo sapiens' 
_pdbx_entity_src_syn.organism_common_name   human 
_pdbx_entity_src_syn.ncbi_taxonomy_id       9606 
_pdbx_entity_src_syn.details                ? 
# 
loop_
_struct_ref.id 
_struct_ref.db_name 
_struct_ref.db_code 
_struct_ref.pdbx_db_accession 
_struct_ref.pdbx_db_isoform 
_struct_ref.entity_id 
_struct_ref.pdbx_seq_one_letter_code 
_struct_ref.pdbx_align_begin 
1 UNP CDYL2_HUMAN Q8N8U2 ? 1 ASGDLYEVERIVDKRKNKKGKWEYLIRWKGYGSTEDTWEPEHHLLHCEEFIDEFNGLHMSKDKRI 2 
2 PDB 5JJZ        5JJZ   ? 2 ?                                                                 1 
# 
loop_
_struct_ref_seq.align_id 
_struct_ref_seq.ref_id 
_struct_ref_seq.pdbx_PDB_id_code 
_struct_ref_seq.pdbx_strand_id 
_struct_ref_seq.seq_align_beg 
_struct_ref_seq.pdbx_seq_align_beg_ins_code 
_struct_ref_seq.seq_align_end 
_struct_ref_seq.pdbx_seq_align_end_ins_code 
_struct_ref_seq.pdbx_db_accession 
_struct_ref_seq.db_align_beg 
_struct_ref_seq.pdbx_db_align_beg_ins_code 
_struct_ref_seq.db_align_end 
_struct_ref_seq.pdbx_db_align_end_ins_code 
_struct_ref_seq.pdbx_auth_seq_align_beg 
_struct_ref_seq.pdbx_auth_seq_align_end 
1 1 5JJZ A 19 ? 83 ? Q8N8U2 2  ? 66 ? 2  66 
2 2 5JJZ B 1  ? 13 ? 5JJZ   21 ? 33 ? 21 33 
# 
loop_
_struct_ref_seq_dif.align_id 
_struct_ref_seq_dif.pdbx_pdb_id_code 
_struct_ref_seq_dif.mon_id 
_struct_ref_seq_dif.pdbx_pdb_strand_id 
_struct_ref_seq_dif.seq_num 
_struct_ref_seq_dif.pdbx_pdb_ins_code 
_struct_ref_seq_dif.pdbx_seq_db_name 
_struct_ref_seq_dif.pdbx_seq_db_accession_code 
_struct_ref_seq_dif.db_mon_id 
_struct_ref_seq_dif.pdbx_seq_db_seq_num 
_struct_ref_seq_dif.details 
_struct_ref_seq_dif.pdbx_auth_seq_num 
_struct_ref_seq_dif.pdbx_ordinal 
1 5JJZ MET A 1  ? UNP Q8N8U2 ? ? 'expression tag' -16 1  
1 5JJZ HIS A 2  ? UNP Q8N8U2 ? ? 'expression tag' -15 2  
1 5JJZ HIS A 3  ? UNP Q8N8U2 ? ? 'expression tag' -14 3  
1 5JJZ HIS A 4  ? UNP Q8N8U2 ? ? 'expression tag' -13 4  
1 5JJZ HIS A 5  ? UNP Q8N8U2 ? ? 'expression tag' -12 5  
1 5JJZ HIS A 6  ? UNP Q8N8U2 ? ? 'expression tag' -11 6  
1 5JJZ HIS A 7  ? UNP Q8N8U2 ? ? 'expression tag' -10 7  
1 5JJZ SER A 8  ? UNP Q8N8U2 ? ? 'expression tag' -9  8  
1 5JJZ SER A 9  ? UNP Q8N8U2 ? ? 'expression tag' -8  9  
1 5JJZ GLY A 10 ? UNP Q8N8U2 ? ? 'expression tag' -7  10 
1 5JJZ ARG A 11 ? UNP Q8N8U2 ? ? 'expression tag' -6  11 
1 5JJZ GLU A 12 ? UNP Q8N8U2 ? ? 'expression tag' -5  12 
1 5JJZ ASN A 13 ? UNP Q8N8U2 ? ? 'expression tag' -4  13 
1 5JJZ LEU A 14 ? UNP Q8N8U2 ? ? 'expression tag' -3  14 
1 5JJZ TYR A 15 ? UNP Q8N8U2 ? ? 'expression tag' -2  15 
1 5JJZ PHE A 16 ? UNP Q8N8U2 ? ? 'expression tag' -1  16 
1 5JJZ GLN A 17 ? UNP Q8N8U2 ? ? 'expression tag' 0   17 
1 5JJZ GLY A 18 ? UNP Q8N8U2 ? ? 'expression tag' 1   18 
# 
loop_
_chem_comp.id 
_chem_comp.type 
_chem_comp.mon_nstd_flag 
_chem_comp.name 
_chem_comp.pdbx_synonyms 
_chem_comp.formula 
_chem_comp.formula_weight 
ALA 'L-peptide linking' y ALANINE           ? 'C3 H7 N O2'     89.093  
ARG 'L-peptide linking' y ARGININE          ? 'C6 H15 N4 O2 1' 175.209 
ASN 'L-peptide linking' y ASPARAGINE        ? 'C4 H8 N2 O3'    132.118 
ASP 'L-peptide linking' y 'ASPARTIC ACID'   ? 'C4 H7 N O4'     133.103 
CYS 'L-peptide linking' y CYSTEINE          ? 'C3 H7 N O2 S'   121.158 
GLN 'L-peptide linking' y GLUTAMINE         ? 'C5 H10 N2 O3'   146.144 
GLU 'L-peptide linking' y 'GLUTAMIC ACID'   ? 'C5 H9 N O4'     147.129 
GLY 'peptide linking'   y GLYCINE           ? 'C2 H5 N O2'     75.067  
HIS 'L-peptide linking' y HISTIDINE         ? 'C6 H10 N3 O2 1' 156.162 
HOH non-polymer         . WATER             ? 'H2 O'           18.015  
ILE 'L-peptide linking' y ISOLEUCINE        ? 'C6 H13 N O2'    131.173 
LEU 'L-peptide linking' y LEUCINE           ? 'C6 H13 N O2'    131.173 
LYS 'L-peptide linking' y LYSINE            ? 'C6 H15 N2 O2 1' 147.195 
MET 'L-peptide linking' y METHIONINE        ? 'C5 H11 N O2 S'  149.211 
MLY 'L-peptide linking' n N-DIMETHYL-LYSINE ? 'C8 H18 N2 O2'   174.241 
PHE 'L-peptide linking' y PHENYLALANINE     ? 'C9 H11 N O2'    165.189 
PRO 'L-peptide linking' y PROLINE           ? 'C5 H9 N O2'     115.130 
SER 'L-peptide linking' y SERINE            ? 'C3 H7 N O3'     105.093 
THR 'L-peptide linking' y THREONINE         ? 'C4 H9 N O3'     119.119 
TRP 'L-peptide linking' y TRYPTOPHAN        ? 'C11 H12 N2 O2'  204.225 
TYR 'L-peptide linking' y TYROSINE          ? 'C9 H11 N O3'    181.189 
VAL 'L-peptide linking' y VALINE            ? 'C5 H11 N O2'    117.146 
# 
_exptl.absorpt_coefficient_mu     ? 
_exptl.absorpt_correction_T_max   ? 
_exptl.absorpt_correction_T_min   ? 
_exptl.absorpt_correction_type    ? 
_exptl.absorpt_process_details    ? 
_exptl.entry_id                   5JJZ 
_exptl.crystals_number            1 
_exptl.details                    ? 
_exptl.method                     'X-RAY DIFFRACTION' 
_exptl.method_details             ? 
# 
_exptl_crystal.colour                      ? 
_exptl_crystal.density_diffrn              ? 
_exptl_crystal.density_Matthews            2.07 
_exptl_crystal.density_method              ? 
_exptl_crystal.density_percent_sol         40.71 
_exptl_crystal.description                 ? 
_exptl_crystal.F_000                       ? 
_exptl_crystal.id                          1 
_exptl_crystal.preparation                 ? 
_exptl_crystal.size_max                    ? 
_exptl_crystal.size_mid                    ? 
_exptl_crystal.size_min                    ? 
_exptl_crystal.size_rad                    ? 
_exptl_crystal.colour_lustre               ? 
_exptl_crystal.colour_modifier             ? 
_exptl_crystal.colour_primary              ? 
_exptl_crystal.density_meas                ? 
_exptl_crystal.density_meas_esd            ? 
_exptl_crystal.density_meas_gt             ? 
_exptl_crystal.density_meas_lt             ? 
_exptl_crystal.density_meas_temp           ? 
_exptl_crystal.density_meas_temp_esd       ? 
_exptl_crystal.density_meas_temp_gt        ? 
_exptl_crystal.density_meas_temp_lt        ? 
_exptl_crystal.pdbx_crystal_image_url      ? 
_exptl_crystal.pdbx_crystal_image_format   ? 
_exptl_crystal.pdbx_mosaicity              ? 
_exptl_crystal.pdbx_mosaicity_esd          ? 
# 
_exptl_crystal_grow.apparatus       ? 
_exptl_crystal_grow.atmosphere      ? 
_exptl_crystal_grow.crystal_id      1 
_exptl_crystal_grow.details         ? 
_exptl_crystal_grow.method          'VAPOR DIFFUSION, SITTING DROP' 
_exptl_crystal_grow.method_ref      ? 
_exptl_crystal_grow.pH              ? 
_exptl_crystal_grow.pressure        ? 
_exptl_crystal_grow.pressure_esd    ? 
_exptl_crystal_grow.seeding         ? 
_exptl_crystal_grow.seeding_ref     ? 
_exptl_crystal_grow.temp            293 
_exptl_crystal_grow.temp_details    ? 
_exptl_crystal_grow.temp_esd        ? 
_exptl_crystal_grow.time            ? 
_exptl_crystal_grow.pdbx_details    '20% PEG 3350, 0.2 M K/Na tartrate' 
_exptl_crystal_grow.pdbx_pH_range   ? 
# 
_diffrn.ambient_environment    ? 
_diffrn.ambient_temp           100 
_diffrn.ambient_temp_details   ? 
_diffrn.ambient_temp_esd       ? 
_diffrn.crystal_id             1 
_diffrn.crystal_support        ? 
_diffrn.crystal_treatment      ? 
_diffrn.details                ? 
_diffrn.id                     1 
_diffrn.ambient_pressure       ? 
_diffrn.ambient_pressure_esd   ? 
_diffrn.ambient_pressure_gt    ? 
_diffrn.ambient_pressure_lt    ? 
_diffrn.ambient_temp_gt        ? 
_diffrn.ambient_temp_lt        ? 
# 
_diffrn_detector.details                      ? 
_diffrn_detector.detector                     CCD 
_diffrn_detector.diffrn_id                    1 
_diffrn_detector.type                         'ADSC QUANTUM 315r' 
_diffrn_detector.area_resol_mean              ? 
_diffrn_detector.dtime                        ? 
_diffrn_detector.pdbx_frames_total            ? 
_diffrn_detector.pdbx_collection_time_total   ? 
_diffrn_detector.pdbx_collection_date         2012-11-23 
# 
_diffrn_radiation.collimation                      ? 
_diffrn_radiation.diffrn_id                        1 
_diffrn_radiation.filter_edge                      ? 
_diffrn_radiation.inhomogeneity                    ? 
_diffrn_radiation.monochromator                    ? 
_diffrn_radiation.polarisn_norm                    ? 
_diffrn_radiation.polarisn_ratio                   ? 
_diffrn_radiation.probe                            ? 
_diffrn_radiation.type                             ? 
_diffrn_radiation.xray_symbol                      ? 
_diffrn_radiation.wavelength_id                    1 
_diffrn_radiation.pdbx_monochromatic_or_laue_m_l   M 
_diffrn_radiation.pdbx_wavelength_list             ? 
_diffrn_radiation.pdbx_wavelength                  ? 
_diffrn_radiation.pdbx_diffrn_protocol             'SINGLE WAVELENGTH' 
_diffrn_radiation.pdbx_analyzer                    ? 
_diffrn_radiation.pdbx_scattering_type             x-ray 
# 
_diffrn_radiation_wavelength.id           1 
_diffrn_radiation_wavelength.wavelength   0.97912 
_diffrn_radiation_wavelength.wt           1.0 
# 
_diffrn_source.current                     ? 
_diffrn_source.details                     ? 
_diffrn_source.diffrn_id                   1 
_diffrn_source.power                       ? 
_diffrn_source.size                        ? 
_diffrn_source.source                      SYNCHROTRON 
_diffrn_source.target                      ? 
_diffrn_source.type                        'APS BEAMLINE 19-ID' 
_diffrn_source.voltage                     ? 
_diffrn_source.take-off_angle              ? 
_diffrn_source.pdbx_wavelength_list        0.97912 
_diffrn_source.pdbx_wavelength             ? 
_diffrn_source.pdbx_synchrotron_beamline   19-ID 
_diffrn_source.pdbx_synchrotron_site       APS 
# 
_reflns.B_iso_Wilson_estimate            ? 
_reflns.entry_id                         5JJZ 
_reflns.data_reduction_details           ? 
_reflns.data_reduction_method            ? 
_reflns.d_resolution_high                2.000 
_reflns.d_resolution_low                 50.000 
_reflns.details                          ? 
_reflns.limit_h_max                      ? 
_reflns.limit_h_min                      ? 
_reflns.limit_k_max                      ? 
_reflns.limit_k_min                      ? 
_reflns.limit_l_max                      ? 
_reflns.limit_l_min                      ? 
_reflns.number_all                       ? 
_reflns.number_obs                       7130 
_reflns.observed_criterion               ? 
_reflns.observed_criterion_F_max         ? 
_reflns.observed_criterion_F_min         ? 
_reflns.observed_criterion_I_max         ? 
_reflns.observed_criterion_I_min         ? 
_reflns.observed_criterion_sigma_F       ? 
_reflns.observed_criterion_sigma_I       ? 
_reflns.percent_possible_obs             99.600 
_reflns.R_free_details                   ? 
_reflns.Rmerge_F_all                     ? 
_reflns.Rmerge_F_obs                     ? 
_reflns.Friedel_coverage                 ? 
_reflns.number_gt                        ? 
_reflns.threshold_expression             ? 
_reflns.pdbx_redundancy                  21.500 
_reflns.pdbx_Rmerge_I_obs                0.051 
_reflns.pdbx_Rmerge_I_all                ? 
_reflns.pdbx_Rsym_value                  ? 
_reflns.pdbx_netI_over_av_sigmaI         84.631 
_reflns.pdbx_netI_over_sigmaI            15.500 
_reflns.pdbx_res_netI_over_av_sigmaI_2   ? 
_reflns.pdbx_res_netI_over_sigmaI_2      ? 
_reflns.pdbx_chi_squared                 1.413 
_reflns.pdbx_scaling_rejects             ? 
_reflns.pdbx_d_res_high_opt              ? 
_reflns.pdbx_d_res_low_opt               ? 
_reflns.pdbx_d_res_opt_method            ? 
_reflns.phase_calculation_details        ? 
_reflns.pdbx_Rrim_I_all                  ? 
_reflns.pdbx_Rpim_I_all                  ? 
_reflns.pdbx_d_opt                       ? 
_reflns.pdbx_number_measured_all         153213 
_reflns.pdbx_diffrn_id                   1 
_reflns.pdbx_ordinal                     1 
_reflns.pdbx_CC_half                     ? 
_reflns.pdbx_R_split                     ? 
# 
loop_
_reflns_shell.d_res_high 
_reflns_shell.d_res_low 
_reflns_shell.meanI_over_sigI_all 
_reflns_shell.meanI_over_sigI_obs 
_reflns_shell.number_measured_all 
_reflns_shell.number_measured_obs 
_reflns_shell.number_possible 
_reflns_shell.number_unique_all 
_reflns_shell.number_unique_obs 
_reflns_shell.percent_possible_all 
_reflns_shell.percent_possible_obs 
_reflns_shell.Rmerge_F_all 
_reflns_shell.Rmerge_F_obs 
_reflns_shell.Rmerge_I_all 
_reflns_shell.Rmerge_I_obs 
_reflns_shell.meanI_over_sigI_gt 
_reflns_shell.meanI_over_uI_all 
_reflns_shell.meanI_over_uI_gt 
_reflns_shell.number_measured_gt 
_reflns_shell.number_unique_gt 
_reflns_shell.percent_possible_gt 
_reflns_shell.Rmerge_F_gt 
_reflns_shell.Rmerge_I_gt 
_reflns_shell.pdbx_redundancy 
_reflns_shell.pdbx_Rsym_value 
_reflns_shell.pdbx_chi_squared 
_reflns_shell.pdbx_netI_over_sigmaI_all 
_reflns_shell.pdbx_netI_over_sigmaI_obs 
_reflns_shell.pdbx_Rrim_I_all 
_reflns_shell.pdbx_Rpim_I_all 
_reflns_shell.pdbx_rejects 
_reflns_shell.pdbx_ordinal 
_reflns_shell.pdbx_diffrn_id 
_reflns_shell.pdbx_CC_half 
_reflns_shell.pdbx_R_split 
2.000 2.030  ? ? ? ? ? ? ? 98.800  ? ? ? ? 0.845 ? ? ? ? ? ? ? ? 16.500 ? ? ? ? ? ? ? 1  1 ? ? 
2.030 2.070  ? ? ? ? ? ? ? 99.400  ? ? ? ? 0.779 ? ? ? ? ? ? ? ? 18.700 ? ? ? ? ? ? ? 2  1 ? ? 
2.070 2.110  ? ? ? ? ? ? ? 99.700  ? ? ? ? 0.650 ? ? ? ? ? ? ? ? 21.000 ? ? ? ? ? ? ? 3  1 ? ? 
2.110 2.150  ? ? ? ? ? ? ? 100.000 ? ? ? ? 0.495 ? ? ? ? ? ? ? ? 22.800 ? ? ? ? ? ? ? 4  1 ? ? 
2.150 2.200  ? ? ? ? ? ? ? 100.000 ? ? ? ? 0.420 ? ? ? ? ? ? ? ? 22.600 ? ? ? ? ? ? ? 5  1 ? ? 
2.200 2.250  ? ? ? ? ? ? ? 100.000 ? ? ? ? 0.339 ? ? ? ? ? ? ? ? 23.000 ? ? ? ? ? ? ? 6  1 ? ? 
2.250 2.310  ? ? ? ? ? ? ? 100.000 ? ? ? ? 0.310 ? ? ? ? ? ? ? ? 23.000 ? ? ? ? ? ? ? 7  1 ? ? 
2.310 2.370  ? ? ? ? ? ? ? 100.000 ? ? ? ? 0.223 ? ? ? ? ? ? ? ? 23.100 ? ? ? ? ? ? ? 8  1 ? ? 
2.370 2.440  ? ? ? ? ? ? ? 100.000 ? ? ? ? 0.184 ? ? ? ? ? ? ? ? 22.800 ? ? ? ? ? ? ? 9  1 ? ? 
2.440 2.520  ? ? ? ? ? ? ? 100.000 ? ? ? ? 0.145 ? ? ? ? ? ? ? ? 22.800 ? ? ? ? ? ? ? 10 1 ? ? 
2.520 2.610  ? ? ? ? ? ? ? 100.000 ? ? ? ? 0.115 ? ? ? ? ? ? ? ? 23.000 ? ? ? ? ? ? ? 11 1 ? ? 
2.610 2.710  ? ? ? ? ? ? ? 100.000 ? ? ? ? 0.106 ? ? ? ? ? ? ? ? 22.600 ? ? ? ? ? ? ? 12 1 ? ? 
2.710 2.840  ? ? ? ? ? ? ? 100.000 ? ? ? ? 0.082 ? ? ? ? ? ? ? ? 22.700 ? ? ? ? ? ? ? 13 1 ? ? 
2.840 2.990  ? ? ? ? ? ? ? 100.000 ? ? ? ? 0.060 ? ? ? ? ? ? ? ? 22.400 ? ? ? ? ? ? ? 14 1 ? ? 
2.990 3.170  ? ? ? ? ? ? ? 100.000 ? ? ? ? 0.050 ? ? ? ? ? ? ? ? 22.300 ? ? ? ? ? ? ? 15 1 ? ? 
3.170 3.420  ? ? ? ? ? ? ? 100.000 ? ? ? ? 0.044 ? ? ? ? ? ? ? ? 22.100 ? ? ? ? ? ? ? 16 1 ? ? 
3.420 3.760  ? ? ? ? ? ? ? 100.000 ? ? ? ? 0.043 ? ? ? ? ? ? ? ? 21.400 ? ? ? ? ? ? ? 17 1 ? ? 
3.760 4.310  ? ? ? ? ? ? ? 100.000 ? ? ? ? 0.043 ? ? ? ? ? ? ? ? 20.700 ? ? ? ? ? ? ? 18 1 ? ? 
4.310 5.430  ? ? ? ? ? ? ? 100.000 ? ? ? ? 0.037 ? ? ? ? ? ? ? ? 19.800 ? ? ? ? ? ? ? 19 1 ? ? 
5.430 50.000 ? ? ? ? ? ? ? 95.700  ? ? ? ? 0.030 ? ? ? ? ? ? ? ? 17.400 ? ? ? ? ? ? ? 20 1 ? ? 
# 
_refine.aniso_B[1][1]                            -1.2500 
_refine.aniso_B[1][2]                            -0.6200 
_refine.aniso_B[1][3]                            0.0000 
_refine.aniso_B[2][2]                            -1.2500 
_refine.aniso_B[2][3]                            0.0000 
_refine.aniso_B[3][3]                            4.0400 
_refine.B_iso_max                                104.130 
_refine.B_iso_mean                               50.3080 
_refine.B_iso_min                                34.570 
_refine.correlation_coeff_Fo_to_Fc               0.9520 
_refine.correlation_coeff_Fo_to_Fc_free          0.9370 
_refine.details                                  
;HYDROGENS HAVE BEEN ADDED IN THE RIDING POSITIONS U VALUES: WITH TLS ADDED. 
Authors state: density only supports (with clashes) 4 of supposedly 13 peptide residues. Direction of peptide main chain opposite of what is seen in 3R93,3SVM (MPP8). Peptide segment of only 4 length and lack of plausible main chain interactions with host chromodomain weakens the evidence for novel binding mode. Nevertheless, a reasonable hypothesis for future studies.
;
_refine.diff_density_max                         ? 
_refine.diff_density_max_esd                     ? 
_refine.diff_density_min                         ? 
_refine.diff_density_min_esd                     ? 
_refine.diff_density_rms                         ? 
_refine.diff_density_rms_esd                     ? 
_refine.entry_id                                 5JJZ 
_refine.pdbx_refine_id                           'X-RAY DIFFRACTION' 
_refine.ls_abs_structure_details                 ? 
_refine.ls_abs_structure_Flack                   ? 
_refine.ls_abs_structure_Flack_esd               ? 
_refine.ls_abs_structure_Rogers                  ? 
_refine.ls_abs_structure_Rogers_esd              ? 
_refine.ls_d_res_high                            2.0000 
_refine.ls_d_res_low                             50.0100 
_refine.ls_extinction_coef                       ? 
_refine.ls_extinction_coef_esd                   ? 
_refine.ls_extinction_expression                 ? 
_refine.ls_extinction_method                     ? 
_refine.ls_goodness_of_fit_all                   ? 
_refine.ls_goodness_of_fit_all_esd               ? 
_refine.ls_goodness_of_fit_obs                   ? 
_refine.ls_goodness_of_fit_obs_esd               ? 
_refine.ls_hydrogen_treatment                    ? 
_refine.ls_matrix_type                           ? 
_refine.ls_number_constraints                    ? 
_refine.ls_number_parameters                     ? 
_refine.ls_number_reflns_all                     ? 
_refine.ls_number_reflns_obs                     6702 
_refine.ls_number_reflns_R_free                  390 
_refine.ls_number_reflns_R_work                  ? 
_refine.ls_number_restraints                     ? 
_refine.ls_percent_reflns_obs                    99.6100 
_refine.ls_percent_reflns_R_free                 5.5000 
_refine.ls_R_factor_all                          ? 
_refine.ls_R_factor_obs                          0.2315 
_refine.ls_R_factor_R_free                       0.2601 
_refine.ls_R_factor_R_free_error                 ? 
_refine.ls_R_factor_R_free_error_details         ? 
_refine.ls_R_factor_R_work                       0.2298 
_refine.ls_R_Fsqd_factor_obs                     ? 
_refine.ls_R_I_factor_obs                        ? 
_refine.ls_redundancy_reflns_all                 ? 
_refine.ls_redundancy_reflns_obs                 ? 
_refine.ls_restrained_S_all                      ? 
_refine.ls_restrained_S_obs                      ? 
_refine.ls_shift_over_esd_max                    ? 
_refine.ls_shift_over_esd_mean                   ? 
_refine.ls_structure_factor_coef                 ? 
_refine.ls_weighting_details                     ? 
_refine.ls_weighting_scheme                      ? 
_refine.ls_wR_factor_all                         ? 
_refine.ls_wR_factor_obs                         ? 
_refine.ls_wR_factor_R_free                      ? 
_refine.ls_wR_factor_R_work                      ? 
_refine.occupancy_max                            ? 
_refine.occupancy_min                            ? 
_refine.solvent_model_details                    MASK 
_refine.solvent_model_param_bsol                 ? 
_refine.solvent_model_param_ksol                 ? 
_refine.ls_R_factor_gt                           ? 
_refine.ls_goodness_of_fit_gt                    ? 
_refine.ls_goodness_of_fit_ref                   ? 
_refine.ls_shift_over_su_max                     ? 
_refine.ls_shift_over_su_max_lt                  ? 
_refine.ls_shift_over_su_mean                    ? 
_refine.ls_shift_over_su_mean_lt                 ? 
_refine.pdbx_ls_sigma_I                          ? 
_refine.pdbx_ls_sigma_F                          0.000 
_refine.pdbx_ls_sigma_Fsqd                       ? 
_refine.pdbx_data_cutoff_high_absF               ? 
_refine.pdbx_data_cutoff_high_rms_absF           ? 
_refine.pdbx_data_cutoff_low_absF                ? 
_refine.pdbx_isotropic_thermal_model             ? 
_refine.pdbx_ls_cross_valid_method               THROUGHOUT 
_refine.pdbx_method_to_determine_struct          'MOLECULAR REPLACEMENT' 
_refine.pdbx_starting_model                      4HAE 
_refine.pdbx_stereochemistry_target_values       'MAXIMUM LIKELIHOOD' 
_refine.pdbx_R_Free_selection_details            RANDOM 
_refine.pdbx_stereochem_target_val_spec_case     ? 
_refine.pdbx_overall_ESU_R                       0.1600 
_refine.pdbx_overall_ESU_R_Free                  0.1500 
_refine.pdbx_solvent_vdw_probe_radii             1.2000 
_refine.pdbx_solvent_ion_probe_radii             0.8000 
_refine.pdbx_solvent_shrinkage_radii             0.8000 
_refine.pdbx_real_space_R                        ? 
_refine.pdbx_density_correlation                 ? 
_refine.pdbx_pd_number_of_powder_patterns        ? 
_refine.pdbx_pd_number_of_points                 ? 
_refine.pdbx_pd_meas_number_of_points            ? 
_refine.pdbx_pd_proc_ls_prof_R_factor            ? 
_refine.pdbx_pd_proc_ls_prof_wR_factor           ? 
_refine.pdbx_pd_Marquardt_correlation_coeff      ? 
_refine.pdbx_pd_Fsqrd_R_factor                   ? 
_refine.pdbx_pd_ls_matrix_band_width             ? 
_refine.pdbx_overall_phase_error                 ? 
_refine.pdbx_overall_SU_R_free_Cruickshank_DPI   ? 
_refine.pdbx_overall_SU_R_free_Blow_DPI          ? 
_refine.pdbx_overall_SU_R_Blow_DPI               ? 
_refine.pdbx_TLS_residual_ADP_flag               ? 
_refine.pdbx_diffrn_id                           1 
_refine.overall_SU_B                             9.0960 
_refine.overall_SU_ML                            0.1230 
_refine.overall_SU_R_Cruickshank_DPI             ? 
_refine.overall_SU_R_free                        ? 
_refine.overall_FOM_free_R_set                   ? 
_refine.overall_FOM_work_R_set                   ? 
_refine.pdbx_average_fsc_overall                 ? 
_refine.pdbx_average_fsc_work                    ? 
_refine.pdbx_average_fsc_free                    ? 
# 
_refine_hist.cycle_id                         final 
_refine_hist.pdbx_refine_id                   'X-RAY DIFFRACTION' 
_refine_hist.d_res_high                       2.0000 
_refine_hist.d_res_low                        50.0100 
_refine_hist.pdbx_number_atoms_ligand         0 
_refine_hist.number_atoms_solvent             17 
_refine_hist.number_atoms_total               533 
_refine_hist.pdbx_number_residues_total       63 
_refine_hist.pdbx_B_iso_mean_solvent          50.93 
_refine_hist.pdbx_number_atoms_protein        516 
_refine_hist.pdbx_number_atoms_nucleic_acid   0 
# 
loop_
_refine_ls_restr.pdbx_refine_id 
_refine_ls_restr.criterion 
_refine_ls_restr.dev_ideal 
_refine_ls_restr.dev_ideal_target 
_refine_ls_restr.number 
_refine_ls_restr.rejects 
_refine_ls_restr.type 
_refine_ls_restr.weight 
_refine_ls_restr.pdbx_restraint_function 
'X-RAY DIFFRACTION' ? 0.011  0.019  530  ? r_bond_refined_d       ? ? 
'X-RAY DIFFRACTION' ? 0.002  0.020  463  ? r_bond_other_d         ? ? 
'X-RAY DIFFRACTION' ? 1.393  1.925  714  ? r_angle_refined_deg    ? ? 
'X-RAY DIFFRACTION' ? 0.896  3.000  1063 ? r_angle_other_deg      ? ? 
'X-RAY DIFFRACTION' ? 6.642  5.000  61   ? r_dihedral_angle_1_deg ? ? 
'X-RAY DIFFRACTION' ? 29.153 23.793 29   ? r_dihedral_angle_2_deg ? ? 
'X-RAY DIFFRACTION' ? 12.348 15.000 83   ? r_dihedral_angle_3_deg ? ? 
'X-RAY DIFFRACTION' ? 6.672  15.000 3    ? r_dihedral_angle_4_deg ? ? 
'X-RAY DIFFRACTION' ? 0.096  0.200  69   ? r_chiral_restr         ? ? 
'X-RAY DIFFRACTION' ? 0.005  0.020  599  ? r_gen_planes_refined   ? ? 
'X-RAY DIFFRACTION' ? 0.001  0.020  134  ? r_gen_planes_other     ? ? 
'X-RAY DIFFRACTION' ? 1.536  3.471  248  ? r_mcbond_it            ? ? 
'X-RAY DIFFRACTION' ? 1.533  3.487  249  ? r_mcbond_other         ? ? 
'X-RAY DIFFRACTION' ? 2.379  5.172  307  ? r_mcangle_it           ? ? 
# 
_refine_ls_shell.pdbx_refine_id                   'X-RAY DIFFRACTION' 
_refine_ls_shell.d_res_high                       2.0000 
_refine_ls_shell.d_res_low                        2.0520 
_refine_ls_shell.number_reflns_all                497 
_refine_ls_shell.number_reflns_obs                ? 
_refine_ls_shell.number_reflns_R_free             26 
_refine_ls_shell.number_reflns_R_work             471 
_refine_ls_shell.percent_reflns_obs               99.2000 
_refine_ls_shell.percent_reflns_R_free            ? 
_refine_ls_shell.R_factor_all                     ? 
_refine_ls_shell.R_factor_obs                     ? 
_refine_ls_shell.R_factor_R_free                  0.3090 
_refine_ls_shell.R_factor_R_free_error            ? 
_refine_ls_shell.R_factor_R_work                  0.3200 
_refine_ls_shell.redundancy_reflns_all            ? 
_refine_ls_shell.redundancy_reflns_obs            ? 
_refine_ls_shell.wR_factor_all                    ? 
_refine_ls_shell.wR_factor_obs                    ? 
_refine_ls_shell.wR_factor_R_free                 ? 
_refine_ls_shell.wR_factor_R_work                 ? 
_refine_ls_shell.pdbx_total_number_of_bins_used   20 
_refine_ls_shell.pdbx_phase_error                 ? 
_refine_ls_shell.pdbx_fsc_work                    ? 
_refine_ls_shell.pdbx_fsc_free                    ? 
# 
_struct.entry_id                     5JJZ 
_struct.title                        'Chromo domain of human Chromodomain Protein, Y-Like 2' 
_struct.pdbx_model_details           ? 
_struct.pdbx_formula_weight          ? 
_struct.pdbx_formula_weight_method   ? 
_struct.pdbx_model_type_details      ? 
_struct.pdbx_CASP_flag               N 
# 
_struct_keywords.entry_id        5JJZ 
_struct_keywords.text            'CDYL2, Structural Genomics, Structural Genomics Consortium, SGC, PROTEIN BINDING' 
_struct_keywords.pdbx_keywords   'PROTEIN BINDING' 
# 
loop_
_struct_asym.id 
_struct_asym.pdbx_blank_PDB_chainid_flag 
_struct_asym.pdbx_modified 
_struct_asym.entity_id 
_struct_asym.details 
A N N 1 ? 
B N N 2 ? 
C N N 3 ? 
# 
_struct_conf.conf_type_id            HELX_P 
_struct_conf.id                      HELX_P1 
_struct_conf.pdbx_PDB_helix_id       AA1 
_struct_conf.beg_label_comp_id       GLY 
_struct_conf.beg_label_asym_id       A 
_struct_conf.beg_label_seq_id        50 
_struct_conf.pdbx_beg_PDB_ins_code   ? 
_struct_conf.end_label_comp_id       ASP 
_struct_conf.end_label_asym_id       A 
_struct_conf.end_label_seq_id        54 
_struct_conf.pdbx_end_PDB_ins_code   ? 
_struct_conf.beg_auth_comp_id        GLY 
_struct_conf.beg_auth_asym_id        A 
_struct_conf.beg_auth_seq_id         33 
_struct_conf.end_auth_comp_id        ASP 
_struct_conf.end_auth_asym_id        A 
_struct_conf.end_auth_seq_id         37 
_struct_conf.pdbx_PDB_helix_class    5 
_struct_conf.details                 ? 
_struct_conf.pdbx_PDB_helix_length   5 
# 
_struct_conf_type.id          HELX_P 
_struct_conf_type.criteria    ? 
_struct_conf_type.reference   ? 
# 
loop_
_struct_conn.id 
_struct_conn.conn_type_id 
_struct_conn.pdbx_leaving_atom_flag 
_struct_conn.pdbx_PDB_id 
_struct_conn.ptnr1_label_asym_id 
_struct_conn.ptnr1_label_comp_id 
_struct_conn.ptnr1_label_seq_id 
_struct_conn.ptnr1_label_atom_id 
_struct_conn.pdbx_ptnr1_label_alt_id 
_struct_conn.pdbx_ptnr1_PDB_ins_code 
_struct_conn.pdbx_ptnr1_standard_comp_id 
_struct_conn.ptnr1_symmetry 
_struct_conn.ptnr2_label_asym_id 
_struct_conn.ptnr2_label_comp_id 
_struct_conn.ptnr2_label_seq_id 
_struct_conn.ptnr2_label_atom_id 
_struct_conn.pdbx_ptnr2_label_alt_id 
_struct_conn.pdbx_ptnr2_PDB_ins_code 
_struct_conn.ptnr1_auth_asym_id 
_struct_conn.ptnr1_auth_comp_id 
_struct_conn.ptnr1_auth_seq_id 
_struct_conn.ptnr2_auth_asym_id 
_struct_conn.ptnr2_auth_comp_id 
_struct_conn.ptnr2_auth_seq_id 
_struct_conn.ptnr2_symmetry 
_struct_conn.pdbx_ptnr3_label_atom_id 
_struct_conn.pdbx_ptnr3_label_seq_id 
_struct_conn.pdbx_ptnr3_label_comp_id 
_struct_conn.pdbx_ptnr3_label_asym_id 
_struct_conn.pdbx_ptnr3_label_alt_id 
_struct_conn.pdbx_ptnr3_PDB_ins_code 
_struct_conn.details 
_struct_conn.pdbx_dist_value 
_struct_conn.pdbx_value_order 
_struct_conn.pdbx_role 
disulf1 disulf ?    ? A CYS 65 SG ? ? ? 1_555 A CYS 65 SG ? ? A CYS 48 A CYS 48 10_444 ? ? ? ? ? ? ? 2.170 ? ? 
covale1 covale both ? B ARG 5  C  ? ? ? 1_555 B MLY 6  N  ? ? B ARG 25 B MLY 26 1_555  ? ? ? ? ? ? ? 1.329 ? ? 
covale2 covale both ? B MLY 6  C  ? ? ? 1_555 B SER 7  N  ? ? B MLY 26 B SER 27 1_555  ? ? ? ? ? ? ? 1.334 ? ? 
# 
loop_
_struct_conn_type.id 
_struct_conn_type.criteria 
_struct_conn_type.reference 
disulf ? ? 
covale ? ? 
# 
_struct_sheet.id               AA1 
_struct_sheet.type             ? 
_struct_sheet.number_strands   5 
_struct_sheet.details          ? 
# 
loop_
_struct_sheet_order.sheet_id 
_struct_sheet_order.range_id_1 
_struct_sheet_order.range_id_2 
_struct_sheet_order.offset 
_struct_sheet_order.sense 
AA1 1 2 ? anti-parallel 
AA1 2 3 ? anti-parallel 
AA1 3 4 ? anti-parallel 
AA1 4 5 ? anti-parallel 
# 
loop_
_struct_sheet_range.sheet_id 
_struct_sheet_range.id 
_struct_sheet_range.beg_label_comp_id 
_struct_sheet_range.beg_label_asym_id 
_struct_sheet_range.beg_label_seq_id 
_struct_sheet_range.pdbx_beg_PDB_ins_code 
_struct_sheet_range.end_label_comp_id 
_struct_sheet_range.end_label_asym_id 
_struct_sheet_range.end_label_seq_id 
_struct_sheet_range.pdbx_end_PDB_ins_code 
_struct_sheet_range.beg_auth_comp_id 
_struct_sheet_range.beg_auth_asym_id 
_struct_sheet_range.beg_auth_seq_id 
_struct_sheet_range.end_auth_comp_id 
_struct_sheet_range.end_auth_asym_id 
_struct_sheet_range.end_auth_seq_id 
AA1 1 THR A 55 ? PRO A 58 ? THR A 38 PRO A 41 
AA1 2 TRP A 40 ? TRP A 46 ? TRP A 23 TRP A 29 
AA1 3 LEU A 23 ? LYS A 34 ? LEU A 6  LYS A 17 
AA1 4 LEU A 14 ? GLN A 17 ? LEU A -3 GLN A 0  
AA1 5 LEU A 62 ? HIS A 64 ? LEU A 45 HIS A 47 
# 
loop_
_pdbx_struct_sheet_hbond.sheet_id 
_pdbx_struct_sheet_hbond.range_id_1 
_pdbx_struct_sheet_hbond.range_id_2 
_pdbx_struct_sheet_hbond.range_1_label_atom_id 
_pdbx_struct_sheet_hbond.range_1_label_comp_id 
_pdbx_struct_sheet_hbond.range_1_label_asym_id 
_pdbx_struct_sheet_hbond.range_1_label_seq_id 
_pdbx_struct_sheet_hbond.range_1_PDB_ins_code 
_pdbx_struct_sheet_hbond.range_1_auth_atom_id 
_pdbx_struct_sheet_hbond.range_1_auth_comp_id 
_pdbx_struct_sheet_hbond.range_1_auth_asym_id 
_pdbx_struct_sheet_hbond.range_1_auth_seq_id 
_pdbx_struct_sheet_hbond.range_2_label_atom_id 
_pdbx_struct_sheet_hbond.range_2_label_comp_id 
_pdbx_struct_sheet_hbond.range_2_label_asym_id 
_pdbx_struct_sheet_hbond.range_2_label_seq_id 
_pdbx_struct_sheet_hbond.range_2_PDB_ins_code 
_pdbx_struct_sheet_hbond.range_2_auth_atom_id 
_pdbx_struct_sheet_hbond.range_2_auth_comp_id 
_pdbx_struct_sheet_hbond.range_2_auth_asym_id 
_pdbx_struct_sheet_hbond.range_2_auth_seq_id 
AA1 1 2 O GLU A 57 ? O GLU A 40 N TYR A 42 ? N TYR A 25 
AA1 2 3 O LEU A 43 ? O LEU A 26 N VAL A 30 ? N VAL A 13 
AA1 3 4 O TYR A 24 ? O TYR A 7  N PHE A 16 ? N PHE A -1 
AA1 4 5 N TYR A 15 ? N TYR A -2 O LEU A 63 ? O LEU A 46 
# 
_atom_sites.entry_id                    5JJZ 
_atom_sites.fract_transf_matrix[1][1]   -0.00880538 
_atom_sites.fract_transf_matrix[1][2]   -0.00910026 
_atom_sites.fract_transf_matrix[1][3]   -0.01537979 
_atom_sites.fract_transf_matrix[2][1]   -0.01387223 
_atom_sites.fract_transf_matrix[2][2]   0.00957033 
_atom_sites.fract_transf_matrix[2][3]   -0.01062338 
_atom_sites.fract_transf_matrix[3][1]   0.00717943 
_atom_sites.fract_transf_matrix[3][2]   0.00352720 
_atom_sites.fract_transf_matrix[3][3]   -0.00619749 
_atom_sites.fract_transf_vector[1]      -0.203756 
_atom_sites.fract_transf_vector[2]      -0.450774 
_atom_sites.fract_transf_vector[3]      -0.038920 
# 
loop_
_atom_type.symbol 
C 
N 
O 
S 
# 
loop_
_atom_site.group_PDB 
_atom_site.id 
_atom_site.type_symbol 
_atom_site.label_atom_id 
_atom_site.label_alt_id 
_atom_site.label_comp_id 
_atom_site.label_asym_id 
_atom_site.label_entity_id 
_atom_site.label_seq_id 
_atom_site.pdbx_PDB_ins_code 
_atom_site.Cartn_x 
_atom_site.Cartn_y 
_atom_site.Cartn_z 
_atom_site.occupancy 
_atom_site.B_iso_or_equiv 
_atom_site.pdbx_formal_charge 
_atom_site.auth_seq_id 
_atom_site.auth_comp_id 
_atom_site.auth_asym_id 
_atom_site.auth_atom_id 
_atom_site.pdbx_PDB_model_num 
ATOM   1   N N   . ASN A 1 13 ? -2.429  -8.063  6.506   1.00 68.31  ? -4  ASN A N   1 
ATOM   2   C CA  . ASN A 1 13 ? -2.285  -6.747  7.198   1.00 65.82  ? -4  ASN A CA  1 
ATOM   3   C C   . ASN A 1 13 ? -1.232  -5.942  6.482   1.00 61.79  ? -4  ASN A C   1 
ATOM   4   O O   . ASN A 1 13 ? -0.038  -6.025  6.798   1.00 62.19  ? -4  ASN A O   1 
ATOM   5   C CB  . ASN A 1 13 ? -1.895  -6.929  8.653   1.00 71.15  ? -4  ASN A CB  1 
ATOM   6   C CG  . ASN A 1 13 ? -2.752  -7.954  9.347   1.00 75.65  ? -4  ASN A CG  1 
ATOM   7   O OD1 . ASN A 1 13 ? -3.043  -9.014  8.783   1.00 77.82  ? -4  ASN A OD1 1 
ATOM   8   N ND2 . ASN A 1 13 ? -3.173  -7.650  10.559  1.00 78.83  ? -4  ASN A ND2 1 
ATOM   9   N N   . LEU A 1 14 ? -1.685  -5.164  5.508   1.00 53.99  ? -3  LEU A N   1 
ATOM   10  C CA  . LEU A 1 14 ? -0.797  -4.427  4.672   1.00 52.23  ? -3  LEU A CA  1 
ATOM   11  C C   . LEU A 1 14 ? -0.707  -2.987  5.141   1.00 48.43  ? -3  LEU A C   1 
ATOM   12  O O   . LEU A 1 14 ? -1.655  -2.452  5.691   1.00 48.48  ? -3  LEU A O   1 
ATOM   13  C CB  . LEU A 1 14 ? -1.263  -4.527  3.206   1.00 52.26  ? -3  LEU A CB  1 
ATOM   14  C CG  . LEU A 1 14 ? -1.593  -5.960  2.755   1.00 56.14  ? -3  LEU A CG  1 
ATOM   15  C CD1 . LEU A 1 14 ? -2.347  -5.995  1.432   1.00 56.62  ? -3  LEU A CD1 1 
ATOM   16  C CD2 . LEU A 1 14 ? -0.314  -6.787  2.681   1.00 57.72  ? -3  LEU A CD2 1 
ATOM   17  N N   . TYR A 1 15 ? 0.437   -2.359  4.890   1.00 46.56  ? -2  TYR A N   1 
ATOM   18  C CA  . TYR A 1 15 ? 0.614   -0.933  5.092   1.00 45.76  ? -2  TYR A CA  1 
ATOM   19  C C   . TYR A 1 15 ? 1.376   -0.310  3.973   1.00 45.52  ? -2  TYR A C   1 
ATOM   20  O O   . TYR A 1 15 ? 2.305   -0.914  3.413   1.00 46.98  ? -2  TYR A O   1 
ATOM   21  C CB  . TYR A 1 15 ? 1.393   -0.666  6.382   1.00 47.57  ? -2  TYR A CB  1 
ATOM   22  C CG  . TYR A 1 15 ? 0.612   -0.977  7.608   1.00 50.24  ? -2  TYR A CG  1 
ATOM   23  C CD1 . TYR A 1 15 ? 0.473   -2.296  8.063   1.00 52.50  ? -2  TYR A CD1 1 
ATOM   24  C CD2 . TYR A 1 15 ? 0.017   0.047   8.344   1.00 51.51  ? -2  TYR A CD2 1 
ATOM   25  C CE1 . TYR A 1 15 ? -0.252  -2.582  9.212   1.00 53.69  ? -2  TYR A CE1 1 
ATOM   26  C CE2 . TYR A 1 15 ? -0.706  -0.231  9.485   1.00 53.94  ? -2  TYR A CE2 1 
ATOM   27  C CZ  . TYR A 1 15 ? -0.840  -1.539  9.914   1.00 55.04  ? -2  TYR A CZ  1 
ATOM   28  O OH  . TYR A 1 15 ? -1.557  -1.771  11.061  1.00 59.53  ? -2  TYR A OH  1 
ATOM   29  N N   . PHE A 1 16 ? 1.012   0.913   3.661   1.00 43.74  ? -1  PHE A N   1 
ATOM   30  C CA  . PHE A 1 16 ? 1.821   1.749   2.793   1.00 43.92  ? -1  PHE A CA  1 
ATOM   31  C C   . PHE A 1 16 ? 2.731   2.598   3.654   1.00 46.69  ? -1  PHE A C   1 
ATOM   32  O O   . PHE A 1 16 ? 2.277   3.177   4.672   1.00 43.29  ? -1  PHE A O   1 
ATOM   33  C CB  . PHE A 1 16 ? 0.925   2.618   1.965   1.00 42.70  ? -1  PHE A CB  1 
ATOM   34  C CG  . PHE A 1 16 ? 1.633   3.640   1.135   1.00 43.67  ? -1  PHE A CG  1 
ATOM   35  C CD1 . PHE A 1 16 ? 2.119   3.311   -0.130  1.00 44.07  ? -1  PHE A CD1 1 
ATOM   36  C CD2 . PHE A 1 16 ? 1.732   4.959   1.577   1.00 45.70  ? -1  PHE A CD2 1 
ATOM   37  C CE1 . PHE A 1 16 ? 2.739   4.271   -0.906  1.00 44.89  ? -1  PHE A CE1 1 
ATOM   38  C CE2 . PHE A 1 16 ? 2.337   5.921   0.808   1.00 47.37  ? -1  PHE A CE2 1 
ATOM   39  C CZ  . PHE A 1 16 ? 2.838   5.577   -0.446  1.00 47.25  ? -1  PHE A CZ  1 
ATOM   40  N N   . GLN A 1 17 ? 3.993   2.698   3.252   1.00 46.65  ? 0   GLN A N   1 
ATOM   41  C CA  . GLN A 1 17 ? 4.943   3.576   3.927   1.00 51.32  ? 0   GLN A CA  1 
ATOM   42  C C   . GLN A 1 17 ? 5.155   4.836   3.091   1.00 51.91  ? 0   GLN A C   1 
ATOM   43  O O   . GLN A 1 17 ? 5.597   4.762   1.945   1.00 54.67  ? 0   GLN A O   1 
ATOM   44  C CB  . GLN A 1 17 ? 6.264   2.875   4.142   1.00 54.20  ? 0   GLN A CB  1 
ATOM   45  C CG  . GLN A 1 17 ? 7.284   3.750   4.866   1.00 58.82  ? 0   GLN A CG  1 
ATOM   46  C CD  . GLN A 1 17 ? 8.233   2.939   5.718   1.00 62.50  ? 0   GLN A CD  1 
ATOM   47  O OE1 . GLN A 1 17 ? 8.708   1.880   5.311   1.00 64.02  ? 0   GLN A OE1 1 
ATOM   48  N NE2 . GLN A 1 17 ? 8.513   3.433   6.917   1.00 66.97  ? 0   GLN A NE2 1 
ATOM   49  N N   . GLY A 1 18 ? 4.860   5.989   3.681   1.00 51.75  ? 1   GLY A N   1 
ATOM   50  C CA  . GLY A 1 18 ? 5.070   7.278   3.021   1.00 53.42  ? 1   GLY A CA  1 
ATOM   51  C C   . GLY A 1 18 ? 6.533   7.667   2.914   1.00 55.74  ? 1   GLY A C   1 
ATOM   52  O O   . GLY A 1 18 ? 7.398   7.107   3.620   1.00 55.73  ? 1   GLY A O   1 
ATOM   53  N N   . ALA A 1 19 ? 6.798   8.638   2.036   1.00 57.98  ? 2   ALA A N   1 
ATOM   54  C CA  . ALA A 1 19 ? 8.135   9.252   1.887   1.00 61.44  ? 2   ALA A CA  1 
ATOM   55  C C   . ALA A 1 19 ? 8.588   9.853   3.214   1.00 63.79  ? 2   ALA A C   1 
ATOM   56  O O   . ALA A 1 19 ? 9.753   9.754   3.589   1.00 66.67  ? 2   ALA A O   1 
ATOM   57  C CB  . ALA A 1 19 ? 8.110   10.320  0.797   1.00 63.09  ? 2   ALA A CB  1 
ATOM   58  N N   . SER A 1 20 ? 7.626   10.450  3.923   1.00 63.90  ? 3   SER A N   1 
ATOM   59  C CA  . SER A 1 20 ? 7.779   10.901  5.324   1.00 66.14  ? 3   SER A CA  1 
ATOM   60  C C   . SER A 1 20 ? 8.165   9.829   6.362   1.00 64.66  ? 3   SER A C   1 
ATOM   61  O O   . SER A 1 20 ? 8.544   10.190  7.468   1.00 66.34  ? 3   SER A O   1 
ATOM   62  C CB  . SER A 1 20 ? 6.446   11.520  5.796   1.00 65.67  ? 3   SER A CB  1 
ATOM   63  O OG  . SER A 1 20 ? 5.435   10.519  5.878   1.00 63.90  ? 3   SER A OG  1 
ATOM   64  N N   . GLY A 1 21 ? 7.981   8.541   6.043   1.00 61.68  ? 4   GLY A N   1 
ATOM   65  C CA  . GLY A 1 21 ? 8.246   7.449   6.977   1.00 62.00  ? 4   GLY A CA  1 
ATOM   66  C C   . GLY A 1 21 ? 7.008   6.846   7.636   1.00 60.77  ? 4   GLY A C   1 
ATOM   67  O O   . GLY A 1 21 ? 7.087   5.744   8.185   1.00 60.47  ? 4   GLY A O   1 
ATOM   68  N N   . ASP A 1 22 ? 5.871   7.551   7.590   1.00 59.99  ? 5   ASP A N   1 
ATOM   69  C CA  . ASP A 1 22 ? 4.654   7.136   8.319   1.00 59.63  ? 5   ASP A CA  1 
ATOM   70  C C   . ASP A 1 22 ? 4.006   5.937   7.642   1.00 55.77  ? 5   ASP A C   1 
ATOM   71  O O   . ASP A 1 22 ? 4.203   5.750   6.449   1.00 52.19  ? 5   ASP A O   1 
ATOM   72  C CB  . ASP A 1 22 ? 3.645   8.295   8.349   1.00 61.27  ? 5   ASP A CB  1 
ATOM   73  C CG  . ASP A 1 22 ? 2.683   8.237   9.535   1.00 62.67  ? 5   ASP A CG  1 
ATOM   74  O OD1 . ASP A 1 22 ? 2.590   7.207   10.251  1.00 60.17  ? 5   ASP A OD1 1 
ATOM   75  O OD2 . ASP A 1 22 ? 2.015   9.277   9.753   1.00 66.12  ? 5   ASP A OD2 1 
ATOM   76  N N   . LEU A 1 23 ? 3.253   5.140   8.408   1.00 54.07  ? 6   LEU A N   1 
ATOM   77  C CA  . LEU A 1 23 ? 2.564   3.946   7.905   1.00 52.01  ? 6   LEU A CA  1 
ATOM   78  C C   . LEU A 1 23 ? 1.039   4.123   7.830   1.00 50.99  ? 6   LEU A C   1 
ATOM   79  O O   . LEU A 1 23 ? 0.411   4.507   8.833   1.00 50.55  ? 6   LEU A O   1 
ATOM   80  C CB  . LEU A 1 23 ? 2.835   2.758   8.823   1.00 54.07  ? 6   LEU A CB  1 
ATOM   81  C CG  . LEU A 1 23 ? 4.210   2.062   8.777   1.00 57.55  ? 6   LEU A CG  1 
ATOM   82  C CD1 . LEU A 1 23 ? 4.039   0.623   9.265   1.00 58.24  ? 6   LEU A CD1 1 
ATOM   83  C CD2 . LEU A 1 23 ? 4.843   2.072   7.390   1.00 55.53  ? 6   LEU A CD2 1 
ATOM   84  N N   . TYR A 1 24 ? 0.456   3.797   6.676   1.00 45.72  ? 7   TYR A N   1 
ATOM   85  C CA  . TYR A 1 24 ? -0.956  3.992   6.399   1.00 45.57  ? 7   TYR A CA  1 
ATOM   86  C C   . TYR A 1 24 ? -1.602  2.638   6.134   1.00 46.11  ? 7   TYR A C   1 
ATOM   87  O O   . TYR A 1 24 ? -1.123  1.859   5.272   1.00 45.07  ? 7   TYR A O   1 
ATOM   88  C CB  . TYR A 1 24 ? -1.139  4.915   5.205   1.00 44.17  ? 7   TYR A CB  1 
ATOM   89  C CG  . TYR A 1 24 ? -0.506  6.275   5.359   1.00 46.26  ? 7   TYR A CG  1 
ATOM   90  C CD1 . TYR A 1 24 ? 0.885   6.447   5.221   1.00 47.51  ? 7   TYR A CD1 1 
ATOM   91  C CD2 . TYR A 1 24 ? -1.287  7.406   5.669   1.00 48.07  ? 7   TYR A CD2 1 
ATOM   92  C CE1 . TYR A 1 24 ? 1.480   7.692   5.359   1.00 49.11  ? 7   TYR A CE1 1 
ATOM   93  C CE2 . TYR A 1 24 ? -0.699  8.657   5.828   1.00 50.20  ? 7   TYR A CE2 1 
ATOM   94  C CZ  . TYR A 1 24 ? 0.681   8.802   5.664   1.00 50.76  ? 7   TYR A CZ  1 
ATOM   95  O OH  . TYR A 1 24 ? 1.256   10.048  5.814   1.00 52.39  ? 7   TYR A OH  1 
ATOM   96  N N   . GLU A 1 25 ? -2.675  2.328   6.866   1.00 44.98  ? 8   GLU A N   1 
ATOM   97  C CA  . GLU A 1 25 ? -3.293  0.996   6.813   1.00 46.20  ? 8   GLU A CA  1 
ATOM   98  C C   . GLU A 1 25 ? -4.106  0.724   5.537   1.00 44.00  ? 8   GLU A C   1 
ATOM   99  O O   . GLU A 1 25 ? -4.883  1.558   5.076   1.00 43.21  ? 8   GLU A O   1 
ATOM   100 C CB  . GLU A 1 25 ? -4.147  0.741   8.041   1.00 51.36  ? 8   GLU A CB  1 
ATOM   101 C CG  . GLU A 1 25 ? -4.573  -0.700  8.221   1.00 54.13  ? 8   GLU A CG  1 
ATOM   102 C CD  . GLU A 1 25 ? -5.453  -0.886  9.445   1.00 60.38  ? 8   GLU A CD  1 
ATOM   103 O OE1 . GLU A 1 25 ? -5.625  0.062   10.257  1.00 60.11  ? 8   GLU A OE1 1 
ATOM   104 O OE2 . GLU A 1 25 ? -6.002  -1.998  9.580   1.00 65.96  ? 8   GLU A OE2 1 
ATOM   105 N N   . VAL A 1 26 ? -3.888  -0.462  4.964   1.00 42.50  ? 9   VAL A N   1 
ATOM   106 C CA  . VAL A 1 26 ? -4.506  -0.869  3.709   1.00 41.18  ? 9   VAL A CA  1 
ATOM   107 C C   . VAL A 1 26 ? -5.616  -1.843  4.053   1.00 41.77  ? 9   VAL A C   1 
ATOM   108 O O   . VAL A 1 26 ? -5.385  -2.768  4.804   1.00 43.44  ? 9   VAL A O   1 
ATOM   109 C CB  . VAL A 1 26 ? -3.473  -1.574  2.805   1.00 40.79  ? 9   VAL A CB  1 
ATOM   110 C CG1 . VAL A 1 26 ? -4.148  -2.271  1.630   1.00 40.95  ? 9   VAL A CG1 1 
ATOM   111 C CG2 . VAL A 1 26 ? -2.413  -0.575  2.361   1.00 40.33  ? 9   VAL A CG2 1 
ATOM   112 N N   . GLU A 1 27 ? -6.809  -1.606  3.520   1.00 42.45  ? 10  GLU A N   1 
ATOM   113 C CA  . GLU A 1 27 ? -7.956  -2.523  3.619   1.00 45.97  ? 10  GLU A CA  1 
ATOM   114 C C   . GLU A 1 27 ? -7.742  -3.765  2.748   1.00 45.30  ? 10  GLU A C   1 
ATOM   115 O O   . GLU A 1 27 ? -7.879  -4.898  3.200   1.00 45.44  ? 10  GLU A O   1 
ATOM   116 C CB  . GLU A 1 27 ? -9.225  -1.783  3.174   1.00 49.28  ? 10  GLU A CB  1 
ATOM   117 C CG  . GLU A 1 27 ? -10.530 -2.576  3.088   1.00 54.99  ? 10  GLU A CG  1 
ATOM   118 C CD  . GLU A 1 27 ? -10.973 -3.147  4.406   1.00 60.92  ? 10  GLU A CD  1 
ATOM   119 O OE1 . GLU A 1 27 ? -10.793 -2.480  5.461   1.00 65.72  ? 10  GLU A OE1 1 
ATOM   120 O OE2 . GLU A 1 27 ? -11.513 -4.272  4.384   1.00 65.50  ? 10  GLU A OE2 1 
ATOM   121 N N   . ARG A 1 28 ? -7.404  -3.539  1.489   1.00 45.62  ? 11  ARG A N   1 
ATOM   122 C CA  . ARG A 1 28 ? -7.105  -4.630  0.550   1.00 45.44  ? 11  ARG A CA  1 
ATOM   123 C C   . ARG A 1 28 ? -6.461  -4.104  -0.727  1.00 42.93  ? 11  ARG A C   1 
ATOM   124 O O   . ARG A 1 28 ? -6.568  -2.923  -1.029  1.00 40.22  ? 11  ARG A O   1 
ATOM   125 C CB  . ARG A 1 28 ? -8.368  -5.449  0.207   1.00 47.44  ? 11  ARG A CB  1 
ATOM   126 C CG  . ARG A 1 28 ? -9.473  -4.714  -0.527  1.00 50.07  ? 11  ARG A CG  1 
ATOM   127 C CD  . ARG A 1 28 ? -10.631 -5.674  -0.831  1.00 54.19  ? 11  ARG A CD  1 
ATOM   128 N NE  . ARG A 1 28 ? -11.691 -5.033  -1.624  1.00 56.49  ? 11  ARG A NE  1 
ATOM   129 C CZ  . ARG A 1 28 ? -11.792 -5.006  -2.961  1.00 58.14  ? 11  ARG A CZ  1 
ATOM   130 N NH1 . ARG A 1 28 ? -10.909 -5.614  -3.765  1.00 57.90  ? 11  ARG A NH1 1 
ATOM   131 N NH2 . ARG A 1 28 ? -12.818 -4.361  -3.518  1.00 60.24  ? 11  ARG A NH2 1 
ATOM   132 N N   . ILE A 1 29 ? -5.815  -5.015  -1.460  1.00 43.07  ? 12  ILE A N   1 
ATOM   133 C CA  . ILE A 1 29 ? -5.321  -4.766  -2.812  1.00 43.17  ? 12  ILE A CA  1 
ATOM   134 C C   . ILE A 1 29 ? -6.489  -4.982  -3.769  1.00 43.44  ? 12  ILE A C   1 
ATOM   135 O O   . ILE A 1 29 ? -7.102  -6.025  -3.732  1.00 45.60  ? 12  ILE A O   1 
ATOM   136 C CB  . ILE A 1 29 ? -4.241  -5.781  -3.228  1.00 45.23  ? 12  ILE A CB  1 
ATOM   137 C CG1 . ILE A 1 29 ? -3.033  -5.778  -2.290  1.00 48.18  ? 12  ILE A CG1 1 
ATOM   138 C CG2 . ILE A 1 29 ? -3.822  -5.563  -4.681  1.00 44.97  ? 12  ILE A CG2 1 
ATOM   139 C CD1 . ILE A 1 29 ? -2.216  -4.517  -2.276  1.00 48.39  ? 12  ILE A CD1 1 
ATOM   140 N N   . VAL A 1 30 ? -6.774  -4.018  -4.625  1.00 42.28  ? 13  VAL A N   1 
ATOM   141 C CA  . VAL A 1 30 ? -7.908  -4.100  -5.535  1.00 44.88  ? 13  VAL A CA  1 
ATOM   142 C C   . VAL A 1 30 ? -7.466  -4.677  -6.889  1.00 44.51  ? 13  VAL A C   1 
ATOM   143 O O   . VAL A 1 30 ? -8.223  -5.370  -7.536  1.00 44.84  ? 13  VAL A O   1 
ATOM   144 C CB  . VAL A 1 30 ? -8.578  -2.707  -5.707  1.00 45.66  ? 13  VAL A CB  1 
ATOM   145 C CG1 . VAL A 1 30 ? -9.790  -2.785  -6.625  1.00 47.97  ? 13  VAL A CG1 1 
ATOM   146 C CG2 . VAL A 1 30 ? -9.033  -2.166  -4.347  1.00 46.75  ? 13  VAL A CG2 1 
ATOM   147 N N   . ASP A 1 31 ? -6.229  -4.415  -7.296  1.00 43.21  ? 14  ASP A N   1 
ATOM   148 C CA  . ASP A 1 31 ? -5.795  -4.694  -8.669  1.00 42.82  ? 14  ASP A CA  1 
ATOM   149 C C   . ASP A 1 31 ? -4.290  -4.508  -8.694  1.00 41.45  ? 14  ASP A C   1 
ATOM   150 O O   . ASP A 1 31 ? -3.689  -4.041  -7.703  1.00 38.29  ? 14  ASP A O   1 
ATOM   151 C CB  . ASP A 1 31 ? -6.492  -3.723  -9.638  1.00 44.18  ? 14  ASP A CB  1 
ATOM   152 C CG  . ASP A 1 31 ? -6.561  -4.240  -11.100 1.00 46.64  ? 14  ASP A CG  1 
ATOM   153 O OD1 . ASP A 1 31 ? -5.965  -5.272  -11.435 1.00 44.45  ? 14  ASP A OD1 1 
ATOM   154 O OD2 . ASP A 1 31 ? -7.215  -3.570  -11.910 1.00 49.19  ? 14  ASP A OD2 1 
ATOM   155 N N   . LYS A 1 32 ? -3.687  -4.902  -9.809  1.00 40.04  ? 15  LYS A N   1 
ATOM   156 C CA  . LYS A 1 32 ? -2.267  -4.896  -9.963  1.00 40.61  ? 15  LYS A CA  1 
ATOM   157 C C   . LYS A 1 32 ? -1.938  -4.503  -11.416 1.00 40.78  ? 15  LYS A C   1 
ATOM   158 O O   . LYS A 1 32 ? -2.688  -4.859  -12.308 1.00 38.94  ? 15  LYS A O   1 
ATOM   159 C CB  . LYS A 1 32 ? -1.811  -6.306  -9.697  1.00 44.07  ? 15  LYS A CB  1 
ATOM   160 C CG  . LYS A 1 32 ? -0.337  -6.485  -9.513  1.00 45.88  ? 15  LYS A CG  1 
ATOM   161 C CD  . LYS A 1 32 ? -0.037  -7.936  -9.164  1.00 48.90  ? 15  LYS A CD  1 
ATOM   162 C CE  . LYS A 1 32 ? 1.418   -8.254  -9.467  1.00 50.88  ? 15  LYS A CE  1 
ATOM   163 N NZ  . LYS A 1 32 ? 1.891   -9.541  -8.920  1.00 53.88  ? 15  LYS A NZ  1 
ATOM   164 N N   . ARG A 1 33 ? -0.840  -3.783  -11.644 1.00 40.07  ? 16  ARG A N   1 
ATOM   165 C CA  . ARG A 1 33 ? -0.420  -3.458  -13.022 1.00 42.01  ? 16  ARG A CA  1 
ATOM   166 C C   . ARG A 1 33 ? 1.080   -3.255  -13.085 1.00 42.06  ? 16  ARG A C   1 
ATOM   167 O O   . ARG A 1 33 ? 1.699   -2.927  -12.068 1.00 40.36  ? 16  ARG A O   1 
ATOM   168 C CB  . ARG A 1 33 ? -1.137  -2.187  -13.496 1.00 41.58  ? 16  ARG A CB  1 
ATOM   169 C CG  . ARG A 1 33 ? -0.619  -0.897  -12.897 1.00 39.59  ? 16  ARG A CG  1 
ATOM   170 C CD  . ARG A 1 33 ? -1.509  0.276   -13.202 1.00 39.74  ? 16  ARG A CD  1 
ATOM   171 N NE  . ARG A 1 33 ? -0.912  1.526   -12.746 1.00 39.22  ? 16  ARG A NE  1 
ATOM   172 C CZ  . ARG A 1 33 ? -1.521  2.709   -12.751 1.00 39.88  ? 16  ARG A CZ  1 
ATOM   173 N NH1 . ARG A 1 33 ? -2.744  2.829   -13.197 1.00 40.76  ? 16  ARG A NH1 1 
ATOM   174 N NH2 . ARG A 1 33 ? -0.901  3.789   -12.275 1.00 40.57  ? 16  ARG A NH2 1 
ATOM   175 N N   . LYS A 1 34 ? 1.656   -3.450  -14.270 1.00 40.89  ? 17  LYS A N   1 
ATOM   176 C CA  . LYS A 1 34 ? 3.074   -3.203  -14.505 1.00 41.91  ? 17  LYS A CA  1 
ATOM   177 C C   . LYS A 1 34 ? 3.238   -1.810  -15.094 1.00 42.59  ? 17  LYS A C   1 
ATOM   178 O O   . LYS A 1 34 ? 2.555   -1.463  -16.065 1.00 45.75  ? 17  LYS A O   1 
ATOM   179 C CB  . LYS A 1 34 ? 3.624   -4.247  -15.453 1.00 44.61  ? 17  LYS A CB  1 
ATOM   180 C CG  . LYS A 1 34 ? 5.128   -4.184  -15.610 1.00 46.48  ? 17  LYS A CG  1 
ATOM   181 C CD  . LYS A 1 34 ? 5.661   -5.302  -16.463 1.00 49.81  ? 17  LYS A CD  1 
ATOM   182 C CE  . LYS A 1 34 ? 5.778   -6.623  -15.714 1.00 51.27  ? 17  LYS A CE  1 
ATOM   183 N NZ  . LYS A 1 34 ? 6.083   -7.682  -16.701 1.00 54.32  ? 17  LYS A NZ  1 
ATOM   184 N N   . ASN A 1 35 ? 4.148   -1.018  -14.561 1.00 41.80  ? 18  ASN A N   1 
ATOM   185 C CA  . ASN A 1 35 ? 4.324   0.353   -15.070 1.00 44.44  ? 18  ASN A CA  1 
ATOM   186 C C   . ASN A 1 35 ? 5.333   0.483   -16.192 1.00 46.37  ? 18  ASN A C   1 
ATOM   187 O O   . ASN A 1 35 ? 5.901   -0.517  -16.639 1.00 45.85  ? 18  ASN A O   1 
ATOM   188 C CB  . ASN A 1 35 ? 4.591   1.341   -13.916 1.00 43.77  ? 18  ASN A CB  1 
ATOM   189 C CG  . ASN A 1 35 ? 5.969   1.225   -13.332 1.00 45.07  ? 18  ASN A CG  1 
ATOM   190 O OD1 . ASN A 1 35 ? 6.879   0.615   -13.886 1.00 45.57  ? 18  ASN A OD1 1 
ATOM   191 N ND2 . ASN A 1 35 ? 6.133   1.847   -12.181 1.00 46.50  ? 18  ASN A ND2 1 
ATOM   192 N N   . LYS A 1 36 ? 5.565   1.723   -16.623 1.00 48.84  ? 19  LYS A N   1 
ATOM   193 C CA  . LYS A 1 36 ? 6.416   2.012   -17.777 1.00 53.29  ? 19  LYS A CA  1 
ATOM   194 C C   . LYS A 1 36 ? 7.871   1.615   -17.545 1.00 54.50  ? 19  LYS A C   1 
ATOM   195 O O   . LYS A 1 36 ? 8.590   1.332   -18.503 1.00 54.84  ? 19  LYS A O   1 
ATOM   196 C CB  . LYS A 1 36 ? 6.330   3.501   -18.170 1.00 54.76  ? 19  LYS A CB  1 
ATOM   197 C CG  . LYS A 1 36 ? 4.958   3.906   -18.689 1.00 55.02  ? 19  LYS A CG  1 
ATOM   198 N N   . LYS A 1 37 ? 8.280   1.582   -16.272 1.00 53.50  ? 20  LYS A N   1 
ATOM   199 C CA  . LYS A 1 37 ? 9.620   1.138   -15.897 1.00 55.33  ? 20  LYS A CA  1 
ATOM   200 C C   . LYS A 1 37 ? 9.685   -0.362  -15.610 1.00 52.41  ? 20  LYS A C   1 
ATOM   201 O O   . LYS A 1 37 ? 10.738  -0.863  -15.240 1.00 51.84  ? 20  LYS A O   1 
ATOM   202 C CB  . LYS A 1 37 ? 10.128  1.949   -14.698 1.00 57.00  ? 20  LYS A CB  1 
ATOM   203 C CG  . LYS A 1 37 ? 10.127  3.459   -14.933 1.00 60.15  ? 20  LYS A CG  1 
ATOM   204 C CD  . LYS A 1 37 ? 10.968  3.839   -16.144 1.00 65.37  ? 20  LYS A CD  1 
ATOM   205 C CE  . LYS A 1 37 ? 11.386  5.296   -16.103 1.00 67.98  ? 20  LYS A CE  1 
ATOM   206 N NZ  . LYS A 1 37 ? 12.058  5.625   -17.376 1.00 72.66  ? 20  LYS A NZ  1 
ATOM   207 N N   . GLY A 1 38 ? 8.594   -1.084  -15.835 1.00 49.89  ? 21  GLY A N   1 
ATOM   208 C CA  . GLY A 1 38 ? 8.587   -2.545  -15.670 1.00 50.35  ? 21  GLY A CA  1 
ATOM   209 C C   . GLY A 1 38 ? 8.325   -2.976  -14.223 1.00 48.09  ? 21  GLY A C   1 
ATOM   210 O O   . GLY A 1 38 ? 8.416   -4.154  -13.895 1.00 47.73  ? 21  GLY A O   1 
ATOM   211 N N   . LYS A 1 39 ? 7.957   -2.039  -13.365 1.00 47.30  ? 22  LYS A N   1 
ATOM   212 C CA  . LYS A 1 39 ? 7.765   -2.335  -11.927 1.00 46.98  ? 22  LYS A CA  1 
ATOM   213 C C   . LYS A 1 39 ? 6.274   -2.420  -11.559 1.00 45.32  ? 22  LYS A C   1 
ATOM   214 O O   . LYS A 1 39 ? 5.438   -1.746  -12.167 1.00 44.90  ? 22  LYS A O   1 
ATOM   215 C CB  . LYS A 1 39 ? 8.534   -1.297  -11.104 1.00 47.24  ? 22  LYS A CB  1 
ATOM   216 C CG  . LYS A 1 39 ? 10.031  -1.596  -11.092 1.00 52.00  ? 22  LYS A CG  1 
ATOM   217 C CD  . LYS A 1 39 ? 10.923  -0.378  -10.962 1.00 53.87  ? 22  LYS A CD  1 
ATOM   218 C CE  . LYS A 1 39 ? 12.395  -0.770  -11.148 1.00 57.01  ? 22  LYS A CE  1 
ATOM   219 N N   . TRP A 1 40 ? 5.937   -3.260  -10.577 1.00 43.51  ? 23  TRP A N   1 
ATOM   220 C CA  . TRP A 1 40 ? 4.538   -3.482  -10.209 1.00 42.77  ? 23  TRP A CA  1 
ATOM   221 C C   . TRP A 1 40 ? 3.988   -2.380  -9.298  1.00 41.75  ? 23  TRP A C   1 
ATOM   222 O O   . TRP A 1 40 ? 4.690   -1.883  -8.394  1.00 41.06  ? 23  TRP A O   1 
ATOM   223 C CB  . TRP A 1 40 ? 4.335   -4.857  -9.564  1.00 43.81  ? 23  TRP A CB  1 
ATOM   224 C CG  . TRP A 1 40 ? 4.653   -5.961  -10.499 1.00 48.14  ? 23  TRP A CG  1 
ATOM   225 C CD1 . TRP A 1 40 ? 5.831   -6.641  -10.616 1.00 50.73  ? 23  TRP A CD1 1 
ATOM   226 C CD2 . TRP A 1 40 ? 3.779   -6.498  -11.485 1.00 49.13  ? 23  TRP A CD2 1 
ATOM   227 N NE1 . TRP A 1 40 ? 5.732   -7.580  -11.608 1.00 53.17  ? 23  TRP A NE1 1 
ATOM   228 C CE2 . TRP A 1 40 ? 4.480   -7.519  -12.153 1.00 52.38  ? 23  TRP A CE2 1 
ATOM   229 C CE3 . TRP A 1 40 ? 2.466   -6.215  -11.868 1.00 48.17  ? 23  TRP A CE3 1 
ATOM   230 C CZ2 . TRP A 1 40 ? 3.912   -8.254  -13.194 1.00 54.71  ? 23  TRP A CZ2 1 
ATOM   231 C CZ3 . TRP A 1 40 ? 1.893   -6.950  -12.872 1.00 49.90  ? 23  TRP A CZ3 1 
ATOM   232 C CH2 . TRP A 1 40 ? 2.616   -7.964  -13.531 1.00 53.55  ? 23  TRP A CH2 1 
ATOM   233 N N   . GLU A 1 41 ? 2.743   -2.006  -9.576  1.00 39.88  ? 24  GLU A N   1 
ATOM   234 C CA  . GLU A 1 41 ? 1.956   -1.090  -8.778  1.00 40.24  ? 24  GLU A CA  1 
ATOM   235 C C   . GLU A 1 41 ? 0.656   -1.802  -8.394  1.00 40.27  ? 24  GLU A C   1 
ATOM   236 O O   . GLU A 1 41 ? 0.160   -2.662  -9.138  1.00 40.82  ? 24  GLU A O   1 
ATOM   237 C CB  . GLU A 1 41 ? 1.636   0.179   -9.583  1.00 40.77  ? 24  GLU A CB  1 
ATOM   238 C CG  . GLU A 1 41 ? 2.870   0.970   -9.995  1.00 41.42  ? 24  GLU A CG  1 
ATOM   239 C CD  . GLU A 1 41 ? 2.557   2.218   -10.779 1.00 42.10  ? 24  GLU A CD  1 
ATOM   240 O OE1 . GLU A 1 41 ? 1.403   2.416   -11.167 1.00 44.42  ? 24  GLU A OE1 1 
ATOM   241 O OE2 . GLU A 1 41 ? 3.475   3.027   -11.004 1.00 45.17  ? 24  GLU A OE2 1 
ATOM   242 N N   . TYR A 1 42 ? 0.118   -1.451  -7.227  1.00 40.29  ? 25  TYR A N   1 
ATOM   243 C CA  . TYR A 1 42 ? -1.115  -2.045  -6.706  1.00 38.77  ? 25  TYR A CA  1 
ATOM   244 C C   . TYR A 1 42 ? -2.148  -0.987  -6.432  1.00 36.74  ? 25  TYR A C   1 
ATOM   245 O O   . TYR A 1 42 ? -1.835  0.072   -5.905  1.00 34.57  ? 25  TYR A O   1 
ATOM   246 C CB  . TYR A 1 42 ? -0.825  -2.810  -5.433  1.00 40.92  ? 25  TYR A CB  1 
ATOM   247 C CG  . TYR A 1 42 ? 0.123   -3.941  -5.656  1.00 43.31  ? 25  TYR A CG  1 
ATOM   248 C CD1 . TYR A 1 42 ? 1.505   -3.722  -5.696  1.00 45.46  ? 25  TYR A CD1 1 
ATOM   249 C CD2 . TYR A 1 42 ? -0.346  -5.241  -5.860  1.00 44.19  ? 25  TYR A CD2 1 
ATOM   250 C CE1 . TYR A 1 42 ? 2.384   -4.768  -5.941  1.00 45.97  ? 25  TYR A CE1 1 
ATOM   251 C CE2 . TYR A 1 42 ? 0.522   -6.292  -6.068  1.00 45.91  ? 25  TYR A CE2 1 
ATOM   252 C CZ  . TYR A 1 42 ? 1.887   -6.051  -6.117  1.00 47.09  ? 25  TYR A CZ  1 
ATOM   253 O OH  . TYR A 1 42 ? 2.768   -7.084  -6.328  1.00 48.91  ? 25  TYR A OH  1 
ATOM   254 N N   . LEU A 1 43 ? -3.380  -1.274  -6.825  1.00 36.53  ? 26  LEU A N   1 
ATOM   255 C CA  . LEU A 1 43 ? -4.487  -0.392  -6.568  1.00 37.92  ? 26  LEU A CA  1 
ATOM   256 C C   . LEU A 1 43 ? -4.946  -0.683  -5.125  1.00 36.73  ? 26  LEU A C   1 
ATOM   257 O O   . LEU A 1 43 ? -5.316  -1.811  -4.787  1.00 37.11  ? 26  LEU A O   1 
ATOM   258 C CB  . LEU A 1 43 ? -5.600  -0.573  -7.606  1.00 39.37  ? 26  LEU A CB  1 
ATOM   259 C CG  . LEU A 1 43 ? -6.804  0.372   -7.510  1.00 41.10  ? 26  LEU A CG  1 
ATOM   260 C CD1 . LEU A 1 43 ? -6.404  1.840   -7.588  1.00 40.82  ? 26  LEU A CD1 1 
ATOM   261 C CD2 . LEU A 1 43 ? -7.841  0.036   -8.577  1.00 42.87  ? 26  LEU A CD2 1 
ATOM   262 N N   . ILE A 1 44 ? -4.858  0.344   -4.294  1.00 36.15  ? 27  ILE A N   1 
ATOM   263 C CA  . ILE A 1 44 ? -5.028  0.226   -2.840  1.00 36.69  ? 27  ILE A CA  1 
ATOM   264 C C   . ILE A 1 44 ? -6.390  0.748   -2.425  1.00 38.12  ? 27  ILE A C   1 
ATOM   265 O O   . ILE A 1 44 ? -6.699  1.896   -2.683  1.00 37.89  ? 27  ILE A O   1 
ATOM   266 C CB  . ILE A 1 44 ? -3.960  1.038   -2.085  1.00 36.81  ? 27  ILE A CB  1 
ATOM   267 C CG1 . ILE A 1 44 ? -2.544  0.584   -2.472  1.00 36.97  ? 27  ILE A CG1 1 
ATOM   268 C CG2 . ILE A 1 44 ? -4.149  0.934   -0.556  1.00 38.23  ? 27  ILE A CG2 1 
ATOM   269 C CD1 . ILE A 1 44 ? -2.264  -0.846  -2.108  1.00 37.57  ? 27  ILE A CD1 1 
ATOM   270 N N   . ARG A 1 45 ? -7.166  -0.113  -1.766  1.00 38.43  ? 28  ARG A N   1 
ATOM   271 C CA  . ARG A 1 45 ? -8.325  0.280   -0.962  1.00 39.30  ? 28  ARG A CA  1 
ATOM   272 C C   . ARG A 1 45 ? -7.788  0.646   0.423   1.00 38.55  ? 28  ARG A C   1 
ATOM   273 O O   . ARG A 1 45 ? -7.274  -0.206  1.156   1.00 36.85  ? 28  ARG A O   1 
ATOM   274 C CB  . ARG A 1 45 ? -9.348  -0.851  -0.851  1.00 40.87  ? 28  ARG A CB  1 
ATOM   275 C CG  . ARG A 1 45 ? -10.612 -0.539  0.008   1.00 44.10  ? 28  ARG A CG  1 
ATOM   276 C CD  . ARG A 1 45 ? -11.448 0.620   -0.515  1.00 44.91  ? 28  ARG A CD  1 
ATOM   277 N NE  . ARG A 1 45 ? -11.605 0.514   -1.960  1.00 45.36  ? 28  ARG A NE  1 
ATOM   278 C CZ  . ARG A 1 45 ? -12.492 -0.263  -2.591  1.00 49.04  ? 28  ARG A CZ  1 
ATOM   279 N NH1 . ARG A 1 45 ? -13.382 -0.994  -1.927  1.00 50.81  ? 28  ARG A NH1 1 
ATOM   280 N NH2 . ARG A 1 45 ? -12.488 -0.306  -3.924  1.00 50.31  ? 28  ARG A NH2 1 
ATOM   281 N N   . TRP A 1 46 ? -7.856  1.931   0.738   1.00 38.47  ? 29  TRP A N   1 
ATOM   282 C CA  . TRP A 1 46 ? -7.338  2.446   1.997   1.00 40.20  ? 29  TRP A CA  1 
ATOM   283 C C   . TRP A 1 46 ? -8.375  2.183   3.078   1.00 41.62  ? 29  TRP A C   1 
ATOM   284 O O   . TRP A 1 46 ? -9.570  2.390   2.856   1.00 42.41  ? 29  TRP A O   1 
ATOM   285 C CB  . TRP A 1 46 ? -7.073  3.947   1.877   1.00 40.73  ? 29  TRP A CB  1 
ATOM   286 C CG  . TRP A 1 46 ? -6.072  4.249   0.834   1.00 40.04  ? 29  TRP A CG  1 
ATOM   287 C CD1 . TRP A 1 46 ? -6.297  4.707   -0.431  1.00 39.52  ? 29  TRP A CD1 1 
ATOM   288 C CD2 . TRP A 1 46 ? -4.663  4.073   0.958   1.00 39.64  ? 29  TRP A CD2 1 
ATOM   289 N NE1 . TRP A 1 46 ? -5.099  4.849   -1.106  1.00 37.59  ? 29  TRP A NE1 1 
ATOM   290 C CE2 . TRP A 1 46 ? -4.080  4.474   -0.271  1.00 38.48  ? 29  TRP A CE2 1 
ATOM   291 C CE3 . TRP A 1 46 ? -3.834  3.618   1.990   1.00 39.82  ? 29  TRP A CE3 1 
ATOM   292 C CZ2 . TRP A 1 46 ? -2.703  4.443   -0.486  1.00 38.66  ? 29  TRP A CZ2 1 
ATOM   293 C CZ3 . TRP A 1 46 ? -2.465  3.585   1.779   1.00 39.95  ? 29  TRP A CZ3 1 
ATOM   294 C CH2 . TRP A 1 46 ? -1.912  3.982   0.534   1.00 39.83  ? 29  TRP A CH2 1 
ATOM   295 N N   . LYS A 1 47 ? -7.930  1.704   4.234   1.00 43.56  ? 30  LYS A N   1 
ATOM   296 C CA  . LYS A 1 47 ? -8.838  1.479   5.348   1.00 45.69  ? 30  LYS A CA  1 
ATOM   297 C C   . LYS A 1 47 ? -9.500  2.793   5.757   1.00 46.10  ? 30  LYS A C   1 
ATOM   298 O O   . LYS A 1 47 ? -8.829  3.822   5.873   1.00 43.53  ? 30  LYS A O   1 
ATOM   299 C CB  . LYS A 1 47 ? -8.099  0.874   6.551   1.00 48.50  ? 30  LYS A CB  1 
ATOM   300 C CG  . LYS A 1 47 ? -9.042  0.352   7.638   1.00 51.85  ? 30  LYS A CG  1 
ATOM   301 C CD  . LYS A 1 47 ? -8.473  -0.881  8.318   1.00 54.28  ? 30  LYS A CD  1 
ATOM   302 N N   . GLY A 1 48 ? -10.828 2.756   5.916   1.00 47.14  ? 31  GLY A N   1 
ATOM   303 C CA  . GLY A 1 48 ? -11.613 3.948   6.210   1.00 47.33  ? 31  GLY A CA  1 
ATOM   304 C C   . GLY A 1 48 ? -12.056 4.775   5.021   1.00 46.71  ? 31  GLY A C   1 
ATOM   305 O O   . GLY A 1 48 ? -12.783 5.751   5.205   1.00 47.81  ? 31  GLY A O   1 
ATOM   306 N N   . TYR A 1 49 ? -11.656 4.383   3.808   1.00 44.33  ? 32  TYR A N   1 
ATOM   307 C CA  . TYR A 1 49 ? -12.020 5.088   2.592   1.00 45.70  ? 32  TYR A CA  1 
ATOM   308 C C   . TYR A 1 49 ? -12.773 4.164   1.638   1.00 48.29  ? 32  TYR A C   1 
ATOM   309 O O   . TYR A 1 49 ? -12.744 2.945   1.795   1.00 50.34  ? 32  TYR A O   1 
ATOM   310 C CB  . TYR A 1 49 ? -10.769 5.637   1.894   1.00 42.56  ? 32  TYR A CB  1 
ATOM   311 C CG  . TYR A 1 49 ? -10.129 6.752   2.657   1.00 42.63  ? 32  TYR A CG  1 
ATOM   312 C CD1 . TYR A 1 49 ? -9.191  6.508   3.641   1.00 41.70  ? 32  TYR A CD1 1 
ATOM   313 C CD2 . TYR A 1 49 ? -10.482 8.062   2.391   1.00 45.10  ? 32  TYR A CD2 1 
ATOM   314 C CE1 . TYR A 1 49 ? -8.625  7.557   4.349   1.00 44.30  ? 32  TYR A CE1 1 
ATOM   315 C CE2 . TYR A 1 49 ? -9.944  9.109   3.094   1.00 46.89  ? 32  TYR A CE2 1 
ATOM   316 C CZ  . TYR A 1 49 ? -9.015  8.857   4.068   1.00 45.99  ? 32  TYR A CZ  1 
ATOM   317 O OH  . TYR A 1 49 ? -8.534  9.946   4.741   1.00 50.45  ? 32  TYR A OH  1 
ATOM   318 N N   . GLY A 1 50 ? -13.416 4.758   0.639   1.00 50.69  ? 33  GLY A N   1 
ATOM   319 C CA  . GLY A 1 50 ? -14.177 4.021   -0.368  1.00 52.50  ? 33  GLY A CA  1 
ATOM   320 C C   . GLY A 1 50 ? -13.389 3.937   -1.645  1.00 51.42  ? 33  GLY A C   1 
ATOM   321 O O   . GLY A 1 50 ? -12.274 4.456   -1.722  1.00 50.05  ? 33  GLY A O   1 
ATOM   322 N N   . SER A 1 51 ? -14.004 3.343   -2.669  1.00 53.48  ? 34  SER A N   1 
ATOM   323 C CA  . SER A 1 51 ? -13.337 3.098   -3.948  1.00 52.65  ? 34  SER A CA  1 
ATOM   324 C C   . SER A 1 51 ? -12.940 4.373   -4.677  1.00 53.42  ? 34  SER A C   1 
ATOM   325 O O   . SER A 1 51 ? -11.945 4.373   -5.396  1.00 52.15  ? 34  SER A O   1 
ATOM   326 C CB  . SER A 1 51 ? -14.217 2.253   -4.865  1.00 54.56  ? 34  SER A CB  1 
ATOM   327 O OG  . SER A 1 51 ? -15.432 2.920   -5.114  1.00 57.28  ? 34  SER A OG  1 
ATOM   328 N N   . THR A 1 52 ? -13.668 5.471   -4.462  1.00 56.60  ? 35  THR A N   1 
ATOM   329 C CA  . THR A 1 52 ? -13.323 6.749   -5.119  1.00 57.35  ? 35  THR A CA  1 
ATOM   330 C C   . THR A 1 52 ? -11.960 7.284   -4.666  1.00 55.32  ? 35  THR A C   1 
ATOM   331 O O   . THR A 1 52 ? -11.384 8.129   -5.340  1.00 55.68  ? 35  THR A O   1 
ATOM   332 C CB  . THR A 1 52 ? -14.414 7.843   -4.929  1.00 61.13  ? 35  THR A CB  1 
ATOM   333 O OG1 . THR A 1 52 ? -14.555 8.174   -3.546  1.00 62.48  ? 35  THR A OG1 1 
ATOM   334 C CG2 . THR A 1 52 ? -15.772 7.385   -5.467  1.00 63.55  ? 35  THR A CG2 1 
ATOM   335 N N   . GLU A 1 53 ? -11.437 6.782   -3.541  1.00 54.06  ? 36  GLU A N   1 
ATOM   336 C CA  . GLU A 1 53 ? -10.120 7.169   -3.059  1.00 53.23  ? 36  GLU A CA  1 
ATOM   337 C C   . GLU A 1 53 ? -9.000  6.169   -3.395  1.00 48.84  ? 36  GLU A C   1 
ATOM   338 O O   . GLU A 1 53 ? -7.857  6.389   -3.006  1.00 46.33  ? 36  GLU A O   1 
ATOM   339 C CB  . GLU A 1 53 ? -10.200 7.383   -1.558  1.00 57.95  ? 36  GLU A CB  1 
ATOM   340 C CG  . GLU A 1 53 ? -11.216 8.455   -1.184  1.00 64.41  ? 36  GLU A CG  1 
ATOM   341 C CD  . GLU A 1 53 ? -10.778 9.818   -1.661  1.00 68.88  ? 36  GLU A CD  1 
ATOM   342 O OE1 . GLU A 1 53 ? -9.657  10.230  -1.281  1.00 72.19  ? 36  GLU A OE1 1 
ATOM   343 O OE2 . GLU A 1 53 ? -11.535 10.456  -2.425  1.00 72.31  ? 36  GLU A OE2 1 
ATOM   344 N N   . ASP A 1 54 ? -9.305  5.094   -4.117  1.00 45.10  ? 37  ASP A N   1 
ATOM   345 C CA  . ASP A 1 54 ? -8.266  4.093   -4.464  1.00 43.89  ? 37  ASP A CA  1 
ATOM   346 C C   . ASP A 1 54 ? -7.142  4.722   -5.233  1.00 41.85  ? 37  ASP A C   1 
ATOM   347 O O   . ASP A 1 54 ? -7.383  5.540   -6.101  1.00 42.74  ? 37  ASP A O   1 
ATOM   348 C CB  . ASP A 1 54 ? -8.838  2.958   -5.295  1.00 43.90  ? 37  ASP A CB  1 
ATOM   349 C CG  . ASP A 1 54 ? -9.813  2.133   -4.544  1.00 44.90  ? 37  ASP A CG  1 
ATOM   350 O OD1 . ASP A 1 54 ? -9.994  2.359   -3.329  1.00 45.19  ? 37  ASP A OD1 1 
ATOM   351 O OD2 . ASP A 1 54 ? -10.425 1.250   -5.163  1.00 47.00  ? 37  ASP A OD2 1 
ATOM   352 N N   . THR A 1 55 ? -5.911  4.368   -4.899  1.00 41.01  ? 38  THR A N   1 
ATOM   353 C CA  . THR A 1 55 ? -4.761  4.895   -5.608  1.00 41.52  ? 38  THR A CA  1 
ATOM   354 C C   . THR A 1 55 ? -3.764  3.789   -5.941  1.00 39.36  ? 38  THR A C   1 
ATOM   355 O O   . THR A 1 55 ? -3.619  2.810   -5.201  1.00 37.35  ? 38  THR A O   1 
ATOM   356 C CB  . THR A 1 55 ? -4.060  5.999   -4.792  1.00 43.24  ? 38  THR A CB  1 
ATOM   357 O OG1 . THR A 1 55 ? -3.602  5.451   -3.554  1.00 42.94  ? 38  THR A OG1 1 
ATOM   358 C CG2 . THR A 1 55 ? -5.000  7.190   -4.524  1.00 47.47  ? 38  THR A CG2 1 
ATOM   359 N N   . TRP A 1 56 ? -3.078  3.948   -7.074  1.00 39.37  ? 39  TRP A N   1 
ATOM   360 C CA  . TRP A 1 56 ? -2.019  3.028   -7.489  1.00 38.52  ? 39  TRP A CA  1 
ATOM   361 C C   . TRP A 1 56 ? -0.703  3.305   -6.790  1.00 37.88  ? 39  TRP A C   1 
ATOM   362 O O   . TRP A 1 56 ? -0.179  4.396   -6.866  1.00 40.35  ? 39  TRP A O   1 
ATOM   363 C CB  . TRP A 1 56 ? -1.816  3.113   -9.019  1.00 39.13  ? 39  TRP A CB  1 
ATOM   364 C CG  . TRP A 1 56 ? -2.976  2.585   -9.774  1.00 38.60  ? 39  TRP A CG  1 
ATOM   365 C CD1 . TRP A 1 56 ? -4.000  3.309   -10.314 1.00 39.34  ? 39  TRP A CD1 1 
ATOM   366 C CD2 . TRP A 1 56 ? -3.226  1.214   -10.110 1.00 38.47  ? 39  TRP A CD2 1 
ATOM   367 N NE1 . TRP A 1 56 ? -4.886  2.471   -10.929 1.00 39.55  ? 39  TRP A NE1 1 
ATOM   368 C CE2 . TRP A 1 56 ? -4.431  1.181   -10.838 1.00 39.32  ? 39  TRP A CE2 1 
ATOM   369 C CE3 . TRP A 1 56 ? -2.551  0.012   -9.860  1.00 37.63  ? 39  TRP A CE3 1 
ATOM   370 C CZ2 . TRP A 1 56 ? -4.989  -0.011  -11.316 1.00 39.31  ? 39  TRP A CZ2 1 
ATOM   371 C CZ3 . TRP A 1 56 ? -3.096  -1.173  -10.332 1.00 38.75  ? 39  TRP A CZ3 1 
ATOM   372 C CH2 . TRP A 1 56 ? -4.298  -1.174  -11.073 1.00 39.01  ? 39  TRP A CH2 1 
ATOM   373 N N   . GLU A 1 57 ? -0.150  2.324   -6.108  1.00 37.67  ? 40  GLU A N   1 
ATOM   374 C CA  . GLU A 1 57 ? 1.051   2.553   -5.341  1.00 38.72  ? 40  GLU A CA  1 
ATOM   375 C C   . GLU A 1 57 ? 2.133   1.562   -5.691  1.00 38.58  ? 40  GLU A C   1 
ATOM   376 O O   . GLU A 1 57 ? 1.851   0.393   -5.942  1.00 37.85  ? 40  GLU A O   1 
ATOM   377 C CB  . GLU A 1 57 ? 0.752   2.458   -3.830  1.00 39.93  ? 40  GLU A CB  1 
ATOM   378 C CG  . GLU A 1 57 ? -0.368  3.396   -3.368  1.00 40.59  ? 40  GLU A CG  1 
ATOM   379 C CD  . GLU A 1 57 ? -0.010  4.863   -3.491  1.00 43.03  ? 40  GLU A CD  1 
ATOM   380 O OE1 . GLU A 1 57 ? 1.196   5.199   -3.578  1.00 43.59  ? 40  GLU A OE1 1 
ATOM   381 O OE2 . GLU A 1 57 ? -0.947  5.696   -3.479  1.00 46.34  ? 40  GLU A OE2 1 
ATOM   382 N N   . PRO A 1 58 ? 3.388   2.022   -5.653  1.00 41.13  ? 41  PRO A N   1 
ATOM   383 C CA  . PRO A 1 58 ? 4.492   1.166   -5.990  1.00 42.47  ? 41  PRO A CA  1 
ATOM   384 C C   . PRO A 1 58 ? 4.678   0.078   -4.956  1.00 42.35  ? 41  PRO A C   1 
ATOM   385 O O   . PRO A 1 58 ? 4.514   0.319   -3.747  1.00 39.47  ? 41  PRO A O   1 
ATOM   386 C CB  . PRO A 1 58 ? 5.687   2.128   -6.036  1.00 44.88  ? 41  PRO A CB  1 
ATOM   387 C CG  . PRO A 1 58 ? 5.319   3.204   -5.123  1.00 45.63  ? 41  PRO A CG  1 
ATOM   388 C CD  . PRO A 1 58 ? 3.843   3.362   -5.231  1.00 43.87  ? 41  PRO A CD  1 
ATOM   389 N N   . GLU A 1 59 ? 5.018   -1.113  -5.452  1.00 41.06  ? 42  GLU A N   1 
ATOM   390 C CA  . GLU A 1 59 ? 5.180   -2.324  -4.646  1.00 42.39  ? 42  GLU A CA  1 
ATOM   391 C C   . GLU A 1 59 ? 6.140   -2.140  -3.472  1.00 44.17  ? 42  GLU A C   1 
ATOM   392 O O   . GLU A 1 59 ? 5.931   -2.688  -2.405  1.00 44.42  ? 42  GLU A O   1 
ATOM   393 C CB  . GLU A 1 59 ? 5.772   -3.401  -5.547  1.00 44.50  ? 42  GLU A CB  1 
ATOM   394 C CG  . GLU A 1 59 ? 5.964   -4.766  -4.940  1.00 46.39  ? 42  GLU A CG  1 
ATOM   395 C CD  . GLU A 1 59 ? 6.336   -5.779  -6.012  1.00 48.63  ? 42  GLU A CD  1 
ATOM   396 O OE1 . GLU A 1 59 ? 5.462   -6.577  -6.395  1.00 50.31  ? 42  GLU A OE1 1 
ATOM   397 O OE2 . GLU A 1 59 ? 7.471   -5.740  -6.506  1.00 47.71  ? 42  GLU A OE2 1 
ATOM   398 N N   . HIS A 1 60 ? 7.233   -1.421  -3.728  1.00 47.79  ? 43  HIS A N   1 
ATOM   399 C CA  . HIS A 1 60 ? 8.294   -1.198  -2.750  1.00 52.55  ? 43  HIS A CA  1 
ATOM   400 C C   . HIS A 1 60 ? 7.906   -0.236  -1.588  1.00 52.95  ? 43  HIS A C   1 
ATOM   401 O O   . HIS A 1 60 ? 8.687   -0.068  -0.675  1.00 52.69  ? 43  HIS A O   1 
ATOM   402 C CB  . HIS A 1 60 ? 9.596   -0.738  -3.434  1.00 55.51  ? 43  HIS A CB  1 
ATOM   403 C CG  . HIS A 1 60 ? 9.460   0.519   -4.242  1.00 57.32  ? 43  HIS A CG  1 
ATOM   404 N ND1 . HIS A 1 60 ? 9.552   1.779   -3.686  1.00 60.21  ? 43  HIS A ND1 1 
ATOM   405 C CD2 . HIS A 1 60 ? 9.250   0.712   -5.566  1.00 59.09  ? 43  HIS A CD2 1 
ATOM   406 C CE1 . HIS A 1 60 ? 9.398   2.690   -4.631  1.00 60.93  ? 43  HIS A CE1 1 
ATOM   407 N NE2 . HIS A 1 60 ? 9.210   2.068   -5.780  1.00 60.31  ? 43  HIS A NE2 1 
ATOM   408 N N   . HIS A 1 61 ? 6.732   0.394   -1.636  1.00 53.42  ? 44  HIS A N   1 
ATOM   409 C CA  . HIS A 1 61 ? 6.186   1.137   -0.476  1.00 53.95  ? 44  HIS A CA  1 
ATOM   410 C C   . HIS A 1 61 ? 5.157   0.341   0.296   1.00 50.70  ? 44  HIS A C   1 
ATOM   411 O O   . HIS A 1 61 ? 4.589   0.864   1.257   1.00 49.23  ? 44  HIS A O   1 
ATOM   412 C CB  . HIS A 1 61 ? 5.546   2.458   -0.907  1.00 56.62  ? 44  HIS A CB  1 
ATOM   413 C CG  . HIS A 1 61 ? 6.497   3.409   -1.560  1.00 61.81  ? 44  HIS A CG  1 
ATOM   414 N ND1 . HIS A 1 61 ? 6.074   4.440   -2.373  1.00 64.86  ? 44  HIS A ND1 1 
ATOM   415 C CD2 . HIS A 1 61 ? 7.850   3.475   -1.539  1.00 65.66  ? 44  HIS A CD2 1 
ATOM   416 C CE1 . HIS A 1 61 ? 7.126   5.091   -2.837  1.00 66.55  ? 44  HIS A CE1 1 
ATOM   417 N NE2 . HIS A 1 61 ? 8.215   4.528   -2.343  1.00 67.99  ? 44  HIS A NE2 1 
ATOM   418 N N   . LEU A 1 62 ? 4.920   -0.913  -0.085  1.00 47.61  ? 45  LEU A N   1 
ATOM   419 C CA  . LEU A 1 62 ? 3.951   -1.756  0.597   1.00 46.14  ? 45  LEU A CA  1 
ATOM   420 C C   . LEU A 1 62 ? 4.625   -2.730  1.501   1.00 48.70  ? 45  LEU A C   1 
ATOM   421 O O   . LEU A 1 62 ? 5.653   -3.279  1.137   1.00 48.12  ? 45  LEU A O   1 
ATOM   422 C CB  . LEU A 1 62 ? 3.101   -2.514  -0.391  1.00 46.74  ? 45  LEU A CB  1 
ATOM   423 C CG  . LEU A 1 62 ? 2.245   -1.569  -1.221  1.00 47.09  ? 45  LEU A CG  1 
ATOM   424 C CD1 . LEU A 1 62 ? 1.474   -2.348  -2.262  1.00 47.80  ? 45  LEU A CD1 1 
ATOM   425 C CD2 . LEU A 1 62 ? 1.293   -0.782  -0.321  1.00 48.02  ? 45  LEU A CD2 1 
ATOM   426 N N   . LEU A 1 63 ? 4.048   -2.921  2.692   1.00 49.00  ? 46  LEU A N   1 
ATOM   427 C CA  . LEU A 1 63 ? 4.556   -3.829  3.722   1.00 50.87  ? 46  LEU A CA  1 
ATOM   428 C C   . LEU A 1 63 ? 3.468   -4.784  4.180   1.00 51.44  ? 46  LEU A C   1 
ATOM   429 O O   . LEU A 1 63 ? 2.296   -4.437  4.198   1.00 49.76  ? 46  LEU A O   1 
ATOM   430 C CB  . LEU A 1 63 ? 5.014   -3.057  4.951   1.00 52.36  ? 46  LEU A CB  1 
ATOM   431 C CG  . LEU A 1 63 ? 6.092   -1.987  4.867   1.00 53.85  ? 46  LEU A CG  1 
ATOM   432 C CD1 . LEU A 1 63 ? 6.164   -1.289  6.222   1.00 55.03  ? 46  LEU A CD1 1 
ATOM   433 C CD2 . LEU A 1 63 ? 7.446   -2.590  4.516   1.00 55.11  ? 46  LEU A CD2 1 
ATOM   434 N N   . HIS A 1 64 ? 3.872   -5.983  4.575   1.00 55.35  ? 47  HIS A N   1 
ATOM   435 C CA  . HIS A 1 64 ? 2.998   -6.968  5.191   1.00 59.08  ? 47  HIS A CA  1 
ATOM   436 C C   . HIS A 1 64 ? 3.443   -7.207  6.651   1.00 61.09  ? 47  HIS A C   1 
ATOM   437 O O   . HIS A 1 64 ? 4.624   -7.431  6.902   1.00 62.18  ? 47  HIS A O   1 
ATOM   438 C CB  . HIS A 1 64 ? 3.054   -8.277  4.385   1.00 63.72  ? 47  HIS A CB  1 
ATOM   439 C CG  . HIS A 1 64 ? 2.409   -9.426  5.085   1.00 68.49  ? 47  HIS A CG  1 
ATOM   440 N ND1 . HIS A 1 64 ? 1.138   -9.343  5.619   1.00 71.60  ? 47  HIS A ND1 1 
ATOM   441 C CD2 . HIS A 1 64 ? 2.866   -10.662 5.388   1.00 72.76  ? 47  HIS A CD2 1 
ATOM   442 C CE1 . HIS A 1 64 ? 0.834   -10.485 6.210   1.00 73.90  ? 47  HIS A CE1 1 
ATOM   443 N NE2 . HIS A 1 64 ? 1.867   -11.302 6.083   1.00 76.56  ? 47  HIS A NE2 1 
ATOM   444 N N   . CYS A 1 65 ? 2.493   -7.195  7.590   1.00 62.15  ? 48  CYS A N   1 
ATOM   445 C CA  . CYS A 1 65 ? 2.783   -7.304  9.033   1.00 65.06  ? 48  CYS A CA  1 
ATOM   446 C C   . CYS A 1 65 ? 2.077   -8.486  9.707   1.00 68.50  ? 48  CYS A C   1 
ATOM   447 O O   . CYS A 1 65 ? 0.959   -8.840  9.337   1.00 71.91  ? 48  CYS A O   1 
ATOM   448 C CB  . CYS A 1 65 ? 2.398   -5.994  9.736   1.00 63.06  ? 48  CYS A CB  1 
ATOM   449 S SG  . CYS A 1 65 ? 3.258   -4.563  9.038   1.00 59.23  ? 48  CYS A SG  1 
ATOM   450 N N   . GLU A 1 66 ? 2.743   -9.073  10.709  1.00 70.64  ? 49  GLU A N   1 
ATOM   451 C CA  . GLU A 1 66 ? 2.277   -10.253 11.437  1.00 72.06  ? 49  GLU A CA  1 
ATOM   452 C C   . GLU A 1 66 ? 2.566   -10.084 12.937  1.00 71.83  ? 49  GLU A C   1 
ATOM   453 O O   . GLU A 1 66 ? 3.559   -9.461  13.302  1.00 70.89  ? 49  GLU A O   1 
ATOM   454 C CB  . GLU A 1 66 ? 3.037   -11.507 10.970  1.00 76.47  ? 49  GLU A CB  1 
ATOM   455 C CG  . GLU A 1 66 ? 3.447   -11.577 9.493   1.00 77.44  ? 49  GLU A CG  1 
ATOM   456 C CD  . GLU A 1 66 ? 4.579   -12.576 9.238   1.00 83.00  ? 49  GLU A CD  1 
ATOM   457 O OE1 . GLU A 1 66 ? 5.622   -12.522 9.945   1.00 86.29  ? 49  GLU A OE1 1 
ATOM   458 O OE2 . GLU A 1 66 ? 4.434   -13.416 8.321   1.00 84.53  ? 49  GLU A OE2 1 
ATOM   459 N N   . GLU A 1 67 ? 1.717   -10.662 13.792  1.00 70.16  ? 50  GLU A N   1 
ATOM   460 C CA  . GLU A 1 67 ? 1.972   -10.745 15.220  1.00 70.89  ? 50  GLU A CA  1 
ATOM   461 C C   . GLU A 1 67 ? 3.390   -11.249 15.436  1.00 70.28  ? 50  GLU A C   1 
ATOM   462 O O   . GLU A 1 67 ? 3.838   -12.137 14.727  1.00 70.64  ? 50  GLU A O   1 
ATOM   463 C CB  . GLU A 1 67 ? 0.978   -11.684 15.900  1.00 74.16  ? 50  GLU A CB  1 
ATOM   464 N N   . PHE A 1 68 ? 4.112   -10.627 16.359  1.00 69.48  ? 51  PHE A N   1 
ATOM   465 C CA  . PHE A 1 68 ? 5.516   -10.985 16.617  1.00 71.01  ? 51  PHE A CA  1 
ATOM   466 C C   . PHE A 1 68 ? 5.609   -12.335 17.344  1.00 74.47  ? 51  PHE A C   1 
ATOM   467 O O   . PHE A 1 68 ? 5.016   -12.510 18.415  1.00 75.99  ? 51  PHE A O   1 
ATOM   468 C CB  . PHE A 1 68 ? 6.226   -9.901  17.447  1.00 71.03  ? 51  PHE A CB  1 
ATOM   469 C CG  . PHE A 1 68 ? 7.657   -10.234 17.806  1.00 72.60  ? 51  PHE A CG  1 
ATOM   470 C CD1 . PHE A 1 68 ? 8.643   -10.299 16.816  1.00 71.28  ? 51  PHE A CD1 1 
ATOM   471 C CD2 . PHE A 1 68 ? 8.024   -10.487 19.130  1.00 75.87  ? 51  PHE A CD2 1 
ATOM   472 C CE1 . PHE A 1 68 ? 9.962   -10.604 17.145  1.00 74.10  ? 51  PHE A CE1 1 
ATOM   473 C CE2 . PHE A 1 68 ? 9.340   -10.788 19.456  1.00 78.36  ? 51  PHE A CE2 1 
ATOM   474 C CZ  . PHE A 1 68 ? 10.307  -10.850 18.461  1.00 77.44  ? 51  PHE A CZ  1 
ATOM   475 N N   . ILE A 1 69 ? 6.355   -13.261 16.733  1.00 76.25  ? 52  ILE A N   1 
ATOM   476 C CA  . ILE A 1 69 ? 6.668   -14.590 17.298  1.00 81.42  ? 52  ILE A CA  1 
ATOM   477 C C   . ILE A 1 69 ? 8.193   -14.695 17.450  1.00 83.46  ? 52  ILE A C   1 
ATOM   478 O O   . ILE A 1 69 ? 8.913   -14.614 16.455  1.00 82.36  ? 52  ILE A O   1 
ATOM   479 C CB  . ILE A 1 69 ? 6.168   -15.700 16.344  1.00 81.32  ? 52  ILE A CB  1 
ATOM   480 N N   . ASP A 1 70 ? 8.688   -14.873 18.675  1.00 88.25  ? 53  ASP A N   1 
ATOM   481 C CA  . ASP A 1 70 ? 10.138  -14.805 18.939  1.00 90.95  ? 53  ASP A CA  1 
ATOM   482 C C   . ASP A 1 70 ? 10.872  -16.022 18.348  1.00 94.85  ? 53  ASP A C   1 
ATOM   483 O O   . ASP A 1 70 ? 11.254  -16.953 19.060  1.00 98.96  ? 53  ASP A O   1 
ATOM   484 C CB  . ASP A 1 70 ? 10.387  -14.644 20.441  1.00 94.31  ? 53  ASP A CB  1 
ATOM   485 C CG  . ASP A 1 70 ? 11.807  -14.209 20.774  1.00 95.54  ? 53  ASP A CG  1 
ATOM   486 O OD1 . ASP A 1 70 ? 12.579  -13.860 19.863  1.00 93.95  ? 53  ASP A OD1 1 
ATOM   487 O OD2 . ASP A 1 70 ? 12.150  -14.196 21.968  1.00 97.51  ? 53  ASP A OD2 1 
ATOM   488 N N   . GLU A 1 71 ? 11.055  -15.972 17.027  1.00 95.01  ? 54  GLU A N   1 
ATOM   489 C CA  . GLU A 1 71 ? 11.510  -17.100 16.202  1.00 98.89  ? 54  GLU A CA  1 
ATOM   490 C C   . GLU A 1 71 ? 12.566  -16.634 15.203  1.00 98.76  ? 54  GLU A C   1 
ATOM   491 O O   . GLU A 1 71 ? 13.618  -17.264 15.066  1.00 104.13 ? 54  GLU A O   1 
ATOM   492 C CB  . GLU A 1 71 ? 10.330  -17.696 15.422  1.00 97.31  ? 54  GLU A CB  1 
ATOM   493 N N   . ARG B 2 5  ? 0.189   12.034  -3.225  1.00 69.53  ? 25  ARG B N   1 
ATOM   494 C CA  . ARG B 2 5  ? 0.402   10.794  -2.416  1.00 70.48  ? 25  ARG B CA  1 
ATOM   495 C C   . ARG B 2 5  ? 0.168   11.016  -0.915  1.00 70.24  ? 25  ARG B C   1 
ATOM   496 O O   . ARG B 2 5  ? -0.042  12.144  -0.450  1.00 70.02  ? 25  ARG B O   1 
ATOM   497 C CB  . ARG B 2 5  ? 1.816   10.237  -2.639  1.00 67.32  ? 25  ARG B CB  1 
HETATM 498 N N   . MLY B 2 6  ? 0.204   9.913   -0.174  1.00 67.99  ? 26  MLY B N   1 
HETATM 499 C CA  . MLY B 2 6  ? 0.194   9.947   1.287   1.00 64.71  ? 26  MLY B CA  1 
HETATM 500 C CB  . MLY B 2 6  ? -0.202  8.591   1.868   1.00 60.67  ? 26  MLY B CB  1 
HETATM 501 C CG  . MLY B 2 6  ? -1.711  8.558   2.029   1.00 58.33  ? 26  MLY B CG  1 
HETATM 502 C CD  . MLY B 2 6  ? -2.253  7.155   1.900   1.00 53.73  ? 26  MLY B CD  1 
HETATM 503 C CE  . MLY B 2 6  ? -3.732  7.184   2.242   1.00 51.58  ? 26  MLY B CE  1 
HETATM 504 N NZ  . MLY B 2 6  ? -4.592  8.094   1.468   1.00 52.63  ? 26  MLY B NZ  1 
HETATM 505 C CH1 . MLY B 2 6  ? -4.421  8.070   0.000   1.00 51.31  ? 26  MLY B CH1 1 
HETATM 506 C CH2 . MLY B 2 6  ? -6.010  7.865   1.835   1.00 49.47  ? 26  MLY B CH2 1 
HETATM 507 C C   . MLY B 2 6  ? 1.547   10.304  1.829   1.00 68.45  ? 26  MLY B C   1 
HETATM 508 O O   . MLY B 2 6  ? 2.485   9.506   1.739   1.00 71.62  ? 26  MLY B O   1 
ATOM   509 N N   . SER B 2 7  ? 1.643   11.526  2.356   1.00 67.66  ? 27  SER B N   1 
ATOM   510 C CA  . SER B 2 7  ? 2.695   11.958  3.293   1.00 71.06  ? 27  SER B CA  1 
ATOM   511 C C   . SER B 2 7  ? 2.538   13.441  3.634   1.00 72.04  ? 27  SER B C   1 
ATOM   512 O O   . SER B 2 7  ? 2.371   14.271  2.736   1.00 77.29  ? 27  SER B O   1 
ATOM   513 C CB  . SER B 2 7  ? 4.112   11.681  2.780   1.00 71.56  ? 27  SER B CB  1 
ATOM   514 O OG  . SER B 2 7  ? 4.608   10.494  3.369   1.00 71.74  ? 27  SER B OG  1 
ATOM   515 N N   . ALA B 2 8  ? 2.583   13.763  4.928   1.00 73.31  ? 28  ALA B N   1 
ATOM   516 C CA  . ALA B 2 8  ? 2.407   15.140  5.395   1.00 71.97  ? 28  ALA B CA  1 
HETATM 517 O O   . HOH C 3 .  ? -9.403  12.396  4.350   1.00 51.37  ? 101 HOH A O   1 
HETATM 518 O O   . HOH C 3 .  ? 1.828   -1.222  -18.655 1.00 43.74  ? 102 HOH A O   1 
HETATM 519 O O   . HOH C 3 .  ? -7.040  8.399   -1.373  1.00 53.25  ? 103 HOH A O   1 
HETATM 520 O O   . HOH C 3 .  ? -5.591  -7.497  -0.348  1.00 44.75  ? 104 HOH A O   1 
HETATM 521 O O   . HOH C 3 .  ? 7.887   -4.235  -8.764  1.00 46.75  ? 105 HOH A O   1 
HETATM 522 O O   . HOH C 3 .  ? -3.523  6.289   -8.485  1.00 45.74  ? 106 HOH A O   1 
HETATM 523 O O   . HOH C 3 .  ? -3.475  3.735   9.116   1.00 43.23  ? 107 HOH A O   1 
HETATM 524 O O   . HOH C 3 .  ? -9.529  3.796   -0.989  1.00 36.62  ? 108 HOH A O   1 
HETATM 525 O O   . HOH C 3 .  ? -6.002  4.032   5.741   1.00 43.92  ? 109 HOH A O   1 
HETATM 526 O O   . HOH C 3 .  ? 0.248   -4.502  -16.485 1.00 39.46  ? 110 HOH A O   1 
HETATM 527 O O   . HOH C 3 .  ? 7.032   -0.307  -8.034  1.00 55.42  ? 111 HOH A O   1 
HETATM 528 O O   . HOH C 3 .  ? -11.186 1.489   -7.941  1.00 55.10  ? 112 HOH A O   1 
HETATM 529 O O   . HOH C 3 .  ? 4.919   9.650   0.056   1.00 56.12  ? 113 HOH A O   1 
HETATM 530 O O   . HOH C 3 .  ? -12.379 10.168  -7.182  1.00 68.92  ? 114 HOH A O   1 
HETATM 531 O O   . HOH C 3 .  ? 3.988   6.301   -3.611  1.00 54.09  ? 115 HOH A O   1 
HETATM 532 O O   . HOH C 3 .  ? -2.167  6.505   -11.382 1.00 61.60  ? 116 HOH A O   1 
HETATM 533 O O   . HOH C 3 .  ? 9.664   -2.359  -7.067  1.00 65.76  ? 117 HOH A O   1 
# 
loop_
_atom_site_anisotrop.id 
_atom_site_anisotrop.type_symbol 
_atom_site_anisotrop.pdbx_label_atom_id 
_atom_site_anisotrop.pdbx_label_alt_id 
_atom_site_anisotrop.pdbx_label_comp_id 
_atom_site_anisotrop.pdbx_label_asym_id 
_atom_site_anisotrop.pdbx_label_seq_id 
_atom_site_anisotrop.pdbx_PDB_ins_code 
_atom_site_anisotrop.U[1][1] 
_atom_site_anisotrop.U[2][2] 
_atom_site_anisotrop.U[3][3] 
_atom_site_anisotrop.U[1][2] 
_atom_site_anisotrop.U[1][3] 
_atom_site_anisotrop.U[2][3] 
_atom_site_anisotrop.pdbx_auth_seq_id 
_atom_site_anisotrop.pdbx_auth_comp_id 
_atom_site_anisotrop.pdbx_auth_asym_id 
_atom_site_anisotrop.pdbx_auth_atom_id 
1   N N   . ASN A 13 ? 0.9770 0.9147 0.7035 0.0211  0.0089  0.0407  -4 ASN A N   
2   C CA  . ASN A 13 ? 0.9263 0.9099 0.6645 0.0320  0.0100  0.0277  -4 ASN A CA  
3   C C   . ASN A 13 ? 0.8614 0.8569 0.6294 0.0476  0.0009  0.0082  -4 ASN A C   
4   O O   . ASN A 13 ? 0.8691 0.8602 0.6335 0.0652  -0.0113 0.0051  -4 ASN A O   
5   C CB  . ASN A 13 ? 1.0057 0.9888 0.7089 0.0428  0.0052  0.0371  -4 ASN A CB  
6   C CG  . ASN A 13 ? 1.0815 1.0438 0.7488 0.0264  0.0140  0.0618  -4 ASN A CG  
7   O OD1 . ASN A 13 ? 1.1247 1.0483 0.7838 0.0125  0.0151  0.0751  -4 ASN A OD1 
8   N ND2 . ASN A 13 ? 1.1223 1.1078 0.7650 0.0264  0.0209  0.0681  -4 ASN A ND2 
9   N N   . LEU A 14 ? 0.7466 0.7601 0.5447 0.0403  0.0068  -0.0036 -3 LEU A N   
10  C CA  . LEU A 14 ? 0.7120 0.7345 0.5379 0.0497  0.0012  -0.0189 -3 LEU A CA  
11  C C   . LEU A 14 ? 0.6493 0.7026 0.4880 0.0544  0.0001  -0.0333 -3 LEU A C   
12  O O   . LEU A 14 ? 0.6467 0.7158 0.4793 0.0501  0.0075  -0.0344 -3 LEU A O   
13  C CB  . LEU A 14 ? 0.7091 0.7234 0.5532 0.0396  0.0066  -0.0215 -3 LEU A CB  
14  C CG  . LEU A 14 ? 0.7769 0.7538 0.6024 0.0309  0.0072  -0.0094 -3 LEU A CG  
15  C CD1 . LEU A 14 ? 0.7798 0.7528 0.6185 0.0170  0.0117  -0.0128 -3 LEU A CD1 
16  C CD2 . LEU A 14 ? 0.8099 0.7585 0.6244 0.0485  -0.0020 -0.0082 -3 LEU A CD2 
17  N N   . TYR A 15 ? 0.6170 0.6784 0.4737 0.0631  -0.0087 -0.0449 -2 TYR A N   
18  C CA  . TYR A 15 ? 0.5959 0.6765 0.4661 0.0638  -0.0115 -0.0602 -2 TYR A CA  
19  C C   . TYR A 15 ? 0.5816 0.6661 0.4815 0.0617  -0.0137 -0.0686 -2 TYR A C   
20  O O   . TYR A 15 ? 0.5970 0.6800 0.5078 0.0658  -0.0172 -0.0658 -2 TYR A O   
21  C CB  . TYR A 15 ? 0.6203 0.7110 0.4759 0.0729  -0.0239 -0.0660 -2 TYR A CB  
22  C CG  . TYR A 15 ? 0.6655 0.7564 0.4868 0.0753  -0.0204 -0.0595 -2 TYR A CG  
23  C CD1 . TYR A 15 ? 0.7074 0.7837 0.5033 0.0770  -0.0193 -0.0411 -2 TYR A CD1 
24  C CD2 . TYR A 15 ? 0.6814 0.7843 0.4914 0.0768  -0.0176 -0.0711 -2 TYR A CD2 
25  C CE1 . TYR A 15 ? 0.7334 0.8117 0.4948 0.0769  -0.0138 -0.0322 -2 TYR A CE1 
26  C CE2 . TYR A 15 ? 0.7216 0.8300 0.4976 0.0801  -0.0115 -0.0650 -2 TYR A CE2 
27  C CZ  . TYR A 15 ? 0.7468 0.8453 0.4992 0.0786  -0.0089 -0.0443 -2 TYR A CZ  
28  O OH  . TYR A 15 ? 0.8130 0.9193 0.5294 0.0799  -0.0009 -0.0362 -2 TYR A OH  
29  N N   . PHE A 16 ? 0.5538 0.6427 0.4653 0.0566  -0.0110 -0.0785 -1 PHE A N   
30  C CA  . PHE A 16 ? 0.5467 0.6387 0.4832 0.0517  -0.0137 -0.0859 -1 PHE A CA  
31  C C   . PHE A 16 ? 0.5775 0.6794 0.5170 0.0515  -0.0263 -0.0979 -1 PHE A C   
32  O O   . PHE A 16 ? 0.5414 0.6408 0.4625 0.0544  -0.0302 -0.1061 -1 PHE A O   
33  C CB  . PHE A 16 ? 0.5322 0.6156 0.4747 0.0462  -0.0059 -0.0881 -1 PHE A CB  
34  C CG  . PHE A 16 ? 0.5388 0.6194 0.5009 0.0385  -0.0078 -0.0935 -1 PHE A CG  
35  C CD1 . PHE A 16 ? 0.5385 0.6205 0.5153 0.0339  -0.0023 -0.0870 -1 PHE A CD1 
36  C CD2 . PHE A 16 ? 0.5675 0.6397 0.5289 0.0353  -0.0138 -0.1048 -1 PHE A CD2 
37  C CE1 . PHE A 16 ? 0.5442 0.6246 0.5367 0.0242  -0.0017 -0.0889 -1 PHE A CE1 
38  C CE2 . PHE A 16 ? 0.5866 0.6501 0.5632 0.0242  -0.0152 -0.1073 -1 PHE A CE2 
39  C CZ  . PHE A 16 ? 0.5775 0.6472 0.5704 0.0177  -0.0082 -0.0977 -1 PHE A CZ  
40  N N   . GLN A 17 ? 0.5645 0.6806 0.5271 0.0477  -0.0327 -0.1001 0  GLN A N   
41  C CA  . GLN A 17 ? 0.6163 0.7456 0.5880 0.0417  -0.0469 -0.1124 0  GLN A CA  
42  C C   . GLN A 17 ? 0.6199 0.7415 0.6110 0.0256  -0.0448 -0.1185 0  GLN A C   
43  O O   . GLN A 17 ? 0.6449 0.7740 0.6580 0.0190  -0.0373 -0.1117 0  GLN A O   
44  C CB  . GLN A 17 ? 0.6372 0.7961 0.6257 0.0468  -0.0570 -0.1101 0  GLN A CB  
45  C CG  . GLN A 17 ? 0.6844 0.8645 0.6858 0.0373  -0.0749 -0.1233 0  GLN A CG  
46  C CD  . GLN A 17 ? 0.7204 0.9307 0.7234 0.0501  -0.0902 -0.1221 0  GLN A CD  
47  O OE1 . GLN A 17 ? 0.7308 0.9566 0.7451 0.0634  -0.0872 -0.1115 0  GLN A OE1 
48  N NE2 . GLN A 17 ? 0.7794 0.9965 0.7683 0.0486  -0.1082 -0.1336 0  GLN A NE2 
49  N N   . GLY A 18 ? 0.6278 0.7314 0.6068 0.0198  -0.0517 -0.1311 1  GLY A N   
50  C CA  . GLY A 18 ? 0.6512 0.7362 0.6423 0.0032  -0.0522 -0.1366 1  GLY A CA  
51  C C   . GLY A 18 ? 0.6632 0.7714 0.6833 -0.0155 -0.0627 -0.1401 1  GLY A C   
52  O O   . GLY A 18 ? 0.6490 0.7900 0.6785 -0.0131 -0.0740 -0.1429 1  GLY A O   
53  N N   . ALA A 19 ? 0.6920 0.7846 0.7261 -0.0347 -0.0593 -0.1386 2  ALA A N   
54  C CA  . ALA A 19 ? 0.7187 0.8328 0.7828 -0.0600 -0.0682 -0.1415 2  ALA A CA  
55  C C   . ALA A 19 ? 0.7519 0.8640 0.8075 -0.0680 -0.0906 -0.1602 2  ALA A C   
56  O O   . ALA A 19 ? 0.7663 0.9191 0.8476 -0.0803 -0.1035 -0.1642 2  ALA A O   
57  C CB  . ALA A 19 ? 0.7478 0.8318 0.8176 -0.0811 -0.0601 -0.1350 2  ALA A CB  
58  N N   . SER A 20 ? 0.7808 0.8482 0.7989 -0.0587 -0.0954 -0.1726 3  SER A N   
59  C CA  . SER A 20 ? 0.8198 0.8781 0.8150 -0.0584 -0.1159 -0.1933 3  SER A CA  
60  C C   . SER A 20 ? 0.7881 0.8892 0.7793 -0.0427 -0.1260 -0.1954 3  SER A C   
61  O O   . SER A 20 ? 0.8144 0.9162 0.7898 -0.0458 -0.1459 -0.2122 3  SER A O   
62  C CB  . SER A 20 ? 0.8461 0.8516 0.7972 -0.0412 -0.1127 -0.2045 3  SER A CB  
63  O OG  . SER A 20 ? 0.8247 0.8419 0.7613 -0.0143 -0.0978 -0.1946 3  SER A OG  
64  N N   . GLY A 21 ? 0.7387 0.8674 0.7373 -0.0246 -0.1135 -0.1788 4  GLY A N   
65  C CA  . GLY A 21 ? 0.7358 0.8955 0.7243 -0.0065 -0.1219 -0.1767 4  GLY A CA  
66  C C   . GLY A 21 ? 0.7408 0.8805 0.6876 0.0168  -0.1132 -0.1736 4  GLY A C   
67  O O   . GLY A 21 ? 0.7342 0.8932 0.6702 0.0324  -0.1151 -0.1648 4  GLY A O   
68  N N   . ASP A 22 ? 0.7512 0.8534 0.6747 0.0194  -0.1033 -0.1796 5  ASP A N   
69  C CA  . ASP A 22 ? 0.7631 0.8539 0.6485 0.0394  -0.0940 -0.1785 5  ASP A CA  
70  C C   . ASP A 22 ? 0.7091 0.8090 0.6009 0.0486  -0.0758 -0.1570 5  ASP A C   
71  O O   . ASP A 22 ? 0.6535 0.7559 0.5736 0.0413  -0.0678 -0.1470 5  ASP A O   
72  C CB  . ASP A 22 ? 0.8031 0.8570 0.6678 0.0425  -0.0880 -0.1919 5  ASP A CB  
73  C CG  . ASP A 22 ? 0.8368 0.8861 0.6583 0.0620  -0.0843 -0.2000 5  ASP A CG  
74  O OD1 . ASP A 22 ? 0.8030 0.8751 0.6080 0.0718  -0.0827 -0.1907 5  ASP A OD1 
75  O OD2 . ASP A 22 ? 0.8967 0.9174 0.6981 0.0685  -0.0827 -0.2160 5  ASP A OD2 
76  N N   . LEU A 23 ? 0.6959 0.7995 0.5590 0.0627  -0.0696 -0.1501 6  LEU A N   
77  C CA  . LEU A 23 ? 0.6682 0.7755 0.5321 0.0681  -0.0542 -0.1300 6  LEU A CA  
78  C C   . LEU A 23 ? 0.6632 0.7614 0.5127 0.0729  -0.0371 -0.1278 6  LEU A C   
79  O O   . LEU A 23 ? 0.6671 0.7653 0.4881 0.0816  -0.0355 -0.1362 6  LEU A O   
80  C CB  . LEU A 23 ? 0.6981 0.8164 0.5397 0.0775  -0.0593 -0.1189 6  LEU A CB  
81  C CG  . LEU A 23 ? 0.7315 0.8656 0.5892 0.0796  -0.0737 -0.1137 6  LEU A CG  
82  C CD1 . LEU A 23 ? 0.7498 0.8802 0.5828 0.0912  -0.0717 -0.0947 6  LEU A CD1 
83  C CD2 . LEU A 23 ? 0.6903 0.8301 0.5894 0.0716  -0.0703 -0.1110 6  LEU A CD2 
84  N N   . TYR A 24 ? 0.5911 0.6865 0.4595 0.0685  -0.0248 -0.1168 7  TYR A N   
85  C CA  . TYR A 24 ? 0.5905 0.6858 0.4551 0.0720  -0.0103 -0.1141 7  TYR A CA  
86  C C   . TYR A 24 ? 0.5948 0.6989 0.4581 0.0686  0.0001  -0.0949 7  TYR A C   
87  O O   . TYR A 24 ? 0.5788 0.6770 0.4566 0.0618  -0.0008 -0.0850 7  TYR A O   
88  C CB  . TYR A 24 ? 0.5696 0.6522 0.4563 0.0681  -0.0082 -0.1185 7  TYR A CB  
89  C CG  . TYR A 24 ? 0.6023 0.6661 0.4890 0.0672  -0.0190 -0.1359 7  TYR A CG  
90  C CD1 . TYR A 24 ? 0.6146 0.6755 0.5150 0.0556  -0.0314 -0.1395 7  TYR A CD1 
91  C CD2 . TYR A 24 ? 0.6351 0.6836 0.5078 0.0778  -0.0173 -0.1493 7  TYR A CD2 
92  C CE1 . TYR A 24 ? 0.6412 0.6824 0.5420 0.0487  -0.0426 -0.1549 7  TYR A CE1 
93  C CE2 . TYR A 24 ? 0.6734 0.6933 0.5407 0.0751  -0.0290 -0.1661 7  TYR A CE2 
94  C CZ  . TYR A 24 ? 0.6773 0.6922 0.5589 0.0576  -0.0420 -0.1684 7  TYR A CZ  
95  O OH  . TYR A 24 ? 0.7098 0.6941 0.5866 0.0492  -0.0547 -0.1845 7  TYR A OH  
96  N N   . GLU A 25 ? 0.5822 0.6996 0.4268 0.0723  0.0104  -0.0897 8  GLU A N   
97  C CA  . GLU A 25 ? 0.5977 0.7207 0.4366 0.0640  0.0194  -0.0702 8  GLU A CA  
98  C C   . GLU A 25 ? 0.5612 0.6870 0.4235 0.0542  0.0271  -0.0627 8  GLU A C   
99  O O   . GLU A 25 ? 0.5425 0.6803 0.4186 0.0576  0.0323  -0.0693 8  GLU A O   
100 C CB  . GLU A 25 ? 0.6661 0.8077 0.4775 0.0672  0.0293  -0.0649 8  GLU A CB  
101 C CG  . GLU A 25 ? 0.7057 0.8464 0.5044 0.0547  0.0365  -0.0423 8  GLU A CG  
102 C CD  . GLU A 25 ? 0.7864 0.9504 0.5573 0.0553  0.0494  -0.0347 8  GLU A CD  
103 O OE1 . GLU A 25 ? 0.7819 0.9627 0.5391 0.0698  0.0521  -0.0491 8  GLU A OE1 
104 O OE2 . GLU A 25 ? 0.8604 1.0246 0.6210 0.0405  0.0577  -0.0140 8  GLU A OE2 
105 N N   . VAL A 26 ? 0.5466 0.6581 0.4101 0.0437  0.0262  -0.0495 9  VAL A N   
106 C CA  . VAL A 26 ? 0.5248 0.6340 0.4057 0.0325  0.0300  -0.0435 9  VAL A CA  
107 C C   . VAL A 26 ? 0.5320 0.6517 0.4033 0.0187  0.0389  -0.0286 9  VAL A C   
108 O O   . VAL A 26 ? 0.5651 0.6715 0.4138 0.0145  0.0389  -0.0175 9  VAL A O   
109 C CB  . VAL A 26 ? 0.5278 0.6095 0.4125 0.0301  0.0224  -0.0413 9  VAL A CB  
110 C CG1 . VAL A 26 ? 0.5301 0.6037 0.4221 0.0172  0.0252  -0.0347 9  VAL A CG1 
111 C CG2 . VAL A 26 ? 0.5176 0.5973 0.4173 0.0391  0.0158  -0.0540 9  VAL A CG2 
112 N N   . GLU A 27 ? 0.5266 0.6713 0.4148 0.0114  0.0459  -0.0274 10 GLU A N   
113 C CA  . GLU A 27 ? 0.5657 0.7275 0.4534 -0.0081 0.0542  -0.0128 10 GLU A CA  
114 C C   . GLU A 27 ? 0.5704 0.6972 0.4536 -0.0262 0.0476  -0.0037 10 GLU A C   
115 O O   . GLU A 27 ? 0.5846 0.6933 0.4484 -0.0415 0.0493  0.0107  10 GLU A O   
116 C CB  . GLU A 27 ? 0.5837 0.7906 0.4980 -0.0080 0.0606  -0.0167 10 GLU A CB  
117 C CG  . GLU A 27 ? 0.6415 0.8807 0.5669 -0.0316 0.0683  -0.0028 10 GLU A CG  
118 C CD  . GLU A 27 ? 0.7163 0.9743 0.6239 -0.0410 0.0810  0.0104  10 GLU A CD  
119 O OE1 . GLU A 27 ? 0.7770 1.0488 0.6709 -0.0222 0.0879  0.0048  10 GLU A OE1 
120 O OE2 . GLU A 27 ? 0.7759 1.0327 0.6802 -0.0688 0.0839  0.0268  10 GLU A OE2 
121 N N   . ARG A 28 ? 0.5745 0.6874 0.4713 -0.0237 0.0403  -0.0120 11 ARG A N   
122 C CA  . ARG A 28 ? 0.5876 0.6627 0.4761 -0.0362 0.0333  -0.0081 11 ARG A CA  
123 C C   . ARG A 28 ? 0.5562 0.6195 0.4554 -0.0261 0.0269  -0.0202 11 ARG A C   
124 O O   . ARG A 28 ? 0.5084 0.5949 0.4247 -0.0155 0.0277  -0.0282 11 ARG A O   
125 C CB  . ARG A 28 ? 0.6089 0.6930 0.5004 -0.0633 0.0349  0.0017  11 ARG A CB  
126 C CG  . ARG A 28 ? 0.6175 0.7468 0.5380 -0.0679 0.0356  -0.0031 11 ARG A CG  
127 C CD  . ARG A 28 ? 0.6644 0.8050 0.5895 -0.0993 0.0347  0.0071  11 ARG A CD  
128 N NE  . ARG A 28 ? 0.6674 0.8565 0.6225 -0.1030 0.0320  0.0025  11 ARG A NE  
129 C CZ  . ARG A 28 ? 0.6889 0.8700 0.6498 -0.1060 0.0205  -0.0049 11 ARG A CZ  
130 N NH1 . ARG A 28 ? 0.7122 0.8376 0.6501 -0.1066 0.0119  -0.0104 11 ARG A NH1 
131 N NH2 . ARG A 28 ? 0.6893 0.9216 0.6778 -0.1062 0.0174  -0.0073 11 ARG A NH2 
132 N N   . ILE A 29 ? 0.5755 0.5998 0.4609 -0.0288 0.0212  -0.0204 12 ILE A N   
133 C CA  . ILE A 29 ? 0.5791 0.5917 0.4694 -0.0227 0.0171  -0.0298 12 ILE A CA  
134 C C   . ILE A 29 ? 0.5780 0.5992 0.4732 -0.0403 0.0140  -0.0295 12 ILE A C   
135 O O   . ILE A 29 ? 0.6142 0.6203 0.4980 -0.0592 0.0113  -0.0233 12 ILE A O   
136 C CB  . ILE A 29 ? 0.6266 0.5952 0.4965 -0.0161 0.0131  -0.0319 12 ILE A CB  
137 C CG1 . ILE A 29 ? 0.6675 0.6299 0.5330 0.0017  0.0132  -0.0312 12 ILE A CG1 
138 C CG2 . ILE A 29 ? 0.6254 0.5863 0.4969 -0.0104 0.0116  -0.0416 12 ILE A CG2 
139 C CD1 . ILE A 29 ? 0.6543 0.6438 0.5403 0.0163  0.0149  -0.0393 12 ILE A CD1 
140 N N   . VAL A 30 ? 0.5509 0.5941 0.4613 -0.0349 0.0128  -0.0355 13 VAL A N   
141 C CA  . VAL A 30 ? 0.5762 0.6357 0.4933 -0.0492 0.0070  -0.0354 13 VAL A CA  
142 C C   . VAL A 30 ? 0.5890 0.6148 0.4872 -0.0514 0.0001  -0.0422 13 VAL A C   
143 O O   . VAL A 30 ? 0.5973 0.6178 0.4884 -0.0691 -0.0077 -0.0429 13 VAL A O   
144 C CB  . VAL A 30 ? 0.5642 0.6662 0.5044 -0.0386 0.0079  -0.0369 13 VAL A CB  
145 C CG1 . VAL A 30 ? 0.5819 0.7090 0.5316 -0.0511 -0.0006 -0.0362 13 VAL A CG1 
146 C CG2 . VAL A 30 ? 0.5626 0.6967 0.5168 -0.0330 0.0158  -0.0332 13 VAL A CG2 
147 N N   . ASP A 31 ? 0.5825 0.5874 0.4719 -0.0343 0.0032  -0.0479 14 ASP A N   
148 C CA  . ASP A 31 ? 0.5912 0.5732 0.4626 -0.0314 -0.0003 -0.0555 14 ASP A CA  
149 C C   . ASP A 31 ? 0.5801 0.5476 0.4469 -0.0121 0.0073  -0.0593 14 ASP A C   
150 O O   . ASP A 31 ? 0.5317 0.5106 0.4125 -0.0032 0.0124  -0.0564 14 ASP A O   
151 C CB  . ASP A 31 ? 0.5968 0.6052 0.4766 -0.0312 -0.0044 -0.0561 14 ASP A CB  
152 C CG  . ASP A 31 ? 0.6431 0.6309 0.4977 -0.0356 -0.0117 -0.0633 14 ASP A CG  
153 O OD1 . ASP A 31 ? 0.6361 0.5868 0.4659 -0.0360 -0.0120 -0.0701 14 ASP A OD1 
154 O OD2 . ASP A 31 ? 0.6678 0.6760 0.5250 -0.0361 -0.0177 -0.0624 14 ASP A OD2 
155 N N   . LYS A 32 ? 0.5761 0.5221 0.4233 -0.0058 0.0078  -0.0666 15 LYS A N   
156 C CA  . LYS A 32 ? 0.5866 0.5253 0.4309 0.0122  0.0161  -0.0706 15 LYS A CA  
157 C C   . LYS A 32 ? 0.5924 0.5327 0.4240 0.0178  0.0202  -0.0757 15 LYS A C   
158 O O   . LYS A 32 ? 0.5799 0.5079 0.3917 0.0094  0.0134  -0.0797 15 LYS A O   
159 C CB  . LYS A 32 ? 0.6504 0.5509 0.4730 0.0173  0.0140  -0.0750 15 LYS A CB  
160 C CG  . LYS A 32 ? 0.6730 0.5720 0.4978 0.0397  0.0214  -0.0783 15 LYS A CG  
161 C CD  . LYS A 32 ? 0.7347 0.5886 0.5342 0.0479  0.0168  -0.0815 15 LYS A CD  
162 C CE  . LYS A 32 ? 0.7613 0.6139 0.5580 0.0761  0.0242  -0.0888 15 LYS A CE  
163 N NZ  . LYS A 32 ? 0.8209 0.6306 0.5956 0.0919  0.0191  -0.0904 15 LYS A NZ  
164 N N   . ARG A 33 ? 0.5743 0.5317 0.4166 0.0299  0.0308  -0.0750 16 ARG A N   
165 C CA  . ARG A 33 ? 0.6031 0.5630 0.4297 0.0352  0.0378  -0.0777 16 ARG A CA  
166 C C   . ARG A 33 ? 0.5949 0.5710 0.4321 0.0495  0.0519  -0.0786 16 ARG A C   
167 O O   . ARG A 33 ? 0.5586 0.5521 0.4225 0.0521  0.0538  -0.0752 16 ARG A O   
168 C CB  . ARG A 33 ? 0.5899 0.5673 0.4226 0.0265  0.0357  -0.0692 16 ARG A CB  
169 C CG  . ARG A 33 ? 0.5478 0.5477 0.4088 0.0267  0.0418  -0.0606 16 ARG A CG  
170 C CD  . ARG A 33 ? 0.5466 0.5530 0.4101 0.0208  0.0365  -0.0521 16 ARG A CD  
171 N NE  . ARG A 33 ? 0.5301 0.5465 0.4136 0.0203  0.0420  -0.0452 16 ARG A NE  
172 C CZ  . ARG A 33 ? 0.5373 0.5529 0.4249 0.0184  0.0376  -0.0377 16 ARG A CZ  
173 N NH1 . ARG A 33 ? 0.5526 0.5662 0.4295 0.0194  0.0279  -0.0352 16 ARG A NH1 
174 N NH2 . ARG A 33 ? 0.5410 0.5567 0.4436 0.0160  0.0416  -0.0332 16 ARG A NH2 
175 N N   . LYS A 34 ? 0.5874 0.5623 0.4038 0.0583  0.0614  -0.0835 17 LYS A N   
176 C CA  . LYS A 34 ? 0.5871 0.5890 0.4162 0.0709  0.0775  -0.0835 17 LYS A CA  
177 C C   . LYS A 34 ? 0.5840 0.6111 0.4232 0.0602  0.0863  -0.0717 17 LYS A C   
178 O O   . LYS A 34 ? 0.6357 0.6523 0.4501 0.0540  0.0849  -0.0684 17 LYS A O   
179 C CB  . LYS A 34 ? 0.6364 0.6240 0.4342 0.0892  0.0856  -0.0959 17 LYS A CB  
180 C CG  . LYS A 34 ? 0.6421 0.6663 0.4575 0.1062  0.1037  -0.0971 17 LYS A CG  
181 C CD  . LYS A 34 ? 0.7004 0.7092 0.4827 0.1306  0.1124  -0.1121 17 LYS A CD  
182 C CE  . LYS A 34 ? 0.7330 0.7079 0.5069 0.1489  0.1026  -0.1233 17 LYS A CE  
183 N NZ  . LYS A 34 ? 0.7955 0.7418 0.5263 0.1728  0.1090  -0.1406 17 LYS A NZ  
184 N N   . ASN A 35 ? 0.5526 0.6106 0.4248 0.0570  0.0940  -0.0648 18 ASN A N   
185 C CA  . ASN A 35 ? 0.5782 0.6520 0.4580 0.0430  0.1018  -0.0517 18 ASN A CA  
186 C C   . ASN A 35 ? 0.5973 0.6952 0.4691 0.0466  0.1219  -0.0482 18 ASN A C   
187 O O   . ASN A 35 ? 0.5926 0.6976 0.4518 0.0639  0.1307  -0.0586 18 ASN A O   
188 C CB  . ASN A 35 ? 0.5529 0.6407 0.4695 0.0309  0.0970  -0.0453 18 ASN A CB  
189 C CG  . ASN A 35 ? 0.5464 0.6705 0.4954 0.0345  0.1047  -0.0478 18 ASN A CG  
190 O OD1 . ASN A 35 ? 0.5446 0.6922 0.4943 0.0464  0.1177  -0.0516 18 ASN A OD1 
191 N ND2 . ASN A 35 ? 0.5526 0.6848 0.5294 0.0253  0.0960  -0.0465 18 ASN A ND2 
192 N N   . LYS A 36 ? 0.6230 0.7323 0.5003 0.0306  0.1298  -0.0334 19 LYS A N   
193 C CA  . LYS A 36 ? 0.6748 0.8087 0.5411 0.0290  0.1513  -0.0255 19 LYS A CA  
194 C C   . LYS A 36 ? 0.6632 0.8461 0.5613 0.0370  0.1675  -0.0301 19 LYS A C   
195 O O   . LYS A 36 ? 0.6630 0.8720 0.5486 0.0455  0.1874  -0.0301 19 LYS A O   
196 C CB  . LYS A 36 ? 0.6954 0.8244 0.5606 0.0062  0.1550  -0.0051 19 LYS A CB  
197 C CG  . LYS A 36 ? 0.7252 0.8115 0.5538 0.0042  0.1411  0.0013  19 LYS A CG  
198 N N   . LYS A 37 ? 0.6320 0.8307 0.5701 0.0359  0.1585  -0.0345 20 LYS A N   
199 C CA  . LYS A 37 ? 0.6258 0.8765 0.5998 0.0466  0.1691  -0.0401 20 LYS A CA  
200 C C   . LYS A 37 ? 0.5947 0.8377 0.5588 0.0780  0.1643  -0.0576 20 LYS A C   
201 O O   . LYS A 37 ? 0.5643 0.8485 0.5564 0.0939  0.1703  -0.0635 20 LYS A O   
202 C CB  . LYS A 37 ? 0.6233 0.8980 0.6442 0.0283  0.1600  -0.0352 20 LYS A CB  
203 C CG  . LYS A 37 ? 0.6613 0.9341 0.6898 -0.0043 0.1634  -0.0183 20 LYS A CG  
204 C CD  . LYS A 37 ? 0.7154 1.0255 0.7429 -0.0135 0.1890  -0.0061 20 LYS A CD  
205 C CE  . LYS A 37 ? 0.7384 1.0573 0.7872 -0.0500 0.1926  0.0116  20 LYS A CE  
206 N NZ  . LYS A 37 ? 0.7902 1.1408 0.8299 -0.0606 0.2195  0.0266  20 LYS A NZ  
207 N N   . GLY A 38 ? 0.5935 0.7845 0.5173 0.0870  0.1534  -0.0656 21 GLY A N   
208 C CA  . GLY A 38 ? 0.6129 0.7820 0.5181 0.1148  0.1481  -0.0817 21 GLY A CA  
209 C C   . GLY A 38 ? 0.5837 0.7363 0.5069 0.1176  0.1288  -0.0850 21 GLY A C   
210 O O   . GLY A 38 ? 0.5904 0.7220 0.5010 0.1396  0.1229  -0.0956 21 GLY A O   
211 N N   . LYS A 39 ? 0.5647 0.7207 0.5115 0.0960  0.1184  -0.0758 22 LYS A N   
212 C CA  . LYS A 39 ? 0.5588 0.7047 0.5212 0.0977  0.1015  -0.0776 22 LYS A CA  
213 C C   . LYS A 39 ? 0.5616 0.6600 0.5003 0.0864  0.0866  -0.0767 22 LYS A C   
214 O O   . LYS A 39 ? 0.5653 0.6501 0.4904 0.0713  0.0866  -0.0716 22 LYS A O   
215 C CB  . LYS A 39 ? 0.5333 0.7220 0.5394 0.0842  0.1001  -0.0711 22 LYS A CB  
216 C CG  . LYS A 39 ? 0.5650 0.8084 0.6021 0.0999  0.1099  -0.0741 22 LYS A CG  
217 C CD  . LYS A 39 ? 0.5573 0.8531 0.6363 0.0787  0.1158  -0.0662 22 LYS A CD  
218 C CE  . LYS A 39 ? 0.5639 0.9257 0.6763 0.0955  0.1281  -0.0691 22 LYS A CE  
219 N N   . TRP A 40 ? 0.5480 0.6235 0.4814 0.0941  0.0741  -0.0802 23 TRP A N   
220 C CA  . TRP A 40 ? 0.5580 0.5956 0.4712 0.0826  0.0620  -0.0787 23 TRP A CA  
221 C C   . TRP A 40 ? 0.5348 0.5835 0.4678 0.0656  0.0549  -0.0717 23 TRP A C   
222 O O   . TRP A 40 ? 0.5096 0.5827 0.4678 0.0658  0.0529  -0.0702 23 TRP A O   
223 C CB  . TRP A 40 ? 0.5889 0.5926 0.4830 0.0946  0.0529  -0.0830 23 TRP A CB  
224 C CG  . TRP A 40 ? 0.6617 0.6399 0.5274 0.1119  0.0577  -0.0924 23 TRP A CG  
225 C CD1 . TRP A 40 ? 0.6913 0.6779 0.5582 0.1382  0.0638  -0.0990 23 TRP A CD1 
226 C CD2 . TRP A 40 ? 0.6983 0.6395 0.5285 0.1061  0.0558  -0.0983 23 TRP A CD2 
227 N NE1 . TRP A 40 ? 0.7465 0.6972 0.5765 0.1510  0.0671  -0.1097 23 TRP A NE1 
228 C CE2 . TRP A 40 ? 0.7545 0.6752 0.5603 0.1297  0.0612  -0.1099 23 TRP A CE2 
229 C CE3 . TRP A 40 ? 0.6960 0.6214 0.5125 0.0842  0.0488  -0.0959 23 TRP A CE3 
230 C CZ2 . TRP A 40 ? 0.8120 0.6909 0.5758 0.1299  0.0592  -0.1205 23 TRP A CZ2 
231 C CZ3 . TRP A 40 ? 0.7419 0.6323 0.5216 0.0825  0.0453  -0.1048 23 TRP A CZ3 
232 C CH2 . TRP A 40 ? 0.8064 0.6705 0.5577 0.1042  0.0502  -0.1178 23 TRP A CH2 
233 N N   . GLU A 41 ? 0.5210 0.5529 0.4413 0.0527  0.0506  -0.0687 24 GLU A N   
234 C CA  . GLU A 41 ? 0.5204 0.5562 0.4523 0.0411  0.0438  -0.0640 24 GLU A CA  
235 C C   . GLU A 41 ? 0.5329 0.5478 0.4490 0.0363  0.0354  -0.0636 24 GLU A C   
236 O O   . GLU A 41 ? 0.5538 0.5488 0.4484 0.0353  0.0339  -0.0661 24 GLU A O   
237 C CB  . GLU A 41 ? 0.5246 0.5658 0.4586 0.0318  0.0473  -0.0589 24 GLU A CB  
238 C CG  . GLU A 41 ? 0.5206 0.5824 0.4705 0.0300  0.0569  -0.0562 24 GLU A CG  
239 C CD  . GLU A 41 ? 0.5319 0.5895 0.4780 0.0196  0.0599  -0.0481 24 GLU A CD  
240 O OE1 . GLU A 41 ? 0.5723 0.6132 0.5021 0.0182  0.0544  -0.0453 24 GLU A OE1 
241 O OE2 . GLU A 41 ? 0.5616 0.6331 0.5213 0.0121  0.0674  -0.0432 24 GLU A OE2 
242 N N   . TYR A 42 ? 0.5280 0.5491 0.4535 0.0321  0.0300  -0.0612 25 TYR A N   
243 C CA  . TYR A 42 ? 0.5151 0.5267 0.4310 0.0247  0.0243  -0.0586 25 TYR A CA  
244 C C   . TYR A 42 ? 0.4804 0.5085 0.4068 0.0188  0.0225  -0.0561 25 TYR A C   
245 O O   . TYR A 42 ? 0.4448 0.4845 0.3840 0.0223  0.0234  -0.0570 25 TYR A O   
246 C CB  . TYR A 42 ? 0.5454 0.5509 0.4583 0.0284  0.0215  -0.0569 25 TYR A CB  
247 C CG  . TYR A 42 ? 0.5867 0.5719 0.4870 0.0391  0.0216  -0.0593 25 TYR A CG  
248 C CD1 . TYR A 42 ? 0.6052 0.6045 0.5176 0.0529  0.0247  -0.0629 25 TYR A CD1 
249 C CD2 . TYR A 42 ? 0.6172 0.5686 0.4930 0.0359  0.0182  -0.0584 25 TYR A CD2 
250 C CE1 . TYR A 42 ? 0.6201 0.6044 0.5220 0.0685  0.0254  -0.0660 25 TYR A CE1 
251 C CE2 . TYR A 42 ? 0.6532 0.5784 0.5129 0.0504  0.0175  -0.0618 25 TYR A CE2 
252 C CZ  . TYR A 42 ? 0.6573 0.6010 0.5306 0.0695  0.0217  -0.0659 25 TYR A CZ  
253 O OH  . TYR A 42 ? 0.6923 0.6145 0.5514 0.0895  0.0216  -0.0702 25 TYR A OH  
254 N N   . LEU A 43 ? 0.4794 0.5084 0.4000 0.0105  0.0190  -0.0538 26 LEU A N   
255 C CA  . LEU A 43 ? 0.4862 0.5364 0.4181 0.0089  0.0171  -0.0515 26 LEU A CA  
256 C C   . LEU A 43 ? 0.4658 0.5278 0.4020 0.0070  0.0181  -0.0495 26 LEU A C   
257 O O   . LEU A 43 ? 0.4755 0.5314 0.4030 -0.0028 0.0172  -0.0458 26 LEU A O   
258 C CB  . LEU A 43 ? 0.5038 0.5603 0.4317 0.0013  0.0117  -0.0498 26 LEU A CB  
259 C CG  . LEU A 43 ? 0.5113 0.5964 0.4538 0.0046  0.0086  -0.0472 26 LEU A CG  
260 C CD1 . LEU A 43 ? 0.5067 0.5898 0.4544 0.0187  0.0103  -0.0478 26 LEU A CD1 
261 C CD2 . LEU A 43 ? 0.5309 0.6274 0.4705 -0.0037 0.0001  -0.0454 26 LEU A CD2 
262 N N   . ILE A 44 ? 0.4511 0.5256 0.3965 0.0158  0.0200  -0.0520 27 ILE A N   
263 C CA  . ILE A 44 ? 0.4548 0.5400 0.3990 0.0176  0.0223  -0.0516 27 ILE A CA  
264 C C   . ILE A 44 ? 0.4605 0.5746 0.4132 0.0192  0.0248  -0.0507 27 ILE A C   
265 O O   . ILE A 44 ? 0.4523 0.5742 0.4131 0.0297  0.0240  -0.0551 27 ILE A O   
266 C CB  . ILE A 44 ? 0.4578 0.5378 0.4030 0.0276  0.0216  -0.0582 27 ILE A CB  
267 C CG1 . ILE A 44 ? 0.4658 0.5292 0.4095 0.0279  0.0196  -0.0591 27 ILE A CG1 
268 C CG2 . ILE A 44 ? 0.4748 0.5656 0.4121 0.0311  0.0229  -0.0588 27 ILE A CG2 
269 C CD1 . ILE A 44 ? 0.4811 0.5336 0.4123 0.0257  0.0187  -0.0540 27 ILE A CD1 
270 N N   . ARG A 45 ? 0.4600 0.5899 0.4101 0.0094  0.0283  -0.0441 28 ARG A N   
271 C CA  . ARG A 45 ? 0.4556 0.6231 0.4142 0.0126  0.0345  -0.0428 28 ARG A CA  
272 C C   . ARG A 45 ? 0.4507 0.6167 0.3972 0.0235  0.0387  -0.0471 28 ARG A C   
273 O O   . ARG A 45 ? 0.4389 0.5919 0.3695 0.0170  0.0397  -0.0418 28 ARG A O   
274 C CB  . ARG A 45 ? 0.4676 0.6562 0.4290 -0.0077 0.0377  -0.0320 28 ARG A CB  
275 C CG  . ARG A 45 ? 0.4868 0.7276 0.4612 -0.0060 0.0475  -0.0289 28 ARG A CG  
276 C CD  . ARG A 45 ? 0.4780 0.7534 0.4747 0.0107  0.0465  -0.0356 28 ARG A CD  
277 N NE  . ARG A 45 ? 0.4832 0.7510 0.4890 0.0037  0.0357  -0.0349 28 ARG A NE  
278 C CZ  . ARG A 45 ? 0.5177 0.8095 0.5361 -0.0167 0.0316  -0.0280 28 ARG A CZ  
279 N NH1 . ARG A 45 ? 0.5242 0.8535 0.5527 -0.0348 0.0386  -0.0193 28 ARG A NH1 
280 N NH2 . ARG A 45 ? 0.5378 0.8164 0.5573 -0.0208 0.0199  -0.0295 28 ARG A NH2 
281 N N   . TRP A 46 ? 0.4460 0.6195 0.3959 0.0412  0.0394  -0.0575 29 TRP A N   
282 C CA  . TRP A 46 ? 0.4744 0.6435 0.4092 0.0528  0.0409  -0.0656 29 TRP A CA  
283 C C   . TRP A 46 ? 0.4823 0.6876 0.4114 0.0547  0.0520  -0.0619 29 TRP A C   
284 O O   . TRP A 46 ? 0.4753 0.7157 0.4200 0.0574  0.0584  -0.0599 29 TRP A O   
285 C CB  . TRP A 46 ? 0.4852 0.6407 0.4216 0.0700  0.0364  -0.0797 29 TRP A CB  
286 C CG  . TRP A 46 ? 0.4850 0.6094 0.4269 0.0651  0.0280  -0.0808 29 TRP A CG  
287 C CD1 . TRP A 46 ? 0.4772 0.5940 0.4302 0.0653  0.0253  -0.0784 29 TRP A CD1 
288 C CD2 . TRP A 46 ? 0.4891 0.5910 0.4259 0.0588  0.0220  -0.0831 29 TRP A CD2 
289 N NE1 . TRP A 46 ? 0.4618 0.5515 0.4149 0.0582  0.0201  -0.0786 29 TRP A NE1 
290 C CE2 . TRP A 46 ? 0.4772 0.5608 0.4238 0.0542  0.0182  -0.0819 29 TRP A CE2 
291 C CE3 . TRP A 46 ? 0.4961 0.5956 0.4211 0.0575  0.0190  -0.0852 29 TRP A CE3 
292 C CZ2 . TRP A 46 ? 0.4834 0.5524 0.4329 0.0474  0.0135  -0.0833 29 TRP A CZ2 
293 C CZ3 . TRP A 46 ? 0.5014 0.5861 0.4303 0.0526  0.0115  -0.0873 29 TRP A CZ3 
294 C CH2 . TRP A 46 ? 0.4990 0.5716 0.4425 0.0470  0.0099  -0.0864 29 TRP A CH2 
295 N N   . LYS A 47 ? 0.5155 0.7169 0.4227 0.0533  0.0546  -0.0597 30 LYS A N   
296 C CA  . LYS A 47 ? 0.5343 0.7709 0.4307 0.0549  0.0675  -0.0549 30 LYS A CA  
297 C C   . LYS A 47 ? 0.5306 0.7914 0.4296 0.0788  0.0734  -0.0703 30 LYS A C   
298 O O   . LYS A 47 ? 0.5095 0.7442 0.3999 0.0948  0.0654  -0.0865 30 LYS A O   
299 C CB  . LYS A 47 ? 0.5854 0.8073 0.4498 0.0529  0.0672  -0.0504 30 LYS A CB  
300 C CG  . LYS A 47 ? 0.6212 0.8788 0.4698 0.0485  0.0831  -0.0393 30 LYS A CG  
301 C CD  . LYS A 47 ? 0.6689 0.9043 0.4889 0.0345  0.0817  -0.0224 30 LYS A CD  
302 N N   . GLY A 48 ? 0.5226 0.8332 0.4350 0.0811  0.0868  -0.0654 31 GLY A N   
303 C CA  . GLY A 48 ? 0.5140 0.8526 0.4315 0.1086  0.0937  -0.0799 31 GLY A CA  
304 C C   . GLY A 48 ? 0.4968 0.8367 0.4411 0.1209  0.0867  -0.0859 31 GLY A C   
305 O O   . GLY A 48 ? 0.5018 0.8639 0.4508 0.1478  0.0917  -0.0973 31 GLY A O   
306 N N   . TYR A 49 ? 0.4699 0.7857 0.4285 0.1041  0.0754  -0.0781 32 TYR A N   
307 C CA  . TYR A 49 ? 0.4814 0.7946 0.4603 0.1140  0.0670  -0.0806 32 TYR A CA  
308 C C   . TYR A 49 ? 0.4950 0.8403 0.4995 0.0929  0.0658  -0.0657 32 TYR A C   
309 O O   . TYR A 49 ? 0.5192 0.8711 0.5223 0.0669  0.0690  -0.0539 32 TYR A O   
310 C CB  . TYR A 49 ? 0.4658 0.7174 0.4338 0.1138  0.0533  -0.0866 32 TYR A CB  
311 C CG  . TYR A 49 ? 0.4850 0.7034 0.4313 0.1332  0.0507  -0.1034 32 TYR A CG  
312 C CD1 . TYR A 49 ? 0.4870 0.6857 0.4115 0.1270  0.0501  -0.1086 32 TYR A CD1 
313 C CD2 . TYR A 49 ? 0.5214 0.7253 0.4669 0.1583  0.0469  -0.1145 32 TYR A CD2 
314 C CE1 . TYR A 49 ? 0.5375 0.7052 0.4404 0.1424  0.0451  -0.1262 32 TYR A CE1 
315 C CE2 . TYR A 49 ? 0.5644 0.7307 0.4863 0.1746  0.0430  -0.1318 32 TYR A CE2 
316 C CZ  . TYR A 49 ? 0.5657 0.7149 0.4668 0.1651  0.0417  -0.1385 32 TYR A CZ  
317 O OH  . TYR A 49 ? 0.6432 0.7541 0.5195 0.1799  0.0354  -0.1580 32 TYR A OH  
318 N N   . GLY A 50 ? 0.5141 0.8736 0.5382 0.1043  0.0592  -0.0665 33 GLY A N   
319 C CA  . GLY A 50 ? 0.5184 0.9098 0.5664 0.0857  0.0540  -0.0550 33 GLY A CA  
320 C C   . GLY A 50 ? 0.5232 0.8664 0.5638 0.0761  0.0399  -0.0531 33 GLY A C   
321 O O   . GLY A 50 ? 0.5297 0.8208 0.5509 0.0827  0.0360  -0.0591 33 GLY A O   
322 N N   . SER A 51 ? 0.5371 0.9015 0.5933 0.0604  0.0320  -0.0453 34 SER A N   
323 C CA  . SER A 51 ? 0.5439 0.8671 0.5892 0.0495  0.0196  -0.0433 34 SER A CA  
324 C C   . SER A 51 ? 0.5668 0.8590 0.6037 0.0734  0.0122  -0.0479 34 SER A C   
325 O O   . SER A 51 ? 0.5719 0.8179 0.5913 0.0675  0.0073  -0.0475 34 SER A O   
326 C CB  . SER A 51 ? 0.5524 0.9077 0.6130 0.0288  0.0108  -0.0362 34 SER A CB  
327 O OG  . SER A 51 ? 0.5597 0.9703 0.6462 0.0452  0.0068  -0.0357 34 SER A OG  
328 N N   . THR A 52 ? 0.5961 0.9111 0.6431 0.1014  0.0123  -0.0519 35 THR A N   
329 C CA  . THR A 52 ? 0.6229 0.8988 0.6571 0.1247  0.0045  -0.0545 35 THR A CA  
330 C C   . THR A 52 ? 0.6254 0.8408 0.6356 0.1256  0.0078  -0.0609 35 THR A C   
331 O O   . THR A 52 ? 0.6494 0.8211 0.6450 0.1333  0.0016  -0.0600 35 THR A O   
332 C CB  . THR A 52 ? 0.6562 0.9632 0.7032 0.1598  0.0028  -0.0584 35 THR A CB  
333 O OG1 . THR A 52 ? 0.6689 0.9891 0.7162 0.1746  0.0151  -0.0685 35 THR A OG1 
334 C CG2 . THR A 52 ? 0.6534 1.0307 0.7304 0.1596  -0.0030 -0.0515 35 THR A CG2 
335 N N   . GLU A 53 ? 0.6114 0.8254 0.6171 0.1157  0.0169  -0.0659 36 GLU A N   
336 C CA  . GLU A 53 ? 0.6234 0.7888 0.6101 0.1131  0.0179  -0.0726 36 GLU A CA  
337 C C   . GLU A 53 ? 0.5768 0.7214 0.5573 0.0876  0.0176  -0.0675 36 GLU A C   
338 O O   . GLU A 53 ? 0.5588 0.6727 0.5287 0.0836  0.0177  -0.0723 36 GLU A O   
339 C CB  . GLU A 53 ? 0.6815 0.8576 0.6627 0.1237  0.0257  -0.0831 36 GLU A CB  
340 C CG  . GLU A 53 ? 0.7569 0.9499 0.7406 0.1548  0.0273  -0.0912 36 GLU A CG  
341 C CD  . GLU A 53 ? 0.8362 0.9758 0.8050 0.1718  0.0184  -0.0972 36 GLU A CD  
342 O OE1 . GLU A 53 ? 0.8995 0.9928 0.8503 0.1649  0.0157  -0.1044 36 GLU A OE1 
343 O OE2 . GLU A 53 ? 0.8767 1.0197 0.8511 0.1904  0.0128  -0.0936 36 GLU A OE2 
344 N N   . ASP A 54 ? 0.5218 0.6830 0.5085 0.0715  0.0163  -0.0592 37 ASP A N   
345 C CA  . ASP A 54 ? 0.5170 0.6557 0.4948 0.0523  0.0163  -0.0560 37 ASP A CA  
346 C C   . ASP A 54 ? 0.5064 0.6086 0.4748 0.0530  0.0136  -0.0565 37 ASP A C   
347 O O   . ASP A 54 ? 0.5215 0.6145 0.4878 0.0607  0.0094  -0.0538 37 ASP A O   
348 C CB  . ASP A 54 ? 0.5114 0.6645 0.4920 0.0366  0.0131  -0.0494 37 ASP A CB  
349 C CG  . ASP A 54 ? 0.5090 0.6974 0.4995 0.0271  0.0166  -0.0463 37 ASP A CG  
350 O OD1 . ASP A 54 ? 0.5066 0.7105 0.4998 0.0339  0.0238  -0.0486 37 ASP A OD1 
351 O OD2 . ASP A 54 ? 0.5301 0.7313 0.5241 0.0111  0.0123  -0.0415 37 ASP A OD2 
352 N N   . THR A 55 ? 0.5038 0.5875 0.4667 0.0454  0.0161  -0.0588 38 THR A N   
353 C CA  . THR A 55 ? 0.5204 0.5782 0.4789 0.0424  0.0158  -0.0582 38 THR A CA  
354 C C   . THR A 55 ? 0.4954 0.5490 0.4510 0.0319  0.0187  -0.0566 38 THR A C   
355 O O   . THR A 55 ? 0.4678 0.5280 0.4230 0.0289  0.0198  -0.0580 38 THR A O   
356 C CB  . THR A 55 ? 0.5474 0.5891 0.5062 0.0471  0.0149  -0.0651 38 THR A CB  
357 O OG1 . THR A 55 ? 0.5403 0.5910 0.5003 0.0453  0.0157  -0.0712 38 THR A OG1 
358 C CG2 . THR A 55 ? 0.6037 0.6398 0.5599 0.0625  0.0117  -0.0687 38 THR A CG2 
359 N N   . TRP A 56 ? 0.5010 0.5426 0.4522 0.0281  0.0206  -0.0530 39 TRP A N   
360 C CA  . TRP A 56 ? 0.4919 0.5311 0.4404 0.0231  0.0251  -0.0531 39 TRP A CA  
361 C C   . TRP A 56 ? 0.4793 0.5206 0.4390 0.0220  0.0273  -0.0566 39 TRP A C   
362 O O   . TRP A 56 ? 0.5103 0.5465 0.4761 0.0187  0.0278  -0.0561 39 TRP A O   
363 C CB  . TRP A 56 ? 0.5061 0.5375 0.4431 0.0208  0.0286  -0.0479 39 TRP A CB  
364 C CG  . TRP A 56 ? 0.5034 0.5355 0.4276 0.0205  0.0236  -0.0461 39 TRP A CG  
365 C CD1 . TRP A 56 ? 0.5134 0.5474 0.4337 0.0235  0.0177  -0.0414 39 TRP A CD1 
366 C CD2 . TRP A 56 ? 0.5064 0.5362 0.4190 0.0167  0.0218  -0.0493 39 TRP A CD2 
367 N NE1 . TRP A 56 ? 0.5170 0.5577 0.4279 0.0200  0.0116  -0.0418 39 TRP A NE1 
368 C CE2 . TRP A 56 ? 0.5182 0.5528 0.4227 0.0140  0.0141  -0.0472 39 TRP A CE2 
369 C CE3 . TRP A 56 ? 0.5005 0.5218 0.4075 0.0161  0.0246  -0.0542 39 TRP A CE3 
370 C CZ2 . TRP A 56 ? 0.5241 0.5545 0.4149 0.0061  0.0084  -0.0508 39 TRP A CZ2 
371 C CZ3 . TRP A 56 ? 0.5243 0.5335 0.4142 0.0110  0.0199  -0.0574 39 TRP A CZ3 
372 C CH2 . TRP A 56 ? 0.5290 0.5421 0.4107 0.0038  0.0117  -0.0563 39 TRP A CH2 
373 N N   . GLU A 57 ? 0.4738 0.5216 0.4355 0.0241  0.0271  -0.0598 40 GLU A N   
374 C CA  . GLU A 57 ? 0.4795 0.5371 0.4545 0.0243  0.0260  -0.0638 40 GLU A CA  
375 C C   . GLU A 57 ? 0.4737 0.5401 0.4520 0.0286  0.0299  -0.0638 40 GLU A C   
376 O O   . GLU A 57 ? 0.4718 0.5293 0.4368 0.0343  0.0308  -0.0632 40 GLU A O   
377 C CB  . GLU A 57 ? 0.4942 0.5553 0.4677 0.0281  0.0194  -0.0681 40 GLU A CB  
378 C CG  . GLU A 57 ? 0.5057 0.5616 0.4747 0.0290  0.0171  -0.0704 40 GLU A CG  
379 C CD  . GLU A 57 ? 0.5380 0.5840 0.5129 0.0255  0.0149  -0.0739 40 GLU A CD  
380 O OE1 . GLU A 57 ? 0.5405 0.5892 0.5264 0.0182  0.0140  -0.0754 40 GLU A OE1 
381 O OE2 . GLU A 57 ? 0.5854 0.6208 0.5543 0.0301  0.0137  -0.0752 40 GLU A OE2 
382 N N   . PRO A 58 ? 0.4938 0.5783 0.4904 0.0264  0.0315  -0.0655 41 PRO A N   
383 C CA  . PRO A 58 ? 0.5024 0.6044 0.5069 0.0347  0.0362  -0.0662 41 PRO A CA  
384 C C   . PRO A 58 ? 0.5022 0.6043 0.5024 0.0477  0.0288  -0.0689 41 PRO A C   
385 O O   . PRO A 58 ? 0.4651 0.5683 0.4662 0.0467  0.0196  -0.0707 41 PRO A O   
386 C CB  . PRO A 58 ? 0.5146 0.6447 0.5459 0.0251  0.0385  -0.0663 41 PRO A CB  
387 C CG  . PRO A 58 ? 0.5260 0.6472 0.5605 0.0144  0.0290  -0.0690 41 PRO A CG  
388 C CD  . PRO A 58 ? 0.5214 0.6121 0.5332 0.0155  0.0280  -0.0672 41 PRO A CD  
389 N N   . GLU A 59 ? 0.4908 0.5876 0.4815 0.0612  0.0326  -0.0692 42 GLU A N   
390 C CA  . GLU A 59 ? 0.5153 0.6009 0.4941 0.0763  0.0255  -0.0695 42 GLU A CA  
391 C C   . GLU A 59 ? 0.5223 0.6356 0.5202 0.0829  0.0164  -0.0708 42 GLU A C   
392 O O   . GLU A 59 ? 0.5338 0.6353 0.5186 0.0895  0.0071  -0.0686 42 GLU A O   
393 C CB  . GLU A 59 ? 0.5475 0.6259 0.5171 0.0933  0.0320  -0.0720 42 GLU A CB  
394 C CG  . GLU A 59 ? 0.5857 0.6400 0.5367 0.1126  0.0249  -0.0716 42 GLU A CG  
395 C CD  . GLU A 59 ? 0.6261 0.6613 0.5601 0.1303  0.0320  -0.0770 42 GLU A CD  
396 O OE1 . GLU A 59 ? 0.6735 0.6624 0.5754 0.1275  0.0307  -0.0775 42 GLU A OE1 
397 O OE2 . GLU A 59 ? 0.5974 0.6653 0.5497 0.1457  0.0393  -0.0815 42 GLU A OE2 
398 N N   . HIS A 60 ? 0.5452 0.6973 0.5732 0.0805  0.0190  -0.0737 43 HIS A N   
399 C CA  . HIS A 60 ? 0.5856 0.7739 0.6372 0.0851  0.0084  -0.0764 43 HIS A CA  
400 C C   . HIS A 60 ? 0.5912 0.7779 0.6426 0.0704  -0.0035 -0.0790 43 HIS A C   
401 O O   . HIS A 60 ? 0.5743 0.7876 0.6400 0.0729  -0.0156 -0.0825 43 HIS A O   
402 C CB  . HIS A 60 ? 0.5942 0.8320 0.6827 0.0831  0.0154  -0.0783 43 HIS A CB  
403 C CG  . HIS A 60 ? 0.6118 0.8542 0.7117 0.0581  0.0250  -0.0768 43 HIS A CG  
404 N ND1 . HIS A 60 ? 0.6408 0.8912 0.7554 0.0360  0.0173  -0.0787 43 HIS A ND1 
405 C CD2 . HIS A 60 ? 0.6385 0.8738 0.7328 0.0521  0.0407  -0.0729 43 HIS A CD2 
406 C CE1 . HIS A 60 ? 0.6509 0.8952 0.7687 0.0174  0.0280  -0.0745 43 HIS A CE1 
407 N NE2 . HIS A 60 ? 0.6493 0.8869 0.7549 0.0270  0.0425  -0.0701 43 HIS A NE2 
408 N N   . HIS A 61 ? 0.6123 0.7702 0.6470 0.0572  -0.0008 -0.0786 44 HIS A N   
409 C CA  . HIS A 61 ? 0.6248 0.7745 0.6502 0.0497  -0.0107 -0.0828 44 HIS A CA  
410 C C   . HIS A 61 ? 0.6021 0.7271 0.5969 0.0582  -0.0129 -0.0789 44 HIS A C   
411 O O   . HIS A 61 ? 0.5897 0.7088 0.5718 0.0549  -0.0184 -0.0824 44 HIS A O   
412 C CB  . HIS A 61 ? 0.6629 0.7986 0.6895 0.0331  -0.0066 -0.0856 44 HIS A CB  
413 C CG  . HIS A 61 ? 0.7138 0.8679 0.7666 0.0185  -0.0047 -0.0872 44 HIS A CG  
414 N ND1 . HIS A 61 ? 0.7587 0.8946 0.8110 0.0046  0.0019  -0.0852 44 HIS A ND1 
415 C CD2 . HIS A 61 ? 0.7408 0.9321 0.8219 0.0144  -0.0081 -0.0890 44 HIS A CD2 
416 C CE1 . HIS A 61 ? 0.7650 0.9218 0.8417 -0.0101 0.0037  -0.0843 44 HIS A CE1 
417 N NE2 . HIS A 61 ? 0.7634 0.9585 0.8611 -0.0054 -0.0019 -0.0872 44 HIS A NE2 
418 N N   . LEU A 62 ? 0.5730 0.6821 0.5537 0.0684  -0.0084 -0.0718 45 LEU A N   
419 C CA  . LEU A 62 ? 0.5725 0.6564 0.5240 0.0717  -0.0095 -0.0650 45 LEU A CA  
420 C C   . LEU A 62 ? 0.6093 0.6921 0.5487 0.0871  -0.0190 -0.0604 45 LEU A C   
421 O O   . LEU A 62 ? 0.5952 0.6873 0.5455 0.1006  -0.0214 -0.0608 45 LEU A O   
422 C CB  . LEU A 62 ? 0.5931 0.6511 0.5316 0.0684  -0.0005 -0.0596 45 LEU A CB  
423 C CG  . LEU A 62 ? 0.5948 0.6536 0.5408 0.0548  0.0067  -0.0622 45 LEU A CG  
424 C CD1 . LEU A 62 ? 0.6151 0.6522 0.5486 0.0507  0.0126  -0.0582 45 LEU A CD1 
425 C CD2 . LEU A 62 ? 0.6068 0.6700 0.5476 0.0483  0.0054  -0.0633 45 LEU A CD2 
426 N N   . LEU A 63 ? 0.6241 0.6977 0.5398 0.0871  -0.0240 -0.0556 46 LEU A N   
427 C CA  . LEU A 63 ? 0.6567 0.7240 0.5519 0.1021  -0.0346 -0.0481 46 LEU A CA  
428 C C   . LEU A 63 ? 0.6877 0.7197 0.5469 0.0984  -0.0302 -0.0344 46 LEU A C   
429 O O   . LEU A 63 ? 0.6699 0.6981 0.5226 0.0831  -0.0212 -0.0330 46 LEU A O   
430 C CB  . LEU A 63 ? 0.6672 0.7601 0.5618 0.1041  -0.0467 -0.0543 46 LEU A CB  
431 C CG  . LEU A 63 ? 0.6624 0.7928 0.5906 0.1021  -0.0552 -0.0681 46 LEU A CG  
432 C CD1 . LEU A 63 ? 0.6777 0.8211 0.5920 0.1006  -0.0681 -0.0752 46 LEU A CD1 
433 C CD2 . LEU A 63 ? 0.6636 0.8164 0.6139 0.1180  -0.0626 -0.0672 46 LEU A CD2 
434 N N   . HIS A 64 ? 0.7530 0.7605 0.5893 0.1125  -0.0368 -0.0234 47 HIS A N   
435 C CA  . HIS A 64 ? 0.8257 0.7957 0.6232 0.1072  -0.0346 -0.0069 47 HIS A CA  
436 C C   . HIS A 64 ? 0.8593 0.8316 0.6301 0.1200  -0.0465 0.0018  47 HIS A C   
437 O O   . HIS A 64 ? 0.8686 0.8500 0.6437 0.1415  -0.0599 0.0003  47 HIS A O   
438 C CB  . HIS A 64 ? 0.9048 0.8283 0.6876 0.1128  -0.0336 0.0006  47 HIS A CB  
439 C CG  . HIS A 64 ? 0.9955 0.8719 0.7348 0.1076  -0.0345 0.0201  47 HIS A CG  
440 N ND1 . HIS A 64 ? 1.0407 0.9152 0.7643 0.0834  -0.0254 0.0301  47 HIS A ND1 
441 C CD2 . HIS A 64 ? 1.0760 0.9055 0.7831 0.1235  -0.0432 0.0331  47 HIS A CD2 
442 C CE1 . HIS A 64 ? 1.0984 0.9272 0.7819 0.0801  -0.0275 0.0498  47 HIS A CE1 
443 N NE2 . HIS A 64 ? 1.1476 0.9431 0.8180 0.1047  -0.0392 0.0521  47 HIS A NE2 
444 N N   . CYS A 65 ? 0.8837 0.8512 0.6264 0.1079  -0.0414 0.0117  48 CYS A N   
445 C CA  . CYS A 65 ? 0.9299 0.9015 0.6404 0.1184  -0.0514 0.0201  48 CYS A CA  
446 C C   . CYS A 65 ? 1.0037 0.9328 0.6663 0.1128  -0.0473 0.0452  48 CYS A C   
447 O O   . CYS A 65 ? 1.0548 0.9657 0.7114 0.0911  -0.0329 0.0539  48 CYS A O   
448 C CB  . CYS A 65 ? 0.8899 0.9010 0.6049 0.1109  -0.0487 0.0071  48 CYS A CB  
449 S SG  . CYS A 65 ? 0.8111 0.8623 0.5768 0.1131  -0.0553 -0.0201 48 CYS A SG  
450 N N   . GLU A 66 ? 1.0466 0.9619 0.6753 0.1310  -0.0611 0.0577  49 GLU A N   
451 C CA  . GLU A 66 ? 1.0979 0.9656 0.6743 0.1280  -0.0600 0.0852  49 GLU A CA  
452 C C   . GLU A 66 ? 1.1027 0.9855 0.6410 0.1400  -0.0699 0.0935  49 GLU A C   
453 O O   . GLU A 66 ? 1.0752 0.9921 0.6262 0.1597  -0.0862 0.0793  49 GLU A O   
454 C CB  . GLU A 66 ? 1.1759 0.9906 0.7389 0.1474  -0.0717 0.0961  49 GLU A CB  
455 C CG  . GLU A 66 ? 1.1766 0.9859 0.7796 0.1523  -0.0705 0.0801  49 GLU A CG  
456 C CD  . GLU A 66 ? 1.2628 1.0357 0.8551 0.1853  -0.0860 0.0845  49 GLU A CD  
457 O OE1 . GLU A 66 ? 1.2981 1.0926 0.8877 0.2134  -0.1031 0.0848  49 GLU A OE1 
458 O OE2 . GLU A 66 ? 1.3004 1.0242 0.8870 0.1850  -0.0822 0.0863  49 GLU A OE2 
459 N N   . GLU A 67 ? 1.1055 0.9643 0.5960 0.1268  -0.0606 0.1171  50 GLU A N   
460 C CA  . GLU A 67 ? 1.1300 0.9920 0.5712 0.1393  -0.0698 0.1304  50 GLU A CA  
461 C C   . GLU A 67 ? 1.1302 0.9777 0.5623 0.1734  -0.0969 0.1328  50 GLU A C   
462 O O   . GLU A 67 ? 1.1468 0.9530 0.5838 0.1844  -0.1033 0.1400  50 GLU A O   
463 C CB  . GLU A 67 ? 1.2031 1.0250 0.5895 0.1204  -0.0558 0.1631  50 GLU A CB  
464 N N   . PHE A 68 ? 1.1111 0.9959 0.5329 0.1916  -0.1139 0.1237  51 PHE A N   
465 C CA  . PHE A 68 ? 1.1305 1.0170 0.5504 0.2261  -0.1425 0.1240  51 PHE A CA  
466 C C   . PHE A 68 ? 1.2156 1.0423 0.5713 0.2417  -0.1516 0.1586  51 PHE A C   
467 O O   . PHE A 68 ? 1.2579 1.0717 0.5575 0.2338  -0.1469 0.1779  51 PHE A O   
468 C CB  . PHE A 68 ? 1.1089 1.0553 0.5347 0.2375  -0.1609 0.1036  51 PHE A CB  
469 C CG  . PHE A 68 ? 1.1238 1.0843 0.5504 0.2723  -0.1929 0.1041  51 PHE A CG  
470 C CD1 . PHE A 68 ? 1.0822 1.0612 0.5648 0.2884  -0.2031 0.0910  51 PHE A CD1 
471 C CD2 . PHE A 68 ? 1.1834 1.1442 0.5550 0.2904  -0.2128 0.1178  51 PHE A CD2 
472 C CE1 . PHE A 68 ? 1.1078 1.1104 0.5969 0.3225  -0.2325 0.0913  51 PHE A CE1 
473 C CE2 . PHE A 68 ? 1.2071 1.1876 0.5825 0.3246  -0.2448 0.1183  51 PHE A CE2 
474 C CZ  . PHE A 68 ? 1.1672 1.1711 0.6041 0.3410  -0.2545 0.1049  51 PHE A CZ  
475 N N   . ILE A 69 ? 1.2485 1.0379 0.6107 0.2652  -0.1639 0.1661  52 ILE A N   
476 C CA  . ILE A 69 ? 1.3556 1.0790 0.6586 0.2881  -0.1777 0.1980  52 ILE A CA  
477 C C   . ILE A 69 ? 1.3678 1.1172 0.6860 0.3338  -0.2092 0.1906  52 ILE A C   
478 O O   . ILE A 69 ? 1.3290 1.0988 0.7012 0.3492  -0.2137 0.1716  52 ILE A O   
479 C CB  . ILE A 69 ? 1.3829 1.0289 0.6779 0.2787  -0.1650 0.2123  52 ILE A CB  
480 N N   . ASP A 70 ? 1.4426 1.1963 0.7141 0.3562  -0.2308 0.2057  53 ASP A N   
481 C CA  . ASP A 70 ? 1.4556 1.2530 0.7470 0.3987  -0.2636 0.1964  53 ASP A CA  
482 C C   . ASP A 70 ? 1.5227 1.2690 0.8122 0.4368  -0.2761 0.2096  53 ASP A C   
483 O O   . ASP A 70 ? 1.6086 1.3088 0.8426 0.4676  -0.2952 0.2362  53 ASP A O   
484 C CB  . ASP A 70 ? 1.5101 1.3265 0.7468 0.4112  -0.2848 0.2089  53 ASP A CB  
485 C CG  . ASP A 70 ? 1.4912 1.3785 0.7603 0.4460  -0.3200 0.1917  53 ASP A CG  
486 O OD1 . ASP A 70 ? 1.4316 1.3655 0.7726 0.4561  -0.3250 0.1680  53 ASP A OD1 
487 O OD2 . ASP A 70 ? 1.5272 1.4281 0.7493 0.4621  -0.3428 0.2022  53 ASP A OD2 
488 N N   . GLU A 71 ? 1.5027 1.2566 0.8505 0.4360  -0.2647 0.1899  54 GLU A N   
489 C CA  . GLU A 71 ? 1.5712 1.2674 0.9186 0.4670  -0.2679 0.1971  54 GLU A CA  
490 C C   . GLU A 71 ? 1.5199 1.2856 0.9466 0.4893  -0.2729 0.1670  54 GLU A C   
491 O O   . GLU A 71 ? 1.5846 1.3525 1.0193 0.5367  -0.2920 0.1686  54 GLU A O   
492 C CB  . GLU A 71 ? 1.5851 1.2003 0.9118 0.4346  -0.2405 0.2061  54 GLU A CB  
# 
loop_
_pdbx_poly_seq_scheme.asym_id 
_pdbx_poly_seq_scheme.entity_id 
_pdbx_poly_seq_scheme.seq_id 
_pdbx_poly_seq_scheme.mon_id 
_pdbx_poly_seq_scheme.ndb_seq_num 
_pdbx_poly_seq_scheme.pdb_seq_num 
_pdbx_poly_seq_scheme.auth_seq_num 
_pdbx_poly_seq_scheme.pdb_mon_id 
_pdbx_poly_seq_scheme.auth_mon_id 
_pdbx_poly_seq_scheme.pdb_strand_id 
_pdbx_poly_seq_scheme.pdb_ins_code 
_pdbx_poly_seq_scheme.hetero 
A 1 1  MET 1  -16 ?  ?   ?   A . n 
A 1 2  HIS 2  -15 ?  ?   ?   A . n 
A 1 3  HIS 3  -14 ?  ?   ?   A . n 
A 1 4  HIS 4  -13 ?  ?   ?   A . n 
A 1 5  HIS 5  -12 ?  ?   ?   A . n 
A 1 6  HIS 6  -11 ?  ?   ?   A . n 
A 1 7  HIS 7  -10 ?  ?   ?   A . n 
A 1 8  SER 8  -9  ?  ?   ?   A . n 
A 1 9  SER 9  -8  ?  ?   ?   A . n 
A 1 10 GLY 10 -7  ?  ?   ?   A . n 
A 1 11 ARG 11 -6  ?  ?   ?   A . n 
A 1 12 GLU 12 -5  ?  ?   ?   A . n 
A 1 13 ASN 13 -4  -4 ASN ASN A . n 
A 1 14 LEU 14 -3  -3 LEU LEU A . n 
A 1 15 TYR 15 -2  -2 TYR TYR A . n 
A 1 16 PHE 16 -1  -1 PHE PHE A . n 
A 1 17 GLN 17 0   0  GLN GLN A . n 
A 1 18 GLY 18 1   1  GLY GLY A . n 
A 1 19 ALA 19 2   2  ALA ALA A . n 
A 1 20 SER 20 3   3  SER SER A . n 
A 1 21 GLY 21 4   4  GLY GLY A . n 
A 1 22 ASP 22 5   5  ASP ASP A . n 
A 1 23 LEU 23 6   6  LEU LEU A . n 
A 1 24 TYR 24 7   7  TYR TYR A . n 
A 1 25 GLU 25 8   8  GLU GLU A . n 
A 1 26 VAL 26 9   9  VAL VAL A . n 
A 1 27 GLU 27 10  10 GLU GLU A . n 
A 1 28 ARG 28 11  11 ARG ARG A . n 
A 1 29 ILE 29 12  12 ILE ILE A . n 
A 1 30 VAL 30 13  13 VAL VAL A . n 
A 1 31 ASP 31 14  14 ASP ASP A . n 
A 1 32 LYS 32 15  15 LYS LYS A . n 
A 1 33 ARG 33 16  16 ARG ARG A . n 
A 1 34 LYS 34 17  17 LYS LYS A . n 
A 1 35 ASN 35 18  18 ASN ASN A . n 
A 1 36 LYS 36 19  19 LYS LYS A . n 
A 1 37 LYS 37 20  20 LYS LYS A . n 
A 1 38 GLY 38 21  21 GLY GLY A . n 
A 1 39 LYS 39 22  22 LYS LYS A . n 
A 1 40 TRP 40 23  23 TRP TRP A . n 
A 1 41 GLU 41 24  24 GLU GLU A . n 
A 1 42 TYR 42 25  25 TYR TYR A . n 
A 1 43 LEU 43 26  26 LEU LEU A . n 
A 1 44 ILE 44 27  27 ILE ILE A . n 
A 1 45 ARG 45 28  28 ARG ARG A . n 
A 1 46 TRP 46 29  29 TRP TRP A . n 
A 1 47 LYS 47 30  30 LYS LYS A . n 
A 1 48 GLY 48 31  31 GLY GLY A . n 
A 1 49 TYR 49 32  32 TYR TYR A . n 
A 1 50 GLY 50 33  33 GLY GLY A . n 
A 1 51 SER 51 34  34 SER SER A . n 
A 1 52 THR 52 35  35 THR THR A . n 
A 1 53 GLU 53 36  36 GLU GLU A . n 
A 1 54 ASP 54 37  37 ASP ASP A . n 
A 1 55 THR 55 38  38 THR THR A . n 
A 1 56 TRP 56 39  39 TRP TRP A . n 
A 1 57 GLU 57 40  40 GLU GLU A . n 
A 1 58 PRO 58 41  41 PRO PRO A . n 
A 1 59 GLU 59 42  42 GLU GLU A . n 
A 1 60 HIS 60 43  43 HIS HIS A . n 
A 1 61 HIS 61 44  44 HIS HIS A . n 
A 1 62 LEU 62 45  45 LEU LEU A . n 
A 1 63 LEU 63 46  46 LEU LEU A . n 
A 1 64 HIS 64 47  47 HIS HIS A . n 
A 1 65 CYS 65 48  48 CYS CYS A . n 
A 1 66 GLU 66 49  49 GLU GLU A . n 
A 1 67 GLU 67 50  50 GLU GLU A . n 
A 1 68 PHE 68 51  51 PHE PHE A . n 
A 1 69 ILE 69 52  52 ILE ILE A . n 
A 1 70 ASP 70 53  53 ASP ASP A . n 
A 1 71 GLU 71 54  54 GLU GLU A . n 
A 1 72 PHE 72 55  ?  ?   ?   A . n 
A 1 73 ASN 73 56  ?  ?   ?   A . n 
A 1 74 GLY 74 57  ?  ?   ?   A . n 
A 1 75 LEU 75 58  ?  ?   ?   A . n 
A 1 76 HIS 76 59  ?  ?   ?   A . n 
A 1 77 MET 77 60  ?  ?   ?   A . n 
A 1 78 SER 78 61  ?  ?   ?   A . n 
A 1 79 LYS 79 62  ?  ?   ?   A . n 
A 1 80 ASP 80 63  ?  ?   ?   A . n 
A 1 81 LYS 81 64  ?  ?   ?   A . n 
A 1 82 ARG 82 65  ?  ?   ?   A . n 
A 1 83 ILE 83 66  ?  ?   ?   A . n 
B 2 1  LYS 1  21  ?  ?   ?   B . n 
B 2 2  LYS 2  22  ?  ?   ?   B . n 
B 2 3  LYS 3  23  ?  ?   ?   B . n 
B 2 4  ALA 4  24  ?  ?   ?   B . n 
B 2 5  ARG 5  25  3  ARG ARG B . n 
B 2 6  MLY 6  26  4  MLY MLY B . n 
B 2 7  SER 7  27  5  SER SER B . n 
B 2 8  ALA 8  28  6  ALA ALA B . n 
B 2 9  GLY 9  29  ?  ?   ?   B . n 
B 2 10 ALA 10 30  ?  ?   ?   B . n 
B 2 11 ALA 11 31  ?  ?   ?   B . n 
B 2 12 LYS 12 32  ?  ?   ?   B . n 
B 2 13 TYR 13 33  ?  ?   ?   B . n 
# 
_pdbx_SG_project.id                    1 
_pdbx_SG_project.project_name          ? 
_pdbx_SG_project.full_name_of_center   'Structural Genomics Consortium' 
_pdbx_SG_project.initial_of_center     SGC 
# 
loop_
_pdbx_nonpoly_scheme.asym_id 
_pdbx_nonpoly_scheme.entity_id 
_pdbx_nonpoly_scheme.mon_id 
_pdbx_nonpoly_scheme.ndb_seq_num 
_pdbx_nonpoly_scheme.pdb_seq_num 
_pdbx_nonpoly_scheme.auth_seq_num 
_pdbx_nonpoly_scheme.pdb_mon_id 
_pdbx_nonpoly_scheme.auth_mon_id 
_pdbx_nonpoly_scheme.pdb_strand_id 
_pdbx_nonpoly_scheme.pdb_ins_code 
C 3 HOH 1  101 16 HOH HOH A . 
C 3 HOH 2  102 10 HOH HOH A . 
C 3 HOH 3  103 18 HOH HOH A . 
C 3 HOH 4  104 8  HOH HOH A . 
C 3 HOH 5  105 14 HOH HOH A . 
C 3 HOH 6  106 6  HOH HOH A . 
C 3 HOH 7  107 5  HOH HOH A . 
C 3 HOH 8  108 4  HOH HOH A . 
C 3 HOH 9  109 7  HOH HOH A . 
C 3 HOH 10 110 1  HOH HOH A . 
C 3 HOH 11 111 11 HOH HOH A . 
C 3 HOH 12 112 15 HOH HOH A . 
C 3 HOH 13 113 12 HOH HOH A . 
C 3 HOH 14 114 17 HOH HOH A . 
C 3 HOH 15 115 3  HOH HOH A . 
C 3 HOH 16 116 9  HOH HOH A . 
C 3 HOH 17 117 19 HOH HOH A . 
# 
loop_
_pdbx_struct_assembly.id 
_pdbx_struct_assembly.details 
_pdbx_struct_assembly.method_details 
_pdbx_struct_assembly.oligomeric_details 
_pdbx_struct_assembly.oligomeric_count 
1 author_and_software_defined_assembly PISA dimeric    2 
2 software_defined_assembly            PISA tetrameric 4 
# 
loop_
_pdbx_struct_assembly_gen.assembly_id 
_pdbx_struct_assembly_gen.oper_expression 
_pdbx_struct_assembly_gen.asym_id_list 
1 1   A,B,C 
2 1,2 A,B,C 
# 
loop_
_pdbx_struct_assembly_prop.biol_id 
_pdbx_struct_assembly_prop.type 
_pdbx_struct_assembly_prop.value 
_pdbx_struct_assembly_prop.details 
1 'ABSA (A^2)' 470  ? 
1 MORE         -4   ? 
1 'SSA (A^2)'  4780 ? 
2 'ABSA (A^2)' 2400 ? 
2 MORE         -18  ? 
2 'SSA (A^2)'  8090 ? 
# 
loop_
_pdbx_struct_oper_list.id 
_pdbx_struct_oper_list.type 
_pdbx_struct_oper_list.name 
_pdbx_struct_oper_list.symmetry_operation 
_pdbx_struct_oper_list.matrix[1][1] 
_pdbx_struct_oper_list.matrix[1][2] 
_pdbx_struct_oper_list.matrix[1][3] 
_pdbx_struct_oper_list.vector[1] 
_pdbx_struct_oper_list.matrix[2][1] 
_pdbx_struct_oper_list.matrix[2][2] 
_pdbx_struct_oper_list.matrix[2][3] 
_pdbx_struct_oper_list.vector[2] 
_pdbx_struct_oper_list.matrix[3][1] 
_pdbx_struct_oper_list.matrix[3][2] 
_pdbx_struct_oper_list.matrix[3][3] 
_pdbx_struct_oper_list.vector[3] 
1 'identity operation'         1_555  x,y,z            1.0000000000  0.0000000000  0.0000000000  0.0000000000 0.0000000000  1.0000000000 0.0000000000 0.0000000000  0.0000000000  0.0000000000 1.0000000000  0.0000000000  
2 'crystal symmetry operation' 10_444 -y-1,-x-1,-z-1/6 -0.8706281255 -0.4767156167 -0.1214449995 6.9322913376 -0.4767156167 0.7566243054 0.4475062919 -3.3326679502 -0.1214449995 0.4475062919 -0.8859961799 20.4667000845 
# 
loop_
_pdbx_audit_revision_history.ordinal 
_pdbx_audit_revision_history.data_content_type 
_pdbx_audit_revision_history.major_revision 
_pdbx_audit_revision_history.minor_revision 
_pdbx_audit_revision_history.revision_date 
1 'Structure model' 1 0 2016-05-25 
2 'Structure model' 1 1 2023-09-27 
# 
_pdbx_audit_revision_details.ordinal             1 
_pdbx_audit_revision_details.revision_ordinal    1 
_pdbx_audit_revision_details.data_content_type   'Structure model' 
_pdbx_audit_revision_details.provider            repository 
_pdbx_audit_revision_details.type                'Initial release' 
_pdbx_audit_revision_details.description         ? 
_pdbx_audit_revision_details.details             ? 
# 
loop_
_pdbx_audit_revision_group.ordinal 
_pdbx_audit_revision_group.revision_ordinal 
_pdbx_audit_revision_group.data_content_type 
_pdbx_audit_revision_group.group 
1 2 'Structure model' 'Data collection'        
2 2 'Structure model' 'Database references'    
3 2 'Structure model' 'Derived calculations'   
4 2 'Structure model' 'Refinement description' 
# 
loop_
_pdbx_audit_revision_category.ordinal 
_pdbx_audit_revision_category.revision_ordinal 
_pdbx_audit_revision_category.data_content_type 
_pdbx_audit_revision_category.category 
1 2 'Structure model' chem_comp_atom                
2 2 'Structure model' chem_comp_bond                
3 2 'Structure model' database_2                    
4 2 'Structure model' pdbx_initial_refinement_model 
5 2 'Structure model' pdbx_prerelease_seq           
6 2 'Structure model' pdbx_struct_oper_list         
# 
loop_
_pdbx_audit_revision_item.ordinal 
_pdbx_audit_revision_item.revision_ordinal 
_pdbx_audit_revision_item.data_content_type 
_pdbx_audit_revision_item.item 
1 2 'Structure model' '_database_2.pdbx_DOI'                      
2 2 'Structure model' '_database_2.pdbx_database_accession'       
3 2 'Structure model' '_pdbx_struct_oper_list.symmetry_operation' 
# 
_pdbx_refine_tls.pdbx_refine_id   'X-RAY DIFFRACTION' 
_pdbx_refine_tls.id               1 
_pdbx_refine_tls.details          ? 
_pdbx_refine_tls.method           refined 
_pdbx_refine_tls.origin_x         -0.2101 
_pdbx_refine_tls.origin_y         -0.8031 
_pdbx_refine_tls.origin_z         -1.0560 
_pdbx_refine_tls.T[1][1]          0.1108 
_pdbx_refine_tls.T[2][2]          0.1650 
_pdbx_refine_tls.T[3][3]          0.0453 
_pdbx_refine_tls.T[1][2]          0.0389 
_pdbx_refine_tls.T[1][3]          0.0125 
_pdbx_refine_tls.T[2][3]          -0.0593 
_pdbx_refine_tls.L[1][1]          3.1462 
_pdbx_refine_tls.L[2][2]          3.1151 
_pdbx_refine_tls.L[3][3]          5.7784 
_pdbx_refine_tls.L[1][2]          -0.4628 
_pdbx_refine_tls.L[1][3]          0.6771 
_pdbx_refine_tls.L[2][3]          -0.1178 
_pdbx_refine_tls.S[1][1]          -0.0468 
_pdbx_refine_tls.S[2][2]          0.0979 
_pdbx_refine_tls.S[3][3]          -0.0511 
_pdbx_refine_tls.S[1][2]          -0.2774 
_pdbx_refine_tls.S[1][3]          -0.0052 
_pdbx_refine_tls.S[2][3]          -0.1596 
_pdbx_refine_tls.S[2][1]          0.1510 
_pdbx_refine_tls.S[3][1]          0.2911 
_pdbx_refine_tls.S[3][2]          0.0427 
# 
_pdbx_refine_tls_group.pdbx_refine_id      'X-RAY DIFFRACTION' 
_pdbx_refine_tls_group.id                  1 
_pdbx_refine_tls_group.refine_tls_id       1 
_pdbx_refine_tls_group.beg_auth_asym_id    A 
_pdbx_refine_tls_group.beg_auth_seq_id     -4 
_pdbx_refine_tls_group.end_auth_asym_id    A 
_pdbx_refine_tls_group.end_auth_seq_id     54 
_pdbx_refine_tls_group.selection_details   ? 
_pdbx_refine_tls_group.beg_label_asym_id   ? 
_pdbx_refine_tls_group.beg_label_seq_id    ? 
_pdbx_refine_tls_group.end_label_asym_id   ? 
_pdbx_refine_tls_group.end_label_seq_id    ? 
_pdbx_refine_tls_group.selection           ? 
# 
_pdbx_phasing_MR.entry_id                     5JJZ 
_pdbx_phasing_MR.method_rotation              ? 
_pdbx_phasing_MR.method_translation           ? 
_pdbx_phasing_MR.model_details                ? 
_pdbx_phasing_MR.R_factor                     ? 
_pdbx_phasing_MR.R_rigid_body                 ? 
_pdbx_phasing_MR.correlation_coeff_Fo_to_Fc   ? 
_pdbx_phasing_MR.correlation_coeff_Io_to_Ic   ? 
_pdbx_phasing_MR.d_res_high_rotation          35.220 
_pdbx_phasing_MR.d_res_low_rotation           2.440 
_pdbx_phasing_MR.d_res_high_translation       ? 
_pdbx_phasing_MR.d_res_low_translation        ? 
_pdbx_phasing_MR.packing                      ? 
_pdbx_phasing_MR.reflns_percent_rotation      ? 
_pdbx_phasing_MR.reflns_percent_translation   ? 
_pdbx_phasing_MR.sigma_F_rotation             ? 
_pdbx_phasing_MR.sigma_F_translation          ? 
_pdbx_phasing_MR.sigma_I_rotation             ? 
_pdbx_phasing_MR.sigma_I_translation          ? 
# 
_phasing.method   MR 
# 
loop_
_software.citation_id 
_software.classification 
_software.compiler_name 
_software.compiler_version 
_software.contact_author 
_software.contact_author_email 
_software.date 
_software.description 
_software.dependencies 
_software.hardware 
_software.language 
_software.location 
_software.mods 
_software.name 
_software.os 
_software.os_version 
_software.type 
_software.version 
_software.pdbx_ordinal 
? 'data scaling'    ? ? ? ? ? ? ? ? ? ? ? SCALEPACK   ? ? ? .        1 
? phasing           ? ? ? ? ? ? ? ? ? ? ? MOLREP      ? ? ? 11.0.05  2 
? refinement        ? ? ? ? ? ? ? ? ? ? ? REFMAC      ? ? ? 5.8.0135 3 
? 'data extraction' ? ? ? ? ? ? ? ? ? ? ? PDB_EXTRACT ? ? ? 3.20     4 
? 'data reduction'  ? ? ? ? ? ? ? ? ? ? ? HKL-3000    ? ? ? .        5 
# 
_pdbx_validate_torsion.id              1 
_pdbx_validate_torsion.PDB_model_num   1 
_pdbx_validate_torsion.auth_comp_id    SER 
_pdbx_validate_torsion.auth_asym_id    B 
_pdbx_validate_torsion.auth_seq_id     27 
_pdbx_validate_torsion.PDB_ins_code    ? 
_pdbx_validate_torsion.label_alt_id    ? 
_pdbx_validate_torsion.phi             176.98 
_pdbx_validate_torsion.psi             131.47 
# 
loop_
_pdbx_unobs_or_zero_occ_atoms.id 
_pdbx_unobs_or_zero_occ_atoms.PDB_model_num 
_pdbx_unobs_or_zero_occ_atoms.polymer_flag 
_pdbx_unobs_or_zero_occ_atoms.occupancy_flag 
_pdbx_unobs_or_zero_occ_atoms.auth_asym_id 
_pdbx_unobs_or_zero_occ_atoms.auth_comp_id 
_pdbx_unobs_or_zero_occ_atoms.auth_seq_id 
_pdbx_unobs_or_zero_occ_atoms.PDB_ins_code 
_pdbx_unobs_or_zero_occ_atoms.auth_atom_id 
_pdbx_unobs_or_zero_occ_atoms.label_alt_id 
_pdbx_unobs_or_zero_occ_atoms.label_asym_id 
_pdbx_unobs_or_zero_occ_atoms.label_comp_id 
_pdbx_unobs_or_zero_occ_atoms.label_seq_id 
_pdbx_unobs_or_zero_occ_atoms.label_atom_id 
1  1 Y 1 A LYS 19 ? CD  ? A LYS 36 CD  
2  1 Y 1 A LYS 19 ? CE  ? A LYS 36 CE  
3  1 Y 1 A LYS 19 ? NZ  ? A LYS 36 NZ  
4  1 Y 1 A LYS 22 ? NZ  ? A LYS 39 NZ  
5  1 Y 1 A LYS 30 ? CE  ? A LYS 47 CE  
6  1 Y 1 A LYS 30 ? NZ  ? A LYS 47 NZ  
7  1 Y 1 A GLU 50 ? CG  ? A GLU 67 CG  
8  1 Y 1 A GLU 50 ? CD  ? A GLU 67 CD  
9  1 Y 1 A GLU 50 ? OE1 ? A GLU 67 OE1 
10 1 Y 1 A GLU 50 ? OE2 ? A GLU 67 OE2 
11 1 Y 1 A ILE 52 ? CG1 ? A ILE 69 CG1 
12 1 Y 1 A ILE 52 ? CG2 ? A ILE 69 CG2 
13 1 Y 1 A ILE 52 ? CD1 ? A ILE 69 CD1 
14 1 Y 1 A GLU 54 ? CG  ? A GLU 71 CG  
15 1 Y 1 A GLU 54 ? CD  ? A GLU 71 CD  
16 1 Y 1 A GLU 54 ? OE1 ? A GLU 71 OE1 
17 1 Y 1 A GLU 54 ? OE2 ? A GLU 71 OE2 
18 1 Y 1 B ARG 25 ? CG  ? B ARG 5  CG  
19 1 Y 1 B ARG 25 ? CD  ? B ARG 5  CD  
20 1 Y 1 B ARG 25 ? NE  ? B ARG 5  NE  
21 1 Y 1 B ARG 25 ? CZ  ? B ARG 5  CZ  
22 1 Y 1 B ARG 25 ? NH1 ? B ARG 5  NH1 
23 1 Y 1 B ARG 25 ? NH2 ? B ARG 5  NH2 
24 1 Y 1 B ALA 28 ? C   ? B ALA 8  C   
25 1 Y 1 B ALA 28 ? O   ? B ALA 8  O   
26 1 Y 1 B ALA 28 ? CB  ? B ALA 8  CB  
# 
loop_
_pdbx_unobs_or_zero_occ_residues.id 
_pdbx_unobs_or_zero_occ_residues.PDB_model_num 
_pdbx_unobs_or_zero_occ_residues.polymer_flag 
_pdbx_unobs_or_zero_occ_residues.occupancy_flag 
_pdbx_unobs_or_zero_occ_residues.auth_asym_id 
_pdbx_unobs_or_zero_occ_residues.auth_comp_id 
_pdbx_unobs_or_zero_occ_residues.auth_seq_id 
_pdbx_unobs_or_zero_occ_residues.PDB_ins_code 
_pdbx_unobs_or_zero_occ_residues.label_asym_id 
_pdbx_unobs_or_zero_occ_residues.label_comp_id 
_pdbx_unobs_or_zero_occ_residues.label_seq_id 
1  1 Y 1 A MET -16 ? A MET 1  
2  1 Y 1 A HIS -15 ? A HIS 2  
3  1 Y 1 A HIS -14 ? A HIS 3  
4  1 Y 1 A HIS -13 ? A HIS 4  
5  1 Y 1 A HIS -12 ? A HIS 5  
6  1 Y 1 A HIS -11 ? A HIS 6  
7  1 Y 1 A HIS -10 ? A HIS 7  
8  1 Y 1 A SER -9  ? A SER 8  
9  1 Y 1 A SER -8  ? A SER 9  
10 1 Y 1 A GLY -7  ? A GLY 10 
11 1 Y 1 A ARG -6  ? A ARG 11 
12 1 Y 1 A GLU -5  ? A GLU 12 
13 1 Y 1 A PHE 55  ? A PHE 72 
14 1 Y 1 A ASN 56  ? A ASN 73 
15 1 Y 1 A GLY 57  ? A GLY 74 
16 1 Y 1 A LEU 58  ? A LEU 75 
17 1 Y 1 A HIS 59  ? A HIS 76 
18 1 Y 1 A MET 60  ? A MET 77 
19 1 Y 1 A SER 61  ? A SER 78 
20 1 Y 1 A LYS 62  ? A LYS 79 
21 1 Y 1 A ASP 63  ? A ASP 80 
22 1 Y 1 A LYS 64  ? A LYS 81 
23 1 Y 1 A ARG 65  ? A ARG 82 
24 1 Y 1 A ILE 66  ? A ILE 83 
25 1 Y 1 B LYS 21  ? B LYS 1  
26 1 Y 1 B LYS 22  ? B LYS 2  
27 1 Y 1 B LYS 23  ? B LYS 3  
28 1 Y 1 B ALA 24  ? B ALA 4  
29 1 Y 1 B GLY 29  ? B GLY 9  
30 1 Y 1 B ALA 30  ? B ALA 10 
31 1 Y 1 B ALA 31  ? B ALA 11 
32 1 Y 1 B LYS 32  ? B LYS 12 
33 1 Y 1 B TYR 33  ? B TYR 13 
# 
loop_
_chem_comp_atom.comp_id 
_chem_comp_atom.atom_id 
_chem_comp_atom.type_symbol 
_chem_comp_atom.pdbx_aromatic_flag 
_chem_comp_atom.pdbx_stereo_config 
_chem_comp_atom.pdbx_ordinal 
ALA N    N N N 1   
ALA CA   C N S 2   
ALA C    C N N 3   
ALA O    O N N 4   
ALA CB   C N N 5   
ALA OXT  O N N 6   
ALA H    H N N 7   
ALA H2   H N N 8   
ALA HA   H N N 9   
ALA HB1  H N N 10  
ALA HB2  H N N 11  
ALA HB3  H N N 12  
ALA HXT  H N N 13  
ARG N    N N N 14  
ARG CA   C N S 15  
ARG C    C N N 16  
ARG O    O N N 17  
ARG CB   C N N 18  
ARG CG   C N N 19  
ARG CD   C N N 20  
ARG NE   N N N 21  
ARG CZ   C N N 22  
ARG NH1  N N N 23  
ARG NH2  N N N 24  
ARG OXT  O N N 25  
ARG H    H N N 26  
ARG H2   H N N 27  
ARG HA   H N N 28  
ARG HB2  H N N 29  
ARG HB3  H N N 30  
ARG HG2  H N N 31  
ARG HG3  H N N 32  
ARG HD2  H N N 33  
ARG HD3  H N N 34  
ARG HE   H N N 35  
ARG HH11 H N N 36  
ARG HH12 H N N 37  
ARG HH21 H N N 38  
ARG HH22 H N N 39  
ARG HXT  H N N 40  
ASN N    N N N 41  
ASN CA   C N S 42  
ASN C    C N N 43  
ASN O    O N N 44  
ASN CB   C N N 45  
ASN CG   C N N 46  
ASN OD1  O N N 47  
ASN ND2  N N N 48  
ASN OXT  O N N 49  
ASN H    H N N 50  
ASN H2   H N N 51  
ASN HA   H N N 52  
ASN HB2  H N N 53  
ASN HB3  H N N 54  
ASN HD21 H N N 55  
ASN HD22 H N N 56  
ASN HXT  H N N 57  
ASP N    N N N 58  
ASP CA   C N S 59  
ASP C    C N N 60  
ASP O    O N N 61  
ASP CB   C N N 62  
ASP CG   C N N 63  
ASP OD1  O N N 64  
ASP OD2  O N N 65  
ASP OXT  O N N 66  
ASP H    H N N 67  
ASP H2   H N N 68  
ASP HA   H N N 69  
ASP HB2  H N N 70  
ASP HB3  H N N 71  
ASP HD2  H N N 72  
ASP HXT  H N N 73  
CYS N    N N N 74  
CYS CA   C N R 75  
CYS C    C N N 76  
CYS O    O N N 77  
CYS CB   C N N 78  
CYS SG   S N N 79  
CYS OXT  O N N 80  
CYS H    H N N 81  
CYS H2   H N N 82  
CYS HA   H N N 83  
CYS HB2  H N N 84  
CYS HB3  H N N 85  
CYS HG   H N N 86  
CYS HXT  H N N 87  
GLN N    N N N 88  
GLN CA   C N S 89  
GLN C    C N N 90  
GLN O    O N N 91  
GLN CB   C N N 92  
GLN CG   C N N 93  
GLN CD   C N N 94  
GLN OE1  O N N 95  
GLN NE2  N N N 96  
GLN OXT  O N N 97  
GLN H    H N N 98  
GLN H2   H N N 99  
GLN HA   H N N 100 
GLN HB2  H N N 101 
GLN HB3  H N N 102 
GLN HG2  H N N 103 
GLN HG3  H N N 104 
GLN HE21 H N N 105 
GLN HE22 H N N 106 
GLN HXT  H N N 107 
GLU N    N N N 108 
GLU CA   C N S 109 
GLU C    C N N 110 
GLU O    O N N 111 
GLU CB   C N N 112 
GLU CG   C N N 113 
GLU CD   C N N 114 
GLU OE1  O N N 115 
GLU OE2  O N N 116 
GLU OXT  O N N 117 
GLU H    H N N 118 
GLU H2   H N N 119 
GLU HA   H N N 120 
GLU HB2  H N N 121 
GLU HB3  H N N 122 
GLU HG2  H N N 123 
GLU HG3  H N N 124 
GLU HE2  H N N 125 
GLU HXT  H N N 126 
GLY N    N N N 127 
GLY CA   C N N 128 
GLY C    C N N 129 
GLY O    O N N 130 
GLY OXT  O N N 131 
GLY H    H N N 132 
GLY H2   H N N 133 
GLY HA2  H N N 134 
GLY HA3  H N N 135 
GLY HXT  H N N 136 
HIS N    N N N 137 
HIS CA   C N S 138 
HIS C    C N N 139 
HIS O    O N N 140 
HIS CB   C N N 141 
HIS CG   C Y N 142 
HIS ND1  N Y N 143 
HIS CD2  C Y N 144 
HIS CE1  C Y N 145 
HIS NE2  N Y N 146 
HIS OXT  O N N 147 
HIS H    H N N 148 
HIS H2   H N N 149 
HIS HA   H N N 150 
HIS HB2  H N N 151 
HIS HB3  H N N 152 
HIS HD1  H N N 153 
HIS HD2  H N N 154 
HIS HE1  H N N 155 
HIS HE2  H N N 156 
HIS HXT  H N N 157 
HOH O    O N N 158 
HOH H1   H N N 159 
HOH H2   H N N 160 
ILE N    N N N 161 
ILE CA   C N S 162 
ILE C    C N N 163 
ILE O    O N N 164 
ILE CB   C N S 165 
ILE CG1  C N N 166 
ILE CG2  C N N 167 
ILE CD1  C N N 168 
ILE OXT  O N N 169 
ILE H    H N N 170 
ILE H2   H N N 171 
ILE HA   H N N 172 
ILE HB   H N N 173 
ILE HG12 H N N 174 
ILE HG13 H N N 175 
ILE HG21 H N N 176 
ILE HG22 H N N 177 
ILE HG23 H N N 178 
ILE HD11 H N N 179 
ILE HD12 H N N 180 
ILE HD13 H N N 181 
ILE HXT  H N N 182 
LEU N    N N N 183 
LEU CA   C N S 184 
LEU C    C N N 185 
LEU O    O N N 186 
LEU CB   C N N 187 
LEU CG   C N N 188 
LEU CD1  C N N 189 
LEU CD2  C N N 190 
LEU OXT  O N N 191 
LEU H    H N N 192 
LEU H2   H N N 193 
LEU HA   H N N 194 
LEU HB2  H N N 195 
LEU HB3  H N N 196 
LEU HG   H N N 197 
LEU HD11 H N N 198 
LEU HD12 H N N 199 
LEU HD13 H N N 200 
LEU HD21 H N N 201 
LEU HD22 H N N 202 
LEU HD23 H N N 203 
LEU HXT  H N N 204 
LYS N    N N N 205 
LYS CA   C N S 206 
LYS C    C N N 207 
LYS O    O N N 208 
LYS CB   C N N 209 
LYS CG   C N N 210 
LYS CD   C N N 211 
LYS CE   C N N 212 
LYS NZ   N N N 213 
LYS OXT  O N N 214 
LYS H    H N N 215 
LYS H2   H N N 216 
LYS HA   H N N 217 
LYS HB2  H N N 218 
LYS HB3  H N N 219 
LYS HG2  H N N 220 
LYS HG3  H N N 221 
LYS HD2  H N N 222 
LYS HD3  H N N 223 
LYS HE2  H N N 224 
LYS HE3  H N N 225 
LYS HZ1  H N N 226 
LYS HZ2  H N N 227 
LYS HZ3  H N N 228 
LYS HXT  H N N 229 
MET N    N N N 230 
MET CA   C N S 231 
MET C    C N N 232 
MET O    O N N 233 
MET CB   C N N 234 
MET CG   C N N 235 
MET SD   S N N 236 
MET CE   C N N 237 
MET OXT  O N N 238 
MET H    H N N 239 
MET H2   H N N 240 
MET HA   H N N 241 
MET HB2  H N N 242 
MET HB3  H N N 243 
MET HG2  H N N 244 
MET HG3  H N N 245 
MET HE1  H N N 246 
MET HE2  H N N 247 
MET HE3  H N N 248 
MET HXT  H N N 249 
MLY N    N N N 250 
MLY CA   C N S 251 
MLY CB   C N N 252 
MLY CG   C N N 253 
MLY CD   C N N 254 
MLY CE   C N N 255 
MLY NZ   N N N 256 
MLY CH1  C N N 257 
MLY CH2  C N N 258 
MLY C    C N N 259 
MLY O    O N N 260 
MLY OXT  O N N 261 
MLY H    H N N 262 
MLY H2   H N N 263 
MLY HA   H N N 264 
MLY HB2  H N N 265 
MLY HB3  H N N 266 
MLY HG2  H N N 267 
MLY HG3  H N N 268 
MLY HD2  H N N 269 
MLY HD3  H N N 270 
MLY HE2  H N N 271 
MLY HE3  H N N 272 
MLY HH11 H N N 273 
MLY HH12 H N N 274 
MLY HH13 H N N 275 
MLY HH21 H N N 276 
MLY HH22 H N N 277 
MLY HH23 H N N 278 
MLY HXT  H N N 279 
PHE N    N N N 280 
PHE CA   C N S 281 
PHE C    C N N 282 
PHE O    O N N 283 
PHE CB   C N N 284 
PHE CG   C Y N 285 
PHE CD1  C Y N 286 
PHE CD2  C Y N 287 
PHE CE1  C Y N 288 
PHE CE2  C Y N 289 
PHE CZ   C Y N 290 
PHE OXT  O N N 291 
PHE H    H N N 292 
PHE H2   H N N 293 
PHE HA   H N N 294 
PHE HB2  H N N 295 
PHE HB3  H N N 296 
PHE HD1  H N N 297 
PHE HD2  H N N 298 
PHE HE1  H N N 299 
PHE HE2  H N N 300 
PHE HZ   H N N 301 
PHE HXT  H N N 302 
PRO N    N N N 303 
PRO CA   C N S 304 
PRO C    C N N 305 
PRO O    O N N 306 
PRO CB   C N N 307 
PRO CG   C N N 308 
PRO CD   C N N 309 
PRO OXT  O N N 310 
PRO H    H N N 311 
PRO HA   H N N 312 
PRO HB2  H N N 313 
PRO HB3  H N N 314 
PRO HG2  H N N 315 
PRO HG3  H N N 316 
PRO HD2  H N N 317 
PRO HD3  H N N 318 
PRO HXT  H N N 319 
SER N    N N N 320 
SER CA   C N S 321 
SER C    C N N 322 
SER O    O N N 323 
SER CB   C N N 324 
SER OG   O N N 325 
SER OXT  O N N 326 
SER H    H N N 327 
SER H2   H N N 328 
SER HA   H N N 329 
SER HB2  H N N 330 
SER HB3  H N N 331 
SER HG   H N N 332 
SER HXT  H N N 333 
THR N    N N N 334 
THR CA   C N S 335 
THR C    C N N 336 
THR O    O N N 337 
THR CB   C N R 338 
THR OG1  O N N 339 
THR CG2  C N N 340 
THR OXT  O N N 341 
THR H    H N N 342 
THR H2   H N N 343 
THR HA   H N N 344 
THR HB   H N N 345 
THR HG1  H N N 346 
THR HG21 H N N 347 
THR HG22 H N N 348 
THR HG23 H N N 349 
THR HXT  H N N 350 
TRP N    N N N 351 
TRP CA   C N S 352 
TRP C    C N N 353 
TRP O    O N N 354 
TRP CB   C N N 355 
TRP CG   C Y N 356 
TRP CD1  C Y N 357 
TRP CD2  C Y N 358 
TRP NE1  N Y N 359 
TRP CE2  C Y N 360 
TRP CE3  C Y N 361 
TRP CZ2  C Y N 362 
TRP CZ3  C Y N 363 
TRP CH2  C Y N 364 
TRP OXT  O N N 365 
TRP H    H N N 366 
TRP H2   H N N 367 
TRP HA   H N N 368 
TRP HB2  H N N 369 
TRP HB3  H N N 370 
TRP HD1  H N N 371 
TRP HE1  H N N 372 
TRP HE3  H N N 373 
TRP HZ2  H N N 374 
TRP HZ3  H N N 375 
TRP HH2  H N N 376 
TRP HXT  H N N 377 
TYR N    N N N 378 
TYR CA   C N S 379 
TYR C    C N N 380 
TYR O    O N N 381 
TYR CB   C N N 382 
TYR CG   C Y N 383 
TYR CD1  C Y N 384 
TYR CD2  C Y N 385 
TYR CE1  C Y N 386 
TYR CE2  C Y N 387 
TYR CZ   C Y N 388 
TYR OH   O N N 389 
TYR OXT  O N N 390 
TYR H    H N N 391 
TYR H2   H N N 392 
TYR HA   H N N 393 
TYR HB2  H N N 394 
TYR HB3  H N N 395 
TYR HD1  H N N 396 
TYR HD2  H N N 397 
TYR HE1  H N N 398 
TYR HE2  H N N 399 
TYR HH   H N N 400 
TYR HXT  H N N 401 
VAL N    N N N 402 
VAL CA   C N S 403 
VAL C    C N N 404 
VAL O    O N N 405 
VAL CB   C N N 406 
VAL CG1  C N N 407 
VAL CG2  C N N 408 
VAL OXT  O N N 409 
VAL H    H N N 410 
VAL H2   H N N 411 
VAL HA   H N N 412 
VAL HB   H N N 413 
VAL HG11 H N N 414 
VAL HG12 H N N 415 
VAL HG13 H N N 416 
VAL HG21 H N N 417 
VAL HG22 H N N 418 
VAL HG23 H N N 419 
VAL HXT  H N N 420 
# 
loop_
_chem_comp_bond.comp_id 
_chem_comp_bond.atom_id_1 
_chem_comp_bond.atom_id_2 
_chem_comp_bond.value_order 
_chem_comp_bond.pdbx_aromatic_flag 
_chem_comp_bond.pdbx_stereo_config 
_chem_comp_bond.pdbx_ordinal 
ALA N   CA   sing N N 1   
ALA N   H    sing N N 2   
ALA N   H2   sing N N 3   
ALA CA  C    sing N N 4   
ALA CA  CB   sing N N 5   
ALA CA  HA   sing N N 6   
ALA C   O    doub N N 7   
ALA C   OXT  sing N N 8   
ALA CB  HB1  sing N N 9   
ALA CB  HB2  sing N N 10  
ALA CB  HB3  sing N N 11  
ALA OXT HXT  sing N N 12  
ARG N   CA   sing N N 13  
ARG N   H    sing N N 14  
ARG N   H2   sing N N 15  
ARG CA  C    sing N N 16  
ARG CA  CB   sing N N 17  
ARG CA  HA   sing N N 18  
ARG C   O    doub N N 19  
ARG C   OXT  sing N N 20  
ARG CB  CG   sing N N 21  
ARG CB  HB2  sing N N 22  
ARG CB  HB3  sing N N 23  
ARG CG  CD   sing N N 24  
ARG CG  HG2  sing N N 25  
ARG CG  HG3  sing N N 26  
ARG CD  NE   sing N N 27  
ARG CD  HD2  sing N N 28  
ARG CD  HD3  sing N N 29  
ARG NE  CZ   sing N N 30  
ARG NE  HE   sing N N 31  
ARG CZ  NH1  sing N N 32  
ARG CZ  NH2  doub N N 33  
ARG NH1 HH11 sing N N 34  
ARG NH1 HH12 sing N N 35  
ARG NH2 HH21 sing N N 36  
ARG NH2 HH22 sing N N 37  
ARG OXT HXT  sing N N 38  
ASN N   CA   sing N N 39  
ASN N   H    sing N N 40  
ASN N   H2   sing N N 41  
ASN CA  C    sing N N 42  
ASN CA  CB   sing N N 43  
ASN CA  HA   sing N N 44  
ASN C   O    doub N N 45  
ASN C   OXT  sing N N 46  
ASN CB  CG   sing N N 47  
ASN CB  HB2  sing N N 48  
ASN CB  HB3  sing N N 49  
ASN CG  OD1  doub N N 50  
ASN CG  ND2  sing N N 51  
ASN ND2 HD21 sing N N 52  
ASN ND2 HD22 sing N N 53  
ASN OXT HXT  sing N N 54  
ASP N   CA   sing N N 55  
ASP N   H    sing N N 56  
ASP N   H2   sing N N 57  
ASP CA  C    sing N N 58  
ASP CA  CB   sing N N 59  
ASP CA  HA   sing N N 60  
ASP C   O    doub N N 61  
ASP C   OXT  sing N N 62  
ASP CB  CG   sing N N 63  
ASP CB  HB2  sing N N 64  
ASP CB  HB3  sing N N 65  
ASP CG  OD1  doub N N 66  
ASP CG  OD2  sing N N 67  
ASP OD2 HD2  sing N N 68  
ASP OXT HXT  sing N N 69  
CYS N   CA   sing N N 70  
CYS N   H    sing N N 71  
CYS N   H2   sing N N 72  
CYS CA  C    sing N N 73  
CYS CA  CB   sing N N 74  
CYS CA  HA   sing N N 75  
CYS C   O    doub N N 76  
CYS C   OXT  sing N N 77  
CYS CB  SG   sing N N 78  
CYS CB  HB2  sing N N 79  
CYS CB  HB3  sing N N 80  
CYS SG  HG   sing N N 81  
CYS OXT HXT  sing N N 82  
GLN N   CA   sing N N 83  
GLN N   H    sing N N 84  
GLN N   H2   sing N N 85  
GLN CA  C    sing N N 86  
GLN CA  CB   sing N N 87  
GLN CA  HA   sing N N 88  
GLN C   O    doub N N 89  
GLN C   OXT  sing N N 90  
GLN CB  CG   sing N N 91  
GLN CB  HB2  sing N N 92  
GLN CB  HB3  sing N N 93  
GLN CG  CD   sing N N 94  
GLN CG  HG2  sing N N 95  
GLN CG  HG3  sing N N 96  
GLN CD  OE1  doub N N 97  
GLN CD  NE2  sing N N 98  
GLN NE2 HE21 sing N N 99  
GLN NE2 HE22 sing N N 100 
GLN OXT HXT  sing N N 101 
GLU N   CA   sing N N 102 
GLU N   H    sing N N 103 
GLU N   H2   sing N N 104 
GLU CA  C    sing N N 105 
GLU CA  CB   sing N N 106 
GLU CA  HA   sing N N 107 
GLU C   O    doub N N 108 
GLU C   OXT  sing N N 109 
GLU CB  CG   sing N N 110 
GLU CB  HB2  sing N N 111 
GLU CB  HB3  sing N N 112 
GLU CG  CD   sing N N 113 
GLU CG  HG2  sing N N 114 
GLU CG  HG3  sing N N 115 
GLU CD  OE1  doub N N 116 
GLU CD  OE2  sing N N 117 
GLU OE2 HE2  sing N N 118 
GLU OXT HXT  sing N N 119 
GLY N   CA   sing N N 120 
GLY N   H    sing N N 121 
GLY N   H2   sing N N 122 
GLY CA  C    sing N N 123 
GLY CA  HA2  sing N N 124 
GLY CA  HA3  sing N N 125 
GLY C   O    doub N N 126 
GLY C   OXT  sing N N 127 
GLY OXT HXT  sing N N 128 
HIS N   CA   sing N N 129 
HIS N   H    sing N N 130 
HIS N   H2   sing N N 131 
HIS CA  C    sing N N 132 
HIS CA  CB   sing N N 133 
HIS CA  HA   sing N N 134 
HIS C   O    doub N N 135 
HIS C   OXT  sing N N 136 
HIS CB  CG   sing N N 137 
HIS CB  HB2  sing N N 138 
HIS CB  HB3  sing N N 139 
HIS CG  ND1  sing Y N 140 
HIS CG  CD2  doub Y N 141 
HIS ND1 CE1  doub Y N 142 
HIS ND1 HD1  sing N N 143 
HIS CD2 NE2  sing Y N 144 
HIS CD2 HD2  sing N N 145 
HIS CE1 NE2  sing Y N 146 
HIS CE1 HE1  sing N N 147 
HIS NE2 HE2  sing N N 148 
HIS OXT HXT  sing N N 149 
HOH O   H1   sing N N 150 
HOH O   H2   sing N N 151 
ILE N   CA   sing N N 152 
ILE N   H    sing N N 153 
ILE N   H2   sing N N 154 
ILE CA  C    sing N N 155 
ILE CA  CB   sing N N 156 
ILE CA  HA   sing N N 157 
ILE C   O    doub N N 158 
ILE C   OXT  sing N N 159 
ILE CB  CG1  sing N N 160 
ILE CB  CG2  sing N N 161 
ILE CB  HB   sing N N 162 
ILE CG1 CD1  sing N N 163 
ILE CG1 HG12 sing N N 164 
ILE CG1 HG13 sing N N 165 
ILE CG2 HG21 sing N N 166 
ILE CG2 HG22 sing N N 167 
ILE CG2 HG23 sing N N 168 
ILE CD1 HD11 sing N N 169 
ILE CD1 HD12 sing N N 170 
ILE CD1 HD13 sing N N 171 
ILE OXT HXT  sing N N 172 
LEU N   CA   sing N N 173 
LEU N   H    sing N N 174 
LEU N   H2   sing N N 175 
LEU CA  C    sing N N 176 
LEU CA  CB   sing N N 177 
LEU CA  HA   sing N N 178 
LEU C   O    doub N N 179 
LEU C   OXT  sing N N 180 
LEU CB  CG   sing N N 181 
LEU CB  HB2  sing N N 182 
LEU CB  HB3  sing N N 183 
LEU CG  CD1  sing N N 184 
LEU CG  CD2  sing N N 185 
LEU CG  HG   sing N N 186 
LEU CD1 HD11 sing N N 187 
LEU CD1 HD12 sing N N 188 
LEU CD1 HD13 sing N N 189 
LEU CD2 HD21 sing N N 190 
LEU CD2 HD22 sing N N 191 
LEU CD2 HD23 sing N N 192 
LEU OXT HXT  sing N N 193 
LYS N   CA   sing N N 194 
LYS N   H    sing N N 195 
LYS N   H2   sing N N 196 
LYS CA  C    sing N N 197 
LYS CA  CB   sing N N 198 
LYS CA  HA   sing N N 199 
LYS C   O    doub N N 200 
LYS C   OXT  sing N N 201 
LYS CB  CG   sing N N 202 
LYS CB  HB2  sing N N 203 
LYS CB  HB3  sing N N 204 
LYS CG  CD   sing N N 205 
LYS CG  HG2  sing N N 206 
LYS CG  HG3  sing N N 207 
LYS CD  CE   sing N N 208 
LYS CD  HD2  sing N N 209 
LYS CD  HD3  sing N N 210 
LYS CE  NZ   sing N N 211 
LYS CE  HE2  sing N N 212 
LYS CE  HE3  sing N N 213 
LYS NZ  HZ1  sing N N 214 
LYS NZ  HZ2  sing N N 215 
LYS NZ  HZ3  sing N N 216 
LYS OXT HXT  sing N N 217 
MET N   CA   sing N N 218 
MET N   H    sing N N 219 
MET N   H2   sing N N 220 
MET CA  C    sing N N 221 
MET CA  CB   sing N N 222 
MET CA  HA   sing N N 223 
MET C   O    doub N N 224 
MET C   OXT  sing N N 225 
MET CB  CG   sing N N 226 
MET CB  HB2  sing N N 227 
MET CB  HB3  sing N N 228 
MET CG  SD   sing N N 229 
MET CG  HG2  sing N N 230 
MET CG  HG3  sing N N 231 
MET SD  CE   sing N N 232 
MET CE  HE1  sing N N 233 
MET CE  HE2  sing N N 234 
MET CE  HE3  sing N N 235 
MET OXT HXT  sing N N 236 
MLY N   CA   sing N N 237 
MLY N   H    sing N N 238 
MLY N   H2   sing N N 239 
MLY CA  CB   sing N N 240 
MLY CA  C    sing N N 241 
MLY CA  HA   sing N N 242 
MLY CB  CG   sing N N 243 
MLY CB  HB2  sing N N 244 
MLY CB  HB3  sing N N 245 
MLY CG  CD   sing N N 246 
MLY CG  HG2  sing N N 247 
MLY CG  HG3  sing N N 248 
MLY CD  CE   sing N N 249 
MLY CD  HD2  sing N N 250 
MLY CD  HD3  sing N N 251 
MLY CE  NZ   sing N N 252 
MLY CE  HE2  sing N N 253 
MLY CE  HE3  sing N N 254 
MLY NZ  CH1  sing N N 255 
MLY NZ  CH2  sing N N 256 
MLY CH1 HH11 sing N N 257 
MLY CH1 HH12 sing N N 258 
MLY CH1 HH13 sing N N 259 
MLY CH2 HH21 sing N N 260 
MLY CH2 HH22 sing N N 261 
MLY CH2 HH23 sing N N 262 
MLY C   O    doub N N 263 
MLY C   OXT  sing N N 264 
MLY OXT HXT  sing N N 265 
PHE N   CA   sing N N 266 
PHE N   H    sing N N 267 
PHE N   H2   sing N N 268 
PHE CA  C    sing N N 269 
PHE CA  CB   sing N N 270 
PHE CA  HA   sing N N 271 
PHE C   O    doub N N 272 
PHE C   OXT  sing N N 273 
PHE CB  CG   sing N N 274 
PHE CB  HB2  sing N N 275 
PHE CB  HB3  sing N N 276 
PHE CG  CD1  doub Y N 277 
PHE CG  CD2  sing Y N 278 
PHE CD1 CE1  sing Y N 279 
PHE CD1 HD1  sing N N 280 
PHE CD2 CE2  doub Y N 281 
PHE CD2 HD2  sing N N 282 
PHE CE1 CZ   doub Y N 283 
PHE CE1 HE1  sing N N 284 
PHE CE2 CZ   sing Y N 285 
PHE CE2 HE2  sing N N 286 
PHE CZ  HZ   sing N N 287 
PHE OXT HXT  sing N N 288 
PRO N   CA   sing N N 289 
PRO N   CD   sing N N 290 
PRO N   H    sing N N 291 
PRO CA  C    sing N N 292 
PRO CA  CB   sing N N 293 
PRO CA  HA   sing N N 294 
PRO C   O    doub N N 295 
PRO C   OXT  sing N N 296 
PRO CB  CG   sing N N 297 
PRO CB  HB2  sing N N 298 
PRO CB  HB3  sing N N 299 
PRO CG  CD   sing N N 300 
PRO CG  HG2  sing N N 301 
PRO CG  HG3  sing N N 302 
PRO CD  HD2  sing N N 303 
PRO CD  HD3  sing N N 304 
PRO OXT HXT  sing N N 305 
SER N   CA   sing N N 306 
SER N   H    sing N N 307 
SER N   H2   sing N N 308 
SER CA  C    sing N N 309 
SER CA  CB   sing N N 310 
SER CA  HA   sing N N 311 
SER C   O    doub N N 312 
SER C   OXT  sing N N 313 
SER CB  OG   sing N N 314 
SER CB  HB2  sing N N 315 
SER CB  HB3  sing N N 316 
SER OG  HG   sing N N 317 
SER OXT HXT  sing N N 318 
THR N   CA   sing N N 319 
THR N   H    sing N N 320 
THR N   H2   sing N N 321 
THR CA  C    sing N N 322 
THR CA  CB   sing N N 323 
THR CA  HA   sing N N 324 
THR C   O    doub N N 325 
THR C   OXT  sing N N 326 
THR CB  OG1  sing N N 327 
THR CB  CG2  sing N N 328 
THR CB  HB   sing N N 329 
THR OG1 HG1  sing N N 330 
THR CG2 HG21 sing N N 331 
THR CG2 HG22 sing N N 332 
THR CG2 HG23 sing N N 333 
THR OXT HXT  sing N N 334 
TRP N   CA   sing N N 335 
TRP N   H    sing N N 336 
TRP N   H2   sing N N 337 
TRP CA  C    sing N N 338 
TRP CA  CB   sing N N 339 
TRP CA  HA   sing N N 340 
TRP C   O    doub N N 341 
TRP C   OXT  sing N N 342 
TRP CB  CG   sing N N 343 
TRP CB  HB2  sing N N 344 
TRP CB  HB3  sing N N 345 
TRP CG  CD1  doub Y N 346 
TRP CG  CD2  sing Y N 347 
TRP CD1 NE1  sing Y N 348 
TRP CD1 HD1  sing N N 349 
TRP CD2 CE2  doub Y N 350 
TRP CD2 CE3  sing Y N 351 
TRP NE1 CE2  sing Y N 352 
TRP NE1 HE1  sing N N 353 
TRP CE2 CZ2  sing Y N 354 
TRP CE3 CZ3  doub Y N 355 
TRP CE3 HE3  sing N N 356 
TRP CZ2 CH2  doub Y N 357 
TRP CZ2 HZ2  sing N N 358 
TRP CZ3 CH2  sing Y N 359 
TRP CZ3 HZ3  sing N N 360 
TRP CH2 HH2  sing N N 361 
TRP OXT HXT  sing N N 362 
TYR N   CA   sing N N 363 
TYR N   H    sing N N 364 
TYR N   H2   sing N N 365 
TYR CA  C    sing N N 366 
TYR CA  CB   sing N N 367 
TYR CA  HA   sing N N 368 
TYR C   O    doub N N 369 
TYR C   OXT  sing N N 370 
TYR CB  CG   sing N N 371 
TYR CB  HB2  sing N N 372 
TYR CB  HB3  sing N N 373 
TYR CG  CD1  doub Y N 374 
TYR CG  CD2  sing Y N 375 
TYR CD1 CE1  sing Y N 376 
TYR CD1 HD1  sing N N 377 
TYR CD2 CE2  doub Y N 378 
TYR CD2 HD2  sing N N 379 
TYR CE1 CZ   doub Y N 380 
TYR CE1 HE1  sing N N 381 
TYR CE2 CZ   sing Y N 382 
TYR CE2 HE2  sing N N 383 
TYR CZ  OH   sing N N 384 
TYR OH  HH   sing N N 385 
TYR OXT HXT  sing N N 386 
VAL N   CA   sing N N 387 
VAL N   H    sing N N 388 
VAL N   H2   sing N N 389 
VAL CA  C    sing N N 390 
VAL CA  CB   sing N N 391 
VAL CA  HA   sing N N 392 
VAL C   O    doub N N 393 
VAL C   OXT  sing N N 394 
VAL CB  CG1  sing N N 395 
VAL CB  CG2  sing N N 396 
VAL CB  HB   sing N N 397 
VAL CG1 HG11 sing N N 398 
VAL CG1 HG12 sing N N 399 
VAL CG1 HG13 sing N N 400 
VAL CG2 HG21 sing N N 401 
VAL CG2 HG22 sing N N 402 
VAL CG2 HG23 sing N N 403 
VAL OXT HXT  sing N N 404 
# 
_pdbx_entity_nonpoly.entity_id   3 
_pdbx_entity_nonpoly.name        water 
_pdbx_entity_nonpoly.comp_id     HOH 
# 
_pdbx_initial_refinement_model.id               1 
_pdbx_initial_refinement_model.entity_id_list   ? 
_pdbx_initial_refinement_model.type             'experimental model' 
_pdbx_initial_refinement_model.source_name      PDB 
_pdbx_initial_refinement_model.accession_code   4HAE 
_pdbx_initial_refinement_model.details          ? 
# 
